data_4UNX
#
_entry.id   4UNX
#
_cell.length_a   100.485
_cell.length_b   102.247
_cell.length_c   228.371
_cell.angle_alpha   90.00
_cell.angle_beta   90.00
_cell.angle_gamma   90.00
#
_symmetry.space_group_name_H-M   'P 21 21 21'
#
loop_
_entity.id
_entity.type
_entity.pdbx_description
1 polymer 'H3 HAEMAGGLUTININ HA1 CHAIN'
2 polymer 'H3 HAEMAGGLUTININ HA2 CHAIN'
3 branched 2-acetamido-2-deoxy-beta-D-glucopyranose-(1-4)-2-acetamido-2-deoxy-beta-D-glucopyranose
4 branched alpha-D-mannopyranose-(1-3)-[alpha-D-mannopyranose-(1-6)]beta-D-mannopyranose-(1-4)-2-acetamido-2-deoxy-beta-D-glucopyranose-(1-4)-2-acetamido-2-deoxy-beta-D-glucopyranose
5 branched 'N-acetyl-alpha-neuraminic acid-(2-3)-beta-D-galactopyranose-(1-4)-2-acetamido-2-deoxy-beta-D-glucopyranose'
6 branched alpha-L-fucopyranose-(1-6)-2-acetamido-2-deoxy-beta-D-glucopyranose
7 branched alpha-D-mannopyranose-(1-6)-beta-D-mannopyranose-(1-4)-2-acetamido-2-deoxy-beta-D-glucopyranose-(1-4)-2-acetamido-2-deoxy-beta-D-glucopyranose
8 non-polymer 2-acetamido-2-deoxy-beta-D-glucopyranose
9 non-polymer 'N-acetyl-alpha-neuraminic acid'
#
loop_
_entity_poly.entity_id
_entity_poly.type
_entity_poly.pdbx_seq_one_letter_code
_entity_poly.pdbx_strand_id
1 'polypeptide(L)'
;GNNTATLCLGHHAVANGTLVKTITDDQIEVTNATELVQSISIGKICNNSYRVLDGRNCTLIDAMLGDPHCDDFQYENWDL
FIERSSAFSNCYPYDIPDYASLRSIVASSGTLEFTAEGFTWTGVTQNGGSGACKRGSADSFFSRLNWLTKSGNSYPILNV
TMPNNKNFDKLYIWGIHHPSSNKEQTKLYIQESGRVTVSTERSQQTVIPNIGSRPWVRGQSGRISIYWTIVKPGDILMIN
SNGNLVAPRGYFKLRTGKSSVMRSDALIDTCVSECITPNGSIPNDKPFQNVNKITYGKCPKYIRQNTLKLATGMRNVPEK
QIR
;
A,C,E
2 'polypeptide(L)'
;GIFGAIAGFIENGWEGMVDGWYGFRYQNSEGTGQAADLKSTQAAIDQINGKLNRVIERTNEKFHQIEKEFSEVEGRIQDL
EKYVEDTKIDLWSYNAELLVALENQHTIDLTDAEMNKLFEKTRRQLRENAEDMGGGCFKIYHKCDNACIGSIRNGTYDHY
IYRDEALNNRFQI
;
B,D,F
#
# COMPACT_ATOMS: atom_id res chain seq x y z
N ASN A 2 -50.09 49.14 -5.43
CA ASN A 2 -49.25 48.52 -4.36
C ASN A 2 -48.07 49.40 -3.96
N ASN A 3 -47.88 49.56 -2.64
CA ASN A 3 -46.74 50.33 -2.11
C ASN A 3 -45.62 49.45 -1.54
N THR A 4 -45.82 48.13 -1.51
CA THR A 4 -44.80 47.20 -1.01
C THR A 4 -44.48 46.13 -2.04
N ALA A 5 -43.41 45.38 -1.79
CA ALA A 5 -42.99 44.29 -2.67
C ALA A 5 -42.25 43.19 -1.89
N THR A 6 -42.74 41.96 -2.04
CA THR A 6 -42.09 40.79 -1.45
C THR A 6 -41.06 40.23 -2.43
N LEU A 7 -39.91 39.80 -1.92
CA LEU A 7 -38.81 39.32 -2.76
C LEU A 7 -38.13 38.09 -2.14
N CYS A 8 -38.64 36.91 -2.46
CA CYS A 8 -38.11 35.67 -1.89
C CYS A 8 -36.95 35.09 -2.69
N LEU A 9 -36.06 34.38 -2.00
CA LEU A 9 -34.95 33.65 -2.62
C LEU A 9 -35.13 32.15 -2.42
N GLY A 10 -34.62 31.36 -3.36
CA GLY A 10 -34.74 29.91 -3.28
C GLY A 10 -33.75 29.15 -4.14
N HIS A 11 -33.96 27.84 -4.20
CA HIS A 11 -33.12 26.94 -4.98
C HIS A 11 -33.97 25.82 -5.56
N HIS A 12 -33.50 25.14 -6.60
CA HIS A 12 -34.34 24.15 -7.28
C HIS A 12 -34.49 22.84 -6.51
N ALA A 13 -35.45 22.03 -6.93
CA ALA A 13 -35.71 20.72 -6.35
C ALA A 13 -36.25 19.77 -7.41
N VAL A 14 -36.27 18.48 -7.10
CA VAL A 14 -36.69 17.45 -8.05
C VAL A 14 -37.63 16.43 -7.41
N ALA A 15 -38.23 15.58 -8.24
CA ALA A 15 -39.22 14.59 -7.79
C ALA A 15 -38.60 13.24 -7.43
N ASN A 16 -37.52 12.88 -8.13
CA ASN A 16 -36.79 11.64 -7.84
C ASN A 16 -35.29 11.89 -7.63
N GLY A 17 -34.95 12.33 -6.43
CA GLY A 17 -33.55 12.60 -6.07
C GLY A 17 -32.77 11.32 -5.86
N THR A 18 -31.44 11.43 -5.82
CA THR A 18 -30.55 10.27 -5.68
C THR A 18 -29.78 10.34 -4.35
N LEU A 19 -29.67 9.20 -3.68
CA LEU A 19 -29.02 9.12 -2.36
C LEU A 19 -27.51 8.96 -2.46
N VAL A 20 -26.80 9.52 -1.49
CA VAL A 20 -25.33 9.42 -1.41
C VAL A 20 -24.85 9.30 0.04
N LYS A 21 -23.57 9.02 0.21
CA LYS A 21 -22.94 8.97 1.54
C LYS A 21 -22.12 10.23 1.79
N THR A 22 -22.00 10.61 3.06
CA THR A 22 -21.21 11.77 3.47
C THR A 22 -20.47 11.46 4.76
N ILE A 23 -19.74 12.45 5.28
CA ILE A 23 -19.02 12.29 6.54
C ILE A 23 -20.01 12.13 7.70
N THR A 24 -21.14 12.85 7.65
CA THR A 24 -22.17 12.77 8.68
C THR A 24 -23.31 11.84 8.27
N ASP A 25 -23.91 12.11 7.11
CA ASP A 25 -25.10 11.38 6.66
C ASP A 25 -24.72 10.19 5.76
N ASP A 26 -25.28 9.02 6.08
CA ASP A 26 -25.02 7.80 5.33
C ASP A 26 -25.86 7.74 4.06
N GLN A 27 -27.13 8.11 4.17
CA GLN A 27 -28.03 8.14 3.03
C GLN A 27 -28.77 9.47 2.98
N ILE A 28 -28.10 10.50 2.46
CA ILE A 28 -28.72 11.82 2.24
C ILE A 28 -29.04 12.02 0.76
N GLU A 29 -30.22 12.57 0.48
CA GLU A 29 -30.74 12.71 -0.88
C GLU A 29 -30.36 14.04 -1.52
N VAL A 30 -29.72 13.97 -2.68
CA VAL A 30 -29.34 15.16 -3.44
C VAL A 30 -30.17 15.23 -4.74
N THR A 31 -30.07 16.35 -5.45
CA THR A 31 -30.76 16.53 -6.72
C THR A 31 -30.29 15.51 -7.76
N ASN A 32 -28.99 15.21 -7.75
CA ASN A 32 -28.38 14.48 -8.83
C ASN A 32 -26.95 14.03 -8.51
N ALA A 33 -26.65 12.75 -8.76
CA ALA A 33 -25.32 12.18 -8.51
C ALA A 33 -24.86 11.29 -9.65
N THR A 34 -23.54 11.06 -9.72
CA THR A 34 -22.93 10.29 -10.81
C THR A 34 -22.10 9.10 -10.30
N GLU A 35 -22.14 8.00 -11.03
CA GLU A 35 -21.44 6.77 -10.65
C GLU A 35 -19.93 6.89 -10.84
N LEU A 36 -19.17 6.37 -9.88
CA LEU A 36 -17.70 6.34 -9.97
C LEU A 36 -17.11 4.93 -10.05
N VAL A 37 -17.94 3.90 -9.83
CA VAL A 37 -17.48 2.51 -9.88
C VAL A 37 -18.04 1.82 -11.11
N GLN A 38 -17.15 1.53 -12.08
CA GLN A 38 -17.52 0.82 -13.30
C GLN A 38 -17.89 -0.62 -12.96
N SER A 39 -19.16 -0.97 -13.10
CA SER A 39 -19.69 -2.26 -12.70
C SER A 39 -19.90 -3.22 -13.87
N ILE A 40 -20.30 -2.69 -15.01
CA ILE A 40 -20.65 -3.50 -16.19
C ILE A 40 -19.49 -3.58 -17.19
N SER A 41 -19.52 -4.62 -18.02
CA SER A 41 -18.52 -4.84 -19.06
C SER A 41 -19.19 -5.10 -20.41
N ILE A 42 -18.42 -4.94 -21.48
CA ILE A 42 -18.93 -5.16 -22.84
C ILE A 42 -19.24 -6.64 -23.07
N GLY A 43 -18.43 -7.51 -22.50
CA GLY A 43 -18.56 -8.96 -22.68
C GLY A 43 -17.60 -9.52 -23.71
N LYS A 44 -16.61 -8.73 -24.09
CA LYS A 44 -15.64 -9.12 -25.11
C LYS A 44 -14.45 -8.19 -25.11
N ILE A 45 -13.29 -8.70 -25.54
CA ILE A 45 -12.05 -7.93 -25.57
C ILE A 45 -11.92 -7.15 -26.89
N CYS A 46 -11.78 -5.82 -26.77
CA CYS A 46 -11.56 -4.96 -27.94
C CYS A 46 -10.10 -5.06 -28.37
N ASN A 47 -9.89 -5.34 -29.66
CA ASN A 47 -8.55 -5.61 -30.18
C ASN A 47 -8.12 -4.62 -31.27
N ASN A 48 -8.37 -3.33 -31.02
CA ASN A 48 -7.92 -2.25 -31.89
C ASN A 48 -7.06 -1.26 -31.11
N SER A 49 -7.58 -0.84 -29.96
CA SER A 49 -6.79 -0.08 -28.98
C SER A 49 -5.43 -0.74 -28.76
N TYR A 50 -5.44 -2.07 -28.66
CA TYR A 50 -4.20 -2.84 -28.58
C TYR A 50 -4.25 -4.05 -29.54
N ARG A 51 -3.08 -4.52 -29.93
CA ARG A 51 -2.95 -5.72 -30.74
C ARG A 51 -3.14 -6.95 -29.85
N VAL A 52 -4.38 -7.44 -29.77
CA VAL A 52 -4.70 -8.59 -28.94
C VAL A 52 -4.60 -9.88 -29.77
N LEU A 53 -3.82 -10.84 -29.28
CA LEU A 53 -3.59 -12.10 -29.98
C LEU A 53 -4.19 -13.26 -29.18
N ASP A 54 -5.14 -13.96 -29.81
CA ASP A 54 -5.73 -15.15 -29.21
C ASP A 54 -4.76 -16.32 -29.33
N GLY A 55 -4.39 -16.91 -28.19
CA GLY A 55 -3.55 -18.10 -28.18
C GLY A 55 -4.28 -19.35 -28.65
N ARG A 56 -5.61 -19.33 -28.52
CA ARG A 56 -6.47 -20.44 -28.94
C ARG A 56 -6.18 -21.67 -28.09
N ASN A 57 -5.87 -22.82 -28.71
CA ASN A 57 -5.54 -24.02 -27.96
C ASN A 57 -4.10 -24.06 -27.43
N CYS A 58 -3.31 -23.04 -27.74
CA CYS A 58 -1.91 -22.99 -27.32
C CYS A 58 -1.70 -22.09 -26.12
N THR A 59 -0.96 -22.61 -25.14
CA THR A 59 -0.45 -21.78 -24.05
C THR A 59 0.79 -21.04 -24.56
N LEU A 60 1.17 -19.98 -23.88
CA LEU A 60 2.30 -19.14 -24.33
C LEU A 60 3.62 -19.91 -24.37
N ILE A 61 3.78 -20.88 -23.48
CA ILE A 61 4.99 -21.71 -23.44
C ILE A 61 4.95 -22.84 -24.47
N ASP A 62 3.75 -23.35 -24.78
CA ASP A 62 3.60 -24.33 -25.87
C ASP A 62 4.08 -23.76 -27.21
N ALA A 63 3.62 -22.55 -27.53
CA ALA A 63 4.00 -21.87 -28.77
C ALA A 63 5.48 -21.49 -28.78
N MET A 64 6.02 -21.15 -27.62
CA MET A 64 7.43 -20.80 -27.49
C MET A 64 8.33 -21.95 -27.91
N LEU A 65 8.07 -23.13 -27.33
CA LEU A 65 8.84 -24.32 -27.65
C LEU A 65 8.64 -24.75 -29.10
N GLY A 66 7.39 -24.62 -29.59
CA GLY A 66 7.06 -24.95 -30.96
C GLY A 66 6.26 -26.24 -31.08
N ASP A 67 5.15 -26.30 -30.34
CA ASP A 67 4.27 -27.47 -30.34
C ASP A 67 3.59 -27.57 -31.72
N PRO A 68 3.51 -28.79 -32.28
CA PRO A 68 2.93 -29.03 -33.61
C PRO A 68 1.64 -28.26 -33.95
N HIS A 69 0.73 -28.14 -32.98
CA HIS A 69 -0.53 -27.41 -33.19
C HIS A 69 -0.42 -25.91 -32.93
N CYS A 70 0.81 -25.40 -32.77
CA CYS A 70 1.07 -23.98 -32.54
C CYS A 70 2.06 -23.44 -33.58
N ASP A 71 1.96 -23.94 -34.81
CA ASP A 71 2.85 -23.51 -35.89
C ASP A 71 2.51 -22.11 -36.39
N ASP A 72 1.27 -21.67 -36.19
CA ASP A 72 0.86 -20.31 -36.54
C ASP A 72 1.62 -19.25 -35.74
N PHE A 73 1.98 -19.58 -34.51
CA PHE A 73 2.65 -18.65 -33.59
C PHE A 73 4.16 -18.87 -33.57
N GLN A 74 4.81 -18.72 -34.73
CA GLN A 74 6.27 -18.86 -34.83
C GLN A 74 6.98 -17.51 -34.94
N TYR A 75 6.40 -16.58 -35.69
CA TYR A 75 6.95 -15.23 -35.83
C TYR A 75 5.98 -14.12 -35.34
N GLU A 76 4.81 -14.52 -34.84
CA GLU A 76 3.76 -13.56 -34.49
C GLU A 76 4.03 -12.90 -33.15
N ASN A 77 3.74 -11.59 -33.07
CA ASN A 77 3.91 -10.82 -31.83
C ASN A 77 2.60 -10.18 -31.37
N TRP A 78 2.58 -9.65 -30.15
CA TRP A 78 1.33 -9.22 -29.51
C TRP A 78 1.52 -8.07 -28.51
N ASP A 79 0.42 -7.39 -28.21
CA ASP A 79 0.34 -6.45 -27.07
C ASP A 79 -0.24 -7.17 -25.84
N LEU A 80 -1.26 -8.00 -26.05
CA LEU A 80 -1.86 -8.79 -24.98
C LEU A 80 -2.19 -10.19 -25.47
N PHE A 81 -1.46 -11.19 -24.97
CA PHE A 81 -1.68 -12.59 -25.34
C PHE A 81 -2.79 -13.19 -24.48
N ILE A 82 -3.76 -13.84 -25.12
CA ILE A 82 -4.91 -14.40 -24.42
C ILE A 82 -4.83 -15.93 -24.35
N GLU A 83 -4.43 -16.45 -23.19
CA GLU A 83 -4.43 -17.90 -22.97
C GLU A 83 -5.85 -18.36 -22.67
N ARG A 84 -6.20 -19.52 -23.21
CA ARG A 84 -7.55 -20.08 -23.04
C ARG A 84 -7.54 -21.22 -22.06
N SER A 85 -8.70 -21.46 -21.44
CA SER A 85 -8.87 -22.58 -20.51
C SER A 85 -8.90 -23.90 -21.29
N SER A 86 -9.41 -23.85 -22.51
CA SER A 86 -9.42 -25.02 -23.40
C SER A 86 -8.17 -25.04 -24.27
N ALA A 87 -7.01 -25.16 -23.63
CA ALA A 87 -5.73 -25.24 -24.32
C ALA A 87 -4.98 -26.47 -23.84
N PHE A 88 -4.21 -27.09 -24.73
CA PHE A 88 -3.48 -28.32 -24.40
C PHE A 88 -2.03 -28.27 -24.86
N SER A 89 -1.25 -29.23 -24.38
CA SER A 89 0.13 -29.42 -24.81
C SER A 89 0.25 -30.76 -25.52
N ASN A 90 0.31 -30.73 -26.85
CA ASN A 90 0.35 -31.94 -27.66
C ASN A 90 1.75 -32.19 -28.23
N CYS A 91 2.68 -32.50 -27.35
CA CYS A 91 4.02 -32.93 -27.75
C CYS A 91 4.62 -33.82 -26.66
N TYR A 92 5.94 -33.80 -26.50
CA TYR A 92 6.60 -34.63 -25.48
C TYR A 92 6.22 -34.18 -24.08
N PRO A 93 6.08 -35.11 -23.13
CA PRO A 93 5.79 -34.72 -21.74
C PRO A 93 6.93 -33.92 -21.11
N TYR A 94 6.69 -32.63 -20.89
CA TYR A 94 7.70 -31.72 -20.35
C TYR A 94 7.21 -31.01 -19.10
N ASP A 95 8.16 -30.56 -18.29
CA ASP A 95 7.87 -29.72 -17.13
C ASP A 95 8.91 -28.62 -17.08
N ILE A 96 8.66 -27.60 -16.24
CA ILE A 96 9.60 -26.50 -16.08
C ILE A 96 9.70 -26.12 -14.59
N PRO A 97 10.90 -26.25 -14.00
CA PRO A 97 11.09 -25.65 -12.69
C PRO A 97 11.16 -24.12 -12.85
N ASP A 98 10.34 -23.41 -12.08
CA ASP A 98 10.19 -21.96 -12.22
C ASP A 98 9.48 -21.66 -13.55
N TYR A 99 8.31 -22.30 -13.71
CA TYR A 99 7.52 -22.21 -14.94
C TYR A 99 7.02 -20.78 -15.20
N ALA A 100 6.37 -20.20 -14.20
CA ALA A 100 5.76 -18.87 -14.33
C ALA A 100 6.78 -17.78 -14.65
N SER A 101 8.02 -17.95 -14.19
CA SER A 101 9.10 -17.00 -14.50
C SER A 101 9.37 -16.93 -15.99
N LEU A 102 9.44 -18.09 -16.64
CA LEU A 102 9.62 -18.16 -18.09
C LEU A 102 8.39 -17.61 -18.80
N ARG A 103 7.21 -17.95 -18.29
CA ARG A 103 5.95 -17.44 -18.83
C ARG A 103 5.85 -15.92 -18.75
N SER A 104 6.39 -15.35 -17.68
CA SER A 104 6.43 -13.89 -17.50
C SER A 104 7.38 -13.22 -18.50
N ILE A 105 8.58 -13.77 -18.62
CA ILE A 105 9.62 -13.18 -19.46
C ILE A 105 9.19 -13.13 -20.93
N VAL A 106 8.52 -14.18 -21.39
CA VAL A 106 8.02 -14.24 -22.76
C VAL A 106 6.85 -13.27 -22.96
N ALA A 107 5.93 -13.27 -21.99
CA ALA A 107 4.75 -12.39 -22.04
C ALA A 107 5.13 -10.92 -21.98
N SER A 108 6.12 -10.59 -21.14
CA SER A 108 6.61 -9.21 -21.00
C SER A 108 7.40 -8.76 -22.23
N SER A 109 8.17 -9.67 -22.82
CA SER A 109 8.91 -9.38 -24.05
C SER A 109 7.96 -9.03 -25.19
N GLY A 110 6.89 -9.80 -25.32
CA GLY A 110 5.85 -9.53 -26.31
C GLY A 110 6.22 -9.91 -27.73
N THR A 111 7.03 -10.95 -27.89
CA THR A 111 7.47 -11.40 -29.20
C THR A 111 8.06 -12.82 -29.16
N LEU A 112 7.70 -13.62 -30.16
CA LEU A 112 8.25 -14.97 -30.31
C LEU A 112 9.01 -15.12 -31.64
N GLU A 113 9.50 -14.01 -32.19
CA GLU A 113 10.33 -14.07 -33.40
C GLU A 113 11.60 -14.85 -33.08
N PHE A 114 11.97 -15.74 -33.99
CA PHE A 114 13.07 -16.68 -33.74
C PHE A 114 14.18 -16.57 -34.77
N THR A 115 15.33 -16.08 -34.34
CA THR A 115 16.54 -16.04 -35.15
C THR A 115 17.35 -17.30 -34.87
N ALA A 116 17.48 -18.16 -35.88
CA ALA A 116 18.22 -19.41 -35.76
C ALA A 116 19.72 -19.18 -35.90
N GLU A 117 20.52 -20.13 -35.44
CA GLU A 117 21.98 -20.05 -35.49
C GLU A 117 22.61 -21.42 -35.71
N GLY A 118 23.79 -21.42 -36.33
CA GLY A 118 24.50 -22.65 -36.66
C GLY A 118 25.43 -23.13 -35.56
N PHE A 119 25.05 -24.22 -34.91
CA PHE A 119 25.88 -24.85 -33.87
C PHE A 119 26.58 -26.06 -34.45
N THR A 120 27.84 -26.26 -34.08
CA THR A 120 28.65 -27.37 -34.60
C THR A 120 28.46 -28.63 -33.75
N TRP A 121 27.43 -29.40 -34.06
CA TRP A 121 27.11 -30.63 -33.32
C TRP A 121 27.89 -31.82 -33.89
N THR A 122 29.16 -31.93 -33.48
CA THR A 122 30.03 -33.01 -33.97
C THR A 122 29.72 -34.36 -33.32
N GLY A 123 29.62 -35.40 -34.15
CA GLY A 123 29.49 -36.77 -33.67
C GLY A 123 28.16 -37.14 -33.02
N VAL A 124 27.10 -36.44 -33.39
CA VAL A 124 25.75 -36.75 -32.91
C VAL A 124 24.71 -36.51 -34.00
N THR A 125 23.53 -37.09 -33.83
CA THR A 125 22.45 -36.95 -34.80
C THR A 125 21.39 -35.96 -34.30
N GLN A 126 20.89 -35.13 -35.20
CA GLN A 126 19.95 -34.06 -34.86
C GLN A 126 18.52 -34.45 -35.26
N ASN A 127 17.58 -33.56 -35.00
CA ASN A 127 16.17 -33.75 -35.37
C ASN A 127 15.55 -35.03 -34.79
N GLY A 128 15.90 -35.35 -33.55
CA GLY A 128 15.29 -36.48 -32.85
C GLY A 128 13.82 -36.19 -32.60
N GLY A 129 12.99 -37.22 -32.67
CA GLY A 129 11.53 -37.06 -32.55
C GLY A 129 10.86 -38.11 -31.69
N SER A 130 9.54 -38.07 -31.66
CA SER A 130 8.75 -39.01 -30.85
C SER A 130 7.32 -39.17 -31.39
N GLY A 131 6.68 -40.27 -31.00
CA GLY A 131 5.34 -40.60 -31.46
C GLY A 131 4.25 -39.81 -30.77
N ALA A 132 4.57 -39.23 -29.61
CA ALA A 132 3.64 -38.39 -28.88
C ALA A 132 3.75 -36.91 -29.30
N CYS A 133 4.33 -36.65 -30.46
CA CYS A 133 4.50 -35.30 -30.96
C CYS A 133 4.58 -35.32 -32.50
N LYS A 134 3.46 -35.69 -33.12
CA LYS A 134 3.38 -35.78 -34.58
C LYS A 134 3.25 -34.40 -35.19
N ARG A 135 3.93 -34.19 -36.31
CA ARG A 135 3.82 -32.93 -37.06
C ARG A 135 3.14 -33.23 -38.40
N GLY A 136 1.85 -33.57 -38.32
CA GLY A 136 1.07 -34.00 -39.47
C GLY A 136 0.75 -35.47 -39.38
N SER A 137 1.80 -36.29 -39.21
CA SER A 137 1.66 -37.74 -39.09
C SER A 137 2.97 -38.36 -38.60
N ALA A 138 4.05 -38.08 -39.33
CA ALA A 138 5.38 -38.53 -38.96
C ALA A 138 5.81 -37.94 -37.61
N ASP A 139 6.73 -38.62 -36.93
CA ASP A 139 7.20 -38.20 -35.62
C ASP A 139 8.01 -36.92 -35.70
N SER A 140 7.82 -36.04 -34.72
CA SER A 140 8.46 -34.73 -34.70
C SER A 140 8.75 -34.28 -33.26
N PHE A 141 9.17 -33.03 -33.12
CA PHE A 141 9.58 -32.48 -31.82
C PHE A 141 9.33 -30.97 -31.78
N PHE A 142 9.46 -30.38 -30.60
CA PHE A 142 9.39 -28.93 -30.44
C PHE A 142 10.30 -28.23 -31.44
N SER A 143 9.73 -27.40 -32.31
CA SER A 143 10.46 -26.85 -33.45
C SER A 143 11.67 -25.98 -33.10
N ARG A 144 11.61 -25.30 -31.94
CA ARG A 144 12.74 -24.46 -31.48
C ARG A 144 13.74 -25.23 -30.59
N LEU A 145 13.43 -26.49 -30.28
CA LEU A 145 14.37 -27.37 -29.56
C LEU A 145 14.86 -28.48 -30.48
N ASN A 146 15.98 -29.10 -30.11
CA ASN A 146 16.64 -30.08 -30.95
C ASN A 146 17.15 -31.26 -30.11
N TRP A 147 16.48 -32.41 -30.24
CA TRP A 147 16.84 -33.60 -29.47
C TRP A 147 18.06 -34.28 -30.09
N LEU A 148 19.16 -34.33 -29.33
CA LEU A 148 20.39 -34.98 -29.78
C LEU A 148 20.54 -36.37 -29.18
N THR A 149 21.01 -37.32 -29.99
CA THR A 149 21.37 -38.65 -29.52
C THR A 149 22.70 -39.08 -30.17
N LYS A 150 23.27 -40.16 -29.64
CA LYS A 150 24.59 -40.66 -30.07
C LYS A 150 24.65 -40.97 -31.56
N SER A 151 25.87 -40.89 -32.11
CA SER A 151 26.12 -41.24 -33.50
C SER A 151 26.80 -42.60 -33.60
N GLY A 152 26.02 -43.61 -33.96
CA GLY A 152 26.54 -44.96 -34.22
C GLY A 152 26.93 -45.72 -32.96
N ASN A 153 28.21 -45.67 -32.60
CA ASN A 153 28.74 -46.45 -31.50
C ASN A 153 28.96 -45.66 -30.20
N SER A 154 29.15 -44.34 -30.32
CA SER A 154 29.54 -43.51 -29.19
C SER A 154 28.87 -42.13 -29.17
N TYR A 155 28.74 -41.59 -27.95
CA TYR A 155 28.27 -40.21 -27.75
C TYR A 155 29.45 -39.37 -27.27
N PRO A 156 29.97 -38.47 -28.12
CA PRO A 156 31.12 -37.66 -27.73
C PRO A 156 30.71 -36.52 -26.79
N ILE A 157 31.63 -36.11 -25.92
CA ILE A 157 31.36 -35.04 -24.96
C ILE A 157 31.34 -33.71 -25.73
N LEU A 158 30.13 -33.28 -26.11
CA LEU A 158 29.97 -32.07 -26.92
C LEU A 158 30.26 -30.80 -26.15
N ASN A 159 30.54 -29.73 -26.89
CA ASN A 159 31.07 -28.50 -26.33
C ASN A 159 31.07 -27.39 -27.39
N VAL A 160 30.08 -26.51 -27.35
CA VAL A 160 29.88 -25.49 -28.39
C VAL A 160 29.88 -24.09 -27.78
N THR A 161 30.30 -23.10 -28.59
CA THR A 161 30.31 -21.69 -28.18
C THR A 161 29.61 -20.81 -29.21
N MET A 162 28.59 -20.07 -28.78
CA MET A 162 27.83 -19.19 -29.66
C MET A 162 27.88 -17.76 -29.13
N PRO A 163 28.90 -16.99 -29.55
CA PRO A 163 29.11 -15.64 -29.01
C PRO A 163 27.99 -14.65 -29.36
N ASN A 164 27.76 -13.69 -28.46
CA ASN A 164 26.77 -12.65 -28.66
C ASN A 164 27.42 -11.37 -29.17
N ASN A 165 27.58 -11.29 -30.49
CA ASN A 165 28.07 -10.08 -31.15
C ASN A 165 26.96 -9.05 -31.39
N LYS A 166 25.71 -9.43 -31.12
CA LYS A 166 24.57 -8.53 -31.28
C LYS A 166 24.49 -7.60 -30.08
N ASN A 167 23.69 -6.55 -30.21
CA ASN A 167 23.59 -5.51 -29.17
C ASN A 167 22.29 -5.60 -28.35
N PHE A 168 21.91 -6.82 -27.97
CA PHE A 168 20.73 -7.03 -27.15
C PHE A 168 20.77 -8.37 -26.42
N ASP A 169 19.79 -8.59 -25.53
CA ASP A 169 19.71 -9.80 -24.73
C ASP A 169 19.18 -10.97 -25.55
N LYS A 170 20.01 -11.98 -25.77
CA LYS A 170 19.58 -13.22 -26.42
C LYS A 170 18.98 -14.16 -25.37
N LEU A 171 17.84 -14.77 -25.70
CA LEU A 171 17.19 -15.74 -24.82
C LEU A 171 17.20 -17.13 -25.44
N TYR A 172 18.15 -17.96 -25.03
CA TYR A 172 18.25 -19.34 -25.50
C TYR A 172 17.38 -20.27 -24.66
N ILE A 173 16.64 -21.14 -25.34
CA ILE A 173 15.83 -22.16 -24.67
C ILE A 173 16.48 -23.53 -24.88
N TRP A 174 16.71 -24.23 -23.77
CA TRP A 174 17.34 -25.55 -23.78
C TRP A 174 16.72 -26.43 -22.70
N GLY A 175 17.13 -27.70 -22.64
CA GLY A 175 16.59 -28.63 -21.65
C GLY A 175 17.40 -29.90 -21.48
N ILE A 176 16.87 -30.81 -20.66
CA ILE A 176 17.53 -32.09 -20.34
C ILE A 176 16.48 -33.20 -20.37
N HIS A 177 16.87 -34.36 -20.91
CA HIS A 177 15.95 -35.49 -21.06
C HIS A 177 16.06 -36.47 -19.89
N HIS A 178 14.92 -37.02 -19.49
CA HIS A 178 14.84 -37.98 -18.39
C HIS A 178 14.29 -39.31 -18.93
N PRO A 179 15.18 -40.29 -19.23
CA PRO A 179 14.73 -41.58 -19.74
C PRO A 179 13.85 -42.38 -18.78
N SER A 180 13.15 -43.38 -19.31
CA SER A 180 12.23 -44.20 -18.54
C SER A 180 12.92 -45.35 -17.83
N SER A 181 13.99 -45.88 -18.43
CA SER A 181 14.68 -47.05 -17.89
C SER A 181 16.19 -46.99 -18.12
N ASN A 182 16.91 -47.88 -17.43
CA ASN A 182 18.37 -47.92 -17.48
C ASN A 182 18.93 -48.33 -18.84
N LYS A 183 18.18 -49.18 -19.55
CA LYS A 183 18.55 -49.55 -20.92
C LYS A 183 18.58 -48.33 -21.83
N GLU A 184 17.61 -47.43 -21.64
CA GLU A 184 17.42 -46.28 -22.52
C GLU A 184 18.57 -45.30 -22.43
N GLN A 185 19.10 -45.13 -21.21
CA GLN A 185 20.25 -44.26 -20.99
C GLN A 185 21.47 -44.73 -21.78
N THR A 186 21.70 -46.05 -21.79
CA THR A 186 22.81 -46.65 -22.54
C THR A 186 22.46 -46.93 -24.00
N LYS A 187 21.17 -47.08 -24.30
CA LYS A 187 20.70 -47.28 -25.67
C LYS A 187 20.85 -45.99 -26.48
N LEU A 188 20.21 -44.92 -26.00
CA LEU A 188 20.13 -43.66 -26.75
C LEU A 188 21.37 -42.79 -26.64
N TYR A 189 21.94 -42.71 -25.44
CA TYR A 189 23.04 -41.78 -25.17
C TYR A 189 24.39 -42.46 -24.89
N ILE A 190 24.45 -43.79 -25.03
CA ILE A 190 25.68 -44.56 -24.80
C ILE A 190 26.26 -44.36 -23.39
N GLN A 191 26.79 -43.17 -23.13
CA GLN A 191 27.35 -42.83 -21.82
C GLN A 191 26.37 -43.16 -20.70
N GLU A 192 26.91 -43.64 -19.59
CA GLU A 192 26.08 -44.18 -18.50
C GLU A 192 25.45 -43.08 -17.65
N SER A 193 26.24 -42.06 -17.31
CA SER A 193 25.75 -40.92 -16.54
C SER A 193 25.75 -39.65 -17.39
N GLY A 194 24.58 -39.34 -17.96
CA GLY A 194 24.41 -38.14 -18.77
C GLY A 194 24.44 -36.87 -17.95
N ARG A 195 24.67 -35.74 -18.60
CA ARG A 195 24.81 -34.46 -17.90
C ARG A 195 24.80 -33.28 -18.88
N VAL A 196 24.29 -32.14 -18.42
CA VAL A 196 24.25 -30.91 -19.22
C VAL A 196 24.73 -29.73 -18.37
N THR A 197 25.65 -28.93 -18.92
CA THR A 197 26.24 -27.80 -18.20
C THR A 197 26.33 -26.55 -19.07
N VAL A 198 25.29 -25.73 -19.02
CA VAL A 198 25.31 -24.41 -19.64
C VAL A 198 25.99 -23.45 -18.68
N SER A 199 26.79 -22.53 -19.22
CA SER A 199 27.56 -21.61 -18.39
C SER A 199 27.98 -20.36 -19.16
N THR A 200 27.49 -19.21 -18.71
CA THR A 200 27.93 -17.91 -19.21
C THR A 200 29.13 -17.44 -18.39
N GLU A 201 29.61 -16.23 -18.67
CA GLU A 201 30.69 -15.63 -17.88
C GLU A 201 30.22 -15.20 -16.48
N ARG A 202 28.93 -14.88 -16.36
CA ARG A 202 28.36 -14.37 -15.11
C ARG A 202 27.59 -15.41 -14.29
N SER A 203 27.48 -16.65 -14.80
CA SER A 203 26.72 -17.70 -14.13
C SER A 203 27.06 -19.10 -14.63
N GLN A 204 26.48 -20.11 -13.97
CA GLN A 204 26.54 -21.49 -14.42
C GLN A 204 25.23 -22.21 -14.11
N GLN A 205 24.89 -23.18 -14.94
CA GLN A 205 23.65 -23.95 -14.76
C GLN A 205 23.89 -25.41 -15.15
N THR A 206 24.35 -26.21 -14.18
CA THR A 206 24.58 -27.64 -14.39
C THR A 206 23.35 -28.44 -13.99
N VAL A 207 23.00 -29.44 -14.79
CA VAL A 207 21.81 -30.27 -14.57
C VAL A 207 22.12 -31.76 -14.74
N ILE A 208 21.42 -32.59 -13.98
CA ILE A 208 21.58 -34.04 -14.01
C ILE A 208 20.22 -34.70 -14.29
N PRO A 209 20.19 -35.67 -15.22
CA PRO A 209 18.93 -36.37 -15.52
C PRO A 209 18.63 -37.47 -14.50
N ASN A 210 17.46 -38.09 -14.63
CA ASN A 210 17.00 -39.10 -13.69
C ASN A 210 16.24 -40.22 -14.41
N ILE A 211 16.74 -41.45 -14.26
CA ILE A 211 16.17 -42.61 -14.94
C ILE A 211 15.08 -43.25 -14.08
N GLY A 212 13.84 -43.14 -14.53
CA GLY A 212 12.70 -43.70 -13.79
C GLY A 212 11.37 -43.55 -14.52
N SER A 213 10.40 -44.38 -14.13
CA SER A 213 9.10 -44.38 -14.78
C SER A 213 8.21 -43.25 -14.27
N ARG A 214 7.63 -42.51 -15.22
CA ARG A 214 6.60 -41.51 -14.93
C ARG A 214 5.27 -42.03 -15.47
N PRO A 215 4.15 -41.36 -15.12
CA PRO A 215 2.84 -41.74 -15.66
C PRO A 215 2.77 -41.77 -17.20
N TRP A 216 1.80 -42.50 -17.72
CA TRP A 216 1.64 -42.72 -19.16
C TRP A 216 1.10 -41.46 -19.85
N VAL A 217 2.00 -40.68 -20.46
CA VAL A 217 1.62 -39.47 -21.18
C VAL A 217 1.70 -39.69 -22.69
N ARG A 218 0.57 -40.08 -23.28
CA ARG A 218 0.48 -40.36 -24.72
C ARG A 218 1.58 -41.32 -25.22
N GLY A 219 1.84 -42.36 -24.43
CA GLY A 219 2.83 -43.38 -24.78
C GLY A 219 4.12 -43.28 -23.99
N GLN A 220 4.60 -42.06 -23.76
CA GLN A 220 5.90 -41.85 -23.14
C GLN A 220 5.84 -41.90 -21.61
N SER A 221 6.80 -42.59 -21.01
CA SER A 221 6.94 -42.67 -19.57
C SER A 221 8.16 -41.88 -19.09
N GLY A 222 8.68 -41.01 -19.94
CA GLY A 222 9.84 -40.17 -19.62
C GLY A 222 9.45 -38.71 -19.50
N ARG A 223 10.44 -37.85 -19.26
CA ARG A 223 10.23 -36.42 -19.08
C ARG A 223 11.33 -35.58 -19.71
N ILE A 224 11.05 -34.28 -19.86
CA ILE A 224 12.05 -33.31 -20.31
C ILE A 224 11.91 -32.02 -19.50
N SER A 225 12.91 -31.74 -18.65
CA SER A 225 12.92 -30.51 -17.87
C SER A 225 13.44 -29.36 -18.73
N ILE A 226 12.61 -28.36 -18.95
CA ILE A 226 12.97 -27.20 -19.76
C ILE A 226 13.69 -26.17 -18.91
N TYR A 227 14.70 -25.52 -19.49
CA TYR A 227 15.45 -24.45 -18.84
C TYR A 227 15.61 -23.28 -19.79
N TRP A 228 16.26 -22.21 -19.33
CA TRP A 228 16.56 -21.06 -20.19
C TRP A 228 17.80 -20.31 -19.72
N THR A 229 18.48 -19.66 -20.66
CA THR A 229 19.67 -18.88 -20.37
C THR A 229 19.70 -17.61 -21.21
N ILE A 230 19.80 -16.46 -20.54
CA ILE A 230 19.92 -15.16 -21.21
C ILE A 230 21.39 -14.79 -21.32
N VAL A 231 21.79 -14.26 -22.47
CA VAL A 231 23.16 -13.85 -22.72
C VAL A 231 23.19 -12.37 -23.10
N LYS A 232 23.94 -11.58 -22.34
CA LYS A 232 24.06 -10.14 -22.59
C LYS A 232 25.11 -9.84 -23.67
N PRO A 233 25.01 -8.67 -24.34
CA PRO A 233 25.97 -8.26 -25.38
C PRO A 233 27.42 -8.40 -24.94
N GLY A 234 28.23 -9.06 -25.76
CA GLY A 234 29.64 -9.29 -25.46
C GLY A 234 29.88 -10.62 -24.76
N ASP A 235 28.94 -11.03 -23.91
CA ASP A 235 29.05 -12.29 -23.18
C ASP A 235 28.85 -13.47 -24.13
N ILE A 236 29.60 -14.54 -23.89
CA ILE A 236 29.59 -15.72 -24.76
C ILE A 236 28.74 -16.85 -24.17
N LEU A 237 28.08 -17.61 -25.04
CA LEU A 237 27.34 -18.80 -24.62
C LEU A 237 28.25 -20.01 -24.70
N MET A 238 28.07 -20.94 -23.77
CA MET A 238 28.83 -22.19 -23.77
C MET A 238 28.02 -23.34 -23.19
N ILE A 239 28.05 -24.48 -23.88
CA ILE A 239 27.39 -25.71 -23.44
C ILE A 239 28.46 -26.79 -23.28
N ASN A 240 28.27 -27.68 -22.31
CA ASN A 240 29.21 -28.78 -22.07
C ASN A 240 28.49 -30.03 -21.58
N SER A 241 28.19 -30.93 -22.51
CA SER A 241 27.40 -32.12 -22.21
C SER A 241 28.09 -33.41 -22.64
N ASN A 242 27.76 -34.49 -21.94
CA ASN A 242 28.20 -35.84 -22.29
C ASN A 242 27.00 -36.79 -22.42
N GLY A 243 25.82 -36.23 -22.64
CA GLY A 243 24.58 -36.99 -22.72
C GLY A 243 23.37 -36.21 -22.25
N ASN A 244 22.19 -36.61 -22.74
CA ASN A 244 20.90 -36.03 -22.36
C ASN A 244 20.80 -34.52 -22.64
N LEU A 245 21.32 -34.09 -23.79
CA LEU A 245 21.28 -32.68 -24.19
C LEU A 245 20.18 -32.42 -25.21
N VAL A 246 19.22 -31.56 -24.86
CA VAL A 246 18.22 -31.06 -25.80
C VAL A 246 18.74 -29.73 -26.35
N ALA A 247 19.30 -29.79 -27.55
CA ALA A 247 20.04 -28.66 -28.11
C ALA A 247 19.16 -27.48 -28.50
N PRO A 248 19.68 -26.25 -28.35
CA PRO A 248 18.96 -25.05 -28.79
C PRO A 248 19.17 -24.81 -30.29
N ARG A 249 18.09 -24.53 -31.01
CA ARG A 249 18.15 -24.22 -32.43
C ARG A 249 18.65 -22.80 -32.67
N GLY A 250 18.40 -21.91 -31.71
CA GLY A 250 18.77 -20.50 -31.82
C GLY A 250 18.32 -19.72 -30.61
N TYR A 251 17.93 -18.46 -30.83
CA TYR A 251 17.54 -17.58 -29.73
C TYR A 251 16.33 -16.71 -30.10
N PHE A 252 15.56 -16.33 -29.09
CA PHE A 252 14.46 -15.39 -29.25
C PHE A 252 14.97 -13.99 -28.92
N LYS A 253 14.34 -12.99 -29.52
CA LYS A 253 14.73 -11.60 -29.30
C LYS A 253 13.95 -11.01 -28.13
N LEU A 254 14.65 -10.69 -27.05
CA LEU A 254 14.04 -10.02 -25.90
C LEU A 254 13.96 -8.52 -26.17
N ARG A 255 12.96 -7.87 -25.58
CA ARG A 255 12.77 -6.43 -25.72
C ARG A 255 11.90 -5.91 -24.58
N THR A 256 12.29 -4.78 -24.00
CA THR A 256 11.51 -4.15 -22.95
C THR A 256 10.29 -3.46 -23.56
N GLY A 257 9.24 -4.24 -23.80
CA GLY A 257 8.00 -3.74 -24.37
C GLY A 257 6.94 -3.51 -23.31
N LYS A 258 5.72 -3.21 -23.76
CA LYS A 258 4.59 -2.98 -22.87
C LYS A 258 3.60 -4.16 -22.94
N SER A 259 4.12 -5.36 -23.16
CA SER A 259 3.28 -6.53 -23.41
C SER A 259 3.00 -7.34 -22.15
N SER A 260 1.98 -8.20 -22.23
CA SER A 260 1.57 -9.05 -21.12
C SER A 260 0.72 -10.22 -21.61
N VAL A 261 0.35 -11.09 -20.67
CA VAL A 261 -0.46 -12.28 -20.99
C VAL A 261 -1.66 -12.33 -20.04
N MET A 262 -2.77 -12.89 -20.50
CA MET A 262 -4.03 -12.91 -19.75
C MET A 262 -4.82 -14.20 -19.99
N ARG A 263 -5.25 -14.84 -18.91
CA ARG A 263 -6.11 -16.02 -19.01
C ARG A 263 -7.56 -15.58 -19.14
N SER A 264 -8.22 -16.04 -20.19
CA SER A 264 -9.60 -15.61 -20.47
C SER A 264 -10.30 -16.53 -21.48
N ASP A 265 -11.61 -16.66 -21.32
CA ASP A 265 -12.47 -17.30 -22.30
C ASP A 265 -13.42 -16.26 -22.89
N ALA A 266 -12.93 -15.03 -23.02
CA ALA A 266 -13.73 -13.92 -23.53
C ALA A 266 -13.62 -13.85 -25.05
N LEU A 267 -14.73 -13.49 -25.70
CA LEU A 267 -14.76 -13.35 -27.15
C LEU A 267 -13.94 -12.11 -27.53
N ILE A 268 -13.22 -12.20 -28.65
CA ILE A 268 -12.41 -11.08 -29.14
C ILE A 268 -12.99 -10.58 -30.46
N ASP A 269 -13.76 -9.50 -30.39
CA ASP A 269 -14.40 -8.92 -31.58
C ASP A 269 -13.96 -7.46 -31.76
N THR A 270 -14.37 -6.87 -32.89
CA THR A 270 -13.95 -5.51 -33.23
C THR A 270 -14.66 -4.46 -32.39
N CYS A 271 -13.87 -3.67 -31.67
CA CYS A 271 -14.33 -2.46 -30.98
C CYS A 271 -13.11 -1.68 -30.52
N VAL A 272 -13.33 -0.56 -29.82
CA VAL A 272 -12.22 0.24 -29.26
C VAL A 272 -12.42 0.46 -27.76
N SER A 273 -11.41 0.08 -26.98
CA SER A 273 -11.43 0.29 -25.52
C SER A 273 -10.03 0.10 -24.92
N GLU A 274 -9.63 1.03 -24.07
CA GLU A 274 -8.26 1.08 -23.55
C GLU A 274 -8.02 0.24 -22.28
N CYS A 275 -9.05 -0.44 -21.80
CA CYS A 275 -8.89 -1.30 -20.63
C CYS A 275 -9.49 -2.68 -20.90
N ILE A 276 -8.65 -3.71 -20.79
CA ILE A 276 -9.05 -5.09 -21.06
C ILE A 276 -8.96 -5.92 -19.78
N THR A 277 -10.03 -6.66 -19.49
CA THR A 277 -10.06 -7.57 -18.34
C THR A 277 -10.29 -9.00 -18.83
N PRO A 278 -10.23 -9.98 -17.89
CA PRO A 278 -10.65 -11.36 -18.24
C PRO A 278 -12.14 -11.51 -18.60
N ASN A 279 -12.94 -10.48 -18.34
CA ASN A 279 -14.36 -10.48 -18.67
C ASN A 279 -14.73 -9.69 -19.93
N GLY A 280 -13.72 -9.10 -20.57
CA GLY A 280 -13.94 -8.22 -21.71
C GLY A 280 -13.60 -6.79 -21.33
N SER A 281 -13.49 -5.93 -22.35
CA SER A 281 -13.06 -4.55 -22.14
C SER A 281 -14.13 -3.75 -21.40
N ILE A 282 -13.67 -2.71 -20.71
CA ILE A 282 -14.55 -1.80 -19.95
C ILE A 282 -14.11 -0.36 -20.20
N PRO A 283 -15.06 0.60 -20.15
CA PRO A 283 -14.69 1.99 -20.38
C PRO A 283 -13.86 2.60 -19.23
N ASN A 284 -12.87 3.41 -19.58
CA ASN A 284 -11.96 4.02 -18.62
C ASN A 284 -12.27 5.50 -18.37
N ASP A 285 -13.53 5.79 -18.06
CA ASP A 285 -13.96 7.16 -17.72
C ASP A 285 -14.23 7.30 -16.22
N LYS A 286 -14.83 6.28 -15.61
CA LYS A 286 -14.97 6.23 -14.16
C LYS A 286 -13.62 5.85 -13.53
N PRO A 287 -13.31 6.39 -12.34
CA PRO A 287 -12.01 6.15 -11.71
C PRO A 287 -11.86 4.77 -11.05
N PHE A 288 -12.97 4.15 -10.65
CA PHE A 288 -12.92 2.84 -10.00
C PHE A 288 -13.70 1.81 -10.79
N GLN A 289 -13.48 0.54 -10.47
CA GLN A 289 -14.18 -0.56 -11.14
C GLN A 289 -14.35 -1.75 -10.22
N ASN A 290 -15.37 -2.55 -10.48
CA ASN A 290 -15.66 -3.75 -9.68
C ASN A 290 -15.90 -4.96 -10.56
N VAL A 291 -15.29 -4.95 -11.75
CA VAL A 291 -15.45 -6.05 -12.71
C VAL A 291 -14.43 -7.13 -12.42
N ASN A 292 -13.16 -6.74 -12.35
CA ASN A 292 -12.08 -7.69 -12.09
C ASN A 292 -10.84 -7.00 -11.55
N LYS A 293 -10.09 -7.71 -10.71
CA LYS A 293 -8.85 -7.20 -10.15
C LYS A 293 -7.69 -7.35 -11.14
N ILE A 294 -7.76 -8.37 -11.99
CA ILE A 294 -6.78 -8.54 -13.07
C ILE A 294 -7.11 -7.57 -14.19
N THR A 295 -6.10 -6.81 -14.64
CA THR A 295 -6.32 -5.79 -15.67
C THR A 295 -5.16 -5.68 -16.66
N TYR A 296 -5.43 -5.01 -17.77
CA TYR A 296 -4.39 -4.57 -18.70
C TYR A 296 -4.83 -3.30 -19.44
N GLY A 297 -3.90 -2.35 -19.54
CA GLY A 297 -4.15 -1.09 -20.25
C GLY A 297 -4.49 0.06 -19.34
N LYS A 298 -4.94 1.17 -19.94
CA LYS A 298 -5.29 2.37 -19.20
C LYS A 298 -6.58 2.12 -18.40
N CYS A 299 -6.42 1.56 -17.20
CA CYS A 299 -7.54 1.01 -16.45
C CYS A 299 -7.87 1.76 -15.15
N PRO A 300 -9.15 1.73 -14.74
CA PRO A 300 -9.52 2.23 -13.41
C PRO A 300 -9.05 1.30 -12.30
N LYS A 301 -8.84 1.86 -11.11
CA LYS A 301 -8.34 1.10 -9.96
C LYS A 301 -9.47 0.26 -9.34
N TYR A 302 -9.20 -1.03 -9.16
CA TYR A 302 -10.21 -1.96 -8.64
C TYR A 302 -10.45 -1.76 -7.15
N ILE A 303 -11.70 -1.85 -6.74
CA ILE A 303 -12.09 -1.82 -5.31
C ILE A 303 -13.19 -2.84 -5.05
N ARG A 304 -13.45 -3.12 -3.78
CA ARG A 304 -14.46 -4.11 -3.39
C ARG A 304 -15.90 -3.61 -3.47
N GLN A 305 -16.07 -2.29 -3.42
CA GLN A 305 -17.40 -1.68 -3.52
C GLN A 305 -17.91 -1.87 -4.94
N ASN A 306 -19.21 -2.13 -5.09
CA ASN A 306 -19.82 -2.23 -6.41
C ASN A 306 -20.46 -0.93 -6.89
N THR A 307 -20.60 0.05 -6.00
CA THR A 307 -21.11 1.37 -6.39
C THR A 307 -20.73 2.47 -5.39
N LEU A 308 -20.35 3.64 -5.93
CA LEU A 308 -20.06 4.82 -5.12
C LEU A 308 -20.51 6.08 -5.86
N LYS A 309 -21.69 6.58 -5.49
CA LYS A 309 -22.28 7.74 -6.16
C LYS A 309 -21.59 9.02 -5.70
N LEU A 310 -21.39 9.95 -6.62
CA LEU A 310 -20.77 11.24 -6.35
C LEU A 310 -21.79 12.33 -6.60
N ALA A 311 -22.21 13.02 -5.55
CA ALA A 311 -23.16 14.12 -5.68
C ALA A 311 -22.65 15.12 -6.70
N THR A 312 -23.52 15.46 -7.64
CA THR A 312 -23.25 16.47 -8.65
C THR A 312 -24.29 17.57 -8.52
N GLY A 313 -24.80 17.76 -7.31
CA GLY A 313 -25.86 18.72 -7.05
C GLY A 313 -26.12 18.92 -5.56
N MET A 314 -26.91 19.94 -5.25
CA MET A 314 -27.23 20.29 -3.88
C MET A 314 -28.18 19.29 -3.21
N ARG A 315 -28.44 19.50 -1.93
CA ARG A 315 -29.44 18.70 -1.21
C ARG A 315 -30.82 18.96 -1.79
N ASN A 316 -31.60 17.90 -1.97
CA ASN A 316 -32.94 18.00 -2.53
C ASN A 316 -34.00 18.02 -1.44
N VAL A 317 -34.84 19.05 -1.46
CA VAL A 317 -35.97 19.16 -0.54
C VAL A 317 -37.22 19.65 -1.29
N PRO A 318 -38.14 18.72 -1.61
CA PRO A 318 -39.33 19.06 -2.40
C PRO A 318 -40.42 19.79 -1.60
N GLU A 319 -41.49 20.18 -2.30
CA GLU A 319 -42.66 20.81 -1.66
C GLU A 319 -43.62 19.75 -1.12
N LYS A 320 -44.27 20.08 -0.01
CA LYS A 320 -45.24 19.16 0.62
C LYS A 320 -46.57 19.24 -0.12
N GLY B 1 -26.79 22.16 4.18
CA GLY B 1 -25.34 22.32 4.51
C GLY B 1 -25.03 22.99 5.84
N ILE B 2 -23.74 23.18 6.07
CA ILE B 2 -23.21 23.82 7.30
C ILE B 2 -23.63 25.29 7.46
N PHE B 3 -23.99 25.94 6.36
CA PHE B 3 -24.39 27.36 6.38
C PHE B 3 -25.87 27.57 6.70
N GLY B 4 -26.62 26.47 6.78
CA GLY B 4 -28.02 26.51 7.20
C GLY B 4 -28.91 27.40 6.37
N ALA B 5 -28.70 27.40 5.05
CA ALA B 5 -29.55 28.14 4.12
C ALA B 5 -30.45 27.16 3.39
N ILE B 6 -29.84 26.25 2.63
CA ILE B 6 -30.57 25.18 1.97
C ILE B 6 -30.91 24.15 3.05
N ALA B 7 -32.18 23.73 3.09
CA ALA B 7 -32.72 22.95 4.20
C ALA B 7 -32.47 23.67 5.53
N GLY B 8 -32.87 24.94 5.57
CA GLY B 8 -32.64 25.80 6.74
C GLY B 8 -33.63 26.95 6.79
N PHE B 9 -33.13 28.18 6.80
CA PHE B 9 -34.00 29.35 6.81
C PHE B 9 -34.79 29.48 5.50
N ILE B 10 -34.32 28.81 4.44
CA ILE B 10 -35.12 28.58 3.25
C ILE B 10 -35.74 27.18 3.37
N GLU B 11 -37.03 27.15 3.73
CA GLU B 11 -37.71 25.92 4.18
C GLU B 11 -37.65 24.78 3.17
N ASN B 12 -37.74 25.09 1.88
CA ASN B 12 -37.67 24.08 0.83
C ASN B 12 -37.32 24.67 -0.53
N GLY B 13 -37.01 23.80 -1.47
CA GLY B 13 -36.63 24.21 -2.82
C GLY B 13 -37.84 24.48 -3.72
N TRP B 14 -37.56 24.67 -5.01
CA TRP B 14 -38.59 25.00 -5.98
C TRP B 14 -38.54 24.05 -7.19
N GLU B 15 -39.50 23.14 -7.26
CA GLU B 15 -39.62 22.24 -8.41
C GLU B 15 -40.07 23.00 -9.67
N GLY B 16 -40.73 24.14 -9.47
CA GLY B 16 -41.09 25.02 -10.57
C GLY B 16 -39.90 25.64 -11.28
N MET B 17 -38.84 25.92 -10.53
CA MET B 17 -37.62 26.49 -11.11
C MET B 17 -36.89 25.43 -11.92
N VAL B 18 -36.84 25.64 -13.23
CA VAL B 18 -36.25 24.69 -14.17
C VAL B 18 -35.11 25.27 -15.00
N ASP B 19 -34.73 26.52 -14.75
CA ASP B 19 -33.77 27.23 -15.61
C ASP B 19 -32.57 27.77 -14.83
N GLY B 20 -32.32 27.19 -13.67
CA GLY B 20 -31.26 27.68 -12.78
C GLY B 20 -31.30 26.99 -11.43
N TRP B 21 -30.18 27.06 -10.72
CA TRP B 21 -30.03 26.39 -9.43
C TRP B 21 -30.52 27.28 -8.30
N TYR B 22 -30.22 28.58 -8.40
CA TYR B 22 -30.69 29.57 -7.42
C TYR B 22 -31.34 30.74 -8.17
N GLY B 23 -32.51 31.16 -7.71
CA GLY B 23 -33.22 32.29 -8.30
C GLY B 23 -34.08 33.04 -7.32
N PHE B 24 -34.88 33.97 -7.85
CA PHE B 24 -35.77 34.80 -7.07
C PHE B 24 -37.23 34.42 -7.30
N ARG B 25 -38.09 35.00 -6.47
CA ARG B 25 -39.53 35.05 -6.72
C ARG B 25 -40.01 36.36 -6.14
N TYR B 26 -41.13 36.89 -6.64
CA TYR B 26 -41.61 38.19 -6.20
C TYR B 26 -43.10 38.43 -6.43
N GLN B 27 -43.59 39.51 -5.83
CA GLN B 27 -44.95 39.97 -6.00
C GLN B 27 -44.93 41.49 -5.92
N ASN B 28 -45.65 42.14 -6.83
CA ASN B 28 -45.58 43.59 -6.98
C ASN B 28 -46.74 44.12 -7.82
N SER B 29 -46.70 45.41 -8.15
CA SER B 29 -47.74 46.08 -8.92
C SER B 29 -48.04 45.45 -10.30
N GLU B 30 -47.07 44.74 -10.86
CA GLU B 30 -47.22 44.09 -12.16
C GLU B 30 -47.27 42.56 -12.07
N GLY B 31 -47.99 42.07 -11.06
CA GLY B 31 -48.20 40.63 -10.87
C GLY B 31 -47.19 39.94 -9.97
N THR B 32 -46.95 38.65 -10.24
CA THR B 32 -46.05 37.82 -9.44
C THR B 32 -45.15 36.98 -10.34
N GLY B 33 -43.84 37.16 -10.22
CA GLY B 33 -42.88 36.53 -11.13
C GLY B 33 -41.73 35.77 -10.48
N GLN B 34 -41.14 34.87 -11.27
CA GLN B 34 -39.98 34.06 -10.88
C GLN B 34 -38.83 34.36 -11.85
N ALA B 35 -37.60 34.30 -11.36
CA ALA B 35 -36.43 34.68 -12.17
C ALA B 35 -35.14 34.07 -11.63
N ALA B 36 -34.52 33.17 -12.39
CA ALA B 36 -33.28 32.54 -11.96
C ALA B 36 -32.12 33.53 -11.91
N ASP B 37 -31.12 33.21 -11.09
CA ASP B 37 -29.89 34.00 -11.00
C ASP B 37 -28.75 33.15 -11.55
N LEU B 38 -28.17 33.59 -12.65
CA LEU B 38 -27.23 32.77 -13.41
C LEU B 38 -25.83 32.75 -12.78
N LYS B 39 -25.35 33.92 -12.35
CA LYS B 39 -23.99 34.05 -11.81
C LYS B 39 -23.74 33.10 -10.64
N SER B 40 -24.73 32.94 -9.76
CA SER B 40 -24.68 31.98 -8.66
C SER B 40 -24.73 30.53 -9.16
N THR B 41 -25.66 30.26 -10.07
CA THR B 41 -25.76 28.95 -10.73
C THR B 41 -24.47 28.59 -11.48
N GLN B 42 -23.83 29.58 -12.07
CA GLN B 42 -22.59 29.37 -12.81
C GLN B 42 -21.41 29.14 -11.86
N ALA B 43 -21.42 29.83 -10.73
CA ALA B 43 -20.44 29.62 -9.66
C ALA B 43 -20.55 28.22 -9.05
N ALA B 44 -21.78 27.72 -8.95
CA ALA B 44 -22.03 26.39 -8.42
C ALA B 44 -21.59 25.28 -9.36
N ILE B 45 -21.99 25.37 -10.63
CA ILE B 45 -21.74 24.31 -11.61
C ILE B 45 -20.28 24.27 -12.08
N ASP B 46 -19.58 25.41 -12.01
CA ASP B 46 -18.15 25.44 -12.32
C ASP B 46 -17.34 24.62 -11.32
N GLN B 47 -17.65 24.76 -10.03
CA GLN B 47 -16.93 24.04 -8.97
C GLN B 47 -17.19 22.54 -8.99
N ILE B 48 -18.42 22.14 -9.28
CA ILE B 48 -18.77 20.72 -9.38
C ILE B 48 -18.09 20.08 -10.59
N ASN B 49 -18.05 20.80 -11.71
CA ASN B 49 -17.30 20.35 -12.88
C ASN B 49 -15.80 20.29 -12.60
N GLY B 50 -15.32 21.20 -11.75
CA GLY B 50 -13.94 21.17 -11.26
C GLY B 50 -13.60 19.88 -10.51
N LYS B 51 -14.46 19.52 -9.56
CA LYS B 51 -14.31 18.26 -8.81
C LYS B 51 -14.30 17.05 -9.73
N LEU B 52 -15.28 17.04 -10.63
CA LEU B 52 -15.50 15.89 -11.51
C LEU B 52 -14.37 15.76 -12.54
N ASN B 53 -13.79 16.89 -12.94
CA ASN B 53 -12.59 16.89 -13.79
C ASN B 53 -11.34 16.44 -13.03
N ARG B 54 -11.25 16.82 -11.76
CA ARG B 54 -10.11 16.42 -10.91
C ARG B 54 -10.12 14.93 -10.63
N VAL B 55 -11.30 14.37 -10.35
CA VAL B 55 -11.46 12.94 -10.14
C VAL B 55 -11.25 12.17 -11.45
N ILE B 56 -11.68 12.77 -12.57
CA ILE B 56 -11.58 12.14 -13.89
C ILE B 56 -10.56 12.90 -14.76
N GLU B 57 -9.31 12.94 -14.30
CA GLU B 57 -8.21 13.54 -15.09
C GLU B 57 -7.09 12.56 -15.41
N ARG B 58 -7.16 11.33 -14.88
CA ARG B 58 -6.09 10.35 -15.07
C ARG B 58 -6.55 8.94 -14.72
N THR B 59 -6.16 7.99 -15.55
CA THR B 59 -6.24 6.58 -15.20
C THR B 59 -4.88 5.97 -15.54
N ASN B 60 -4.13 5.57 -14.52
CA ASN B 60 -2.76 5.11 -14.70
C ASN B 60 -2.68 3.86 -15.57
N GLU B 61 -1.90 3.96 -16.66
CA GLU B 61 -1.69 2.81 -17.53
C GLU B 61 -0.80 1.81 -16.80
N LYS B 62 -1.21 0.54 -16.81
CA LYS B 62 -0.48 -0.54 -16.14
C LYS B 62 -0.43 -1.76 -17.05
N PHE B 63 0.73 -2.42 -17.11
CA PHE B 63 0.93 -3.53 -18.02
C PHE B 63 1.14 -4.85 -17.27
N HIS B 64 2.38 -5.35 -17.23
CA HIS B 64 2.66 -6.67 -16.66
C HIS B 64 2.73 -6.60 -15.14
N GLN B 65 1.71 -7.15 -14.48
CA GLN B 65 1.63 -7.20 -13.02
C GLN B 65 1.81 -8.64 -12.55
N ILE B 66 1.77 -8.83 -11.23
CA ILE B 66 1.85 -10.17 -10.64
C ILE B 66 0.57 -10.98 -10.91
N GLU B 67 0.70 -12.30 -10.79
CA GLU B 67 -0.44 -13.21 -10.98
C GLU B 67 -1.40 -13.09 -9.79
N LYS B 68 -2.67 -12.85 -10.08
CA LYS B 68 -3.68 -12.61 -9.04
C LYS B 68 -4.65 -13.77 -8.86
N GLU B 69 -4.46 -14.85 -9.61
CA GLU B 69 -5.23 -16.08 -9.42
C GLU B 69 -4.35 -17.30 -9.64
N PHE B 70 -4.65 -18.38 -8.93
CA PHE B 70 -3.81 -19.59 -8.96
C PHE B 70 -4.65 -20.86 -9.04
N SER B 71 -4.02 -21.95 -9.45
CA SER B 71 -4.67 -23.24 -9.62
C SER B 71 -4.24 -24.23 -8.54
N GLU B 72 -2.93 -24.42 -8.41
CA GLU B 72 -2.38 -25.31 -7.38
C GLU B 72 -2.19 -24.54 -6.08
N VAL B 73 -1.70 -25.24 -5.05
CA VAL B 73 -1.35 -24.61 -3.77
C VAL B 73 0.16 -24.72 -3.58
N GLU B 74 0.83 -23.58 -3.60
CA GLU B 74 2.30 -23.53 -3.60
C GLU B 74 2.88 -23.34 -2.21
N GLY B 75 2.31 -22.42 -1.43
CA GLY B 75 2.69 -22.21 -0.04
C GLY B 75 3.16 -20.80 0.27
N ARG B 76 4.47 -20.66 0.53
CA ARG B 76 5.03 -19.42 1.07
C ARG B 76 4.79 -18.21 0.17
N ILE B 77 5.38 -18.21 -1.02
CA ILE B 77 5.36 -17.04 -1.90
C ILE B 77 3.99 -16.76 -2.52
N GLN B 78 3.14 -17.79 -2.57
CA GLN B 78 1.77 -17.61 -3.07
C GLN B 78 0.92 -16.81 -2.10
N ASP B 79 1.14 -17.00 -0.80
CA ASP B 79 0.46 -16.22 0.24
C ASP B 79 0.76 -14.74 0.09
N LEU B 80 2.04 -14.44 -0.08
CA LEU B 80 2.52 -13.05 -0.21
C LEU B 80 1.90 -12.35 -1.42
N GLU B 81 1.73 -13.09 -2.51
CA GLU B 81 1.09 -12.56 -3.72
C GLU B 81 -0.38 -12.23 -3.47
N LYS B 82 -1.09 -13.14 -2.81
CA LYS B 82 -2.48 -12.90 -2.42
C LYS B 82 -2.59 -11.76 -1.40
N TYR B 83 -1.63 -11.69 -0.49
CA TYR B 83 -1.61 -10.68 0.57
C TYR B 83 -1.37 -9.28 0.00
N VAL B 84 -0.32 -9.14 -0.81
CA VAL B 84 0.02 -7.87 -1.46
C VAL B 84 -1.18 -7.29 -2.21
N GLU B 85 -1.89 -8.14 -2.94
CA GLU B 85 -3.08 -7.73 -3.68
C GLU B 85 -4.22 -7.38 -2.72
N ASP B 86 -4.47 -8.26 -1.75
CA ASP B 86 -5.54 -8.05 -0.78
C ASP B 86 -5.34 -6.75 0.00
N THR B 87 -4.09 -6.44 0.33
CA THR B 87 -3.74 -5.18 0.99
C THR B 87 -3.98 -3.99 0.06
N LYS B 88 -3.51 -4.11 -1.18
CA LYS B 88 -3.68 -3.05 -2.19
C LYS B 88 -5.15 -2.69 -2.39
N ILE B 89 -6.01 -3.69 -2.45
CA ILE B 89 -7.43 -3.47 -2.70
C ILE B 89 -8.07 -2.72 -1.53
N ASP B 90 -7.84 -3.20 -0.31
CA ASP B 90 -8.38 -2.58 0.91
C ASP B 90 -8.05 -1.09 1.02
N LEU B 91 -6.81 -0.73 0.69
CA LEU B 91 -6.35 0.65 0.82
C LEU B 91 -7.00 1.56 -0.23
N TRP B 92 -7.14 1.07 -1.45
CA TRP B 92 -7.84 1.81 -2.50
C TRP B 92 -9.34 1.90 -2.20
N SER B 93 -9.91 0.81 -1.70
CA SER B 93 -11.31 0.79 -1.25
C SER B 93 -11.58 1.88 -0.21
N TYR B 94 -10.65 2.04 0.73
CA TYR B 94 -10.75 3.11 1.72
C TYR B 94 -10.63 4.46 1.03
N ASN B 95 -9.55 4.65 0.27
CA ASN B 95 -9.29 5.90 -0.45
C ASN B 95 -10.48 6.34 -1.30
N ALA B 96 -11.16 5.38 -1.92
CA ALA B 96 -12.36 5.65 -2.70
C ALA B 96 -13.54 6.06 -1.82
N GLU B 97 -13.71 5.35 -0.70
CA GLU B 97 -14.82 5.59 0.22
C GLU B 97 -14.72 6.92 0.96
N LEU B 98 -13.50 7.32 1.32
CA LEU B 98 -13.27 8.58 2.01
C LEU B 98 -13.45 9.76 1.05
N LEU B 99 -12.89 9.61 -0.16
CA LEU B 99 -12.97 10.63 -1.21
C LEU B 99 -14.43 10.99 -1.48
N VAL B 100 -15.26 9.96 -1.67
CA VAL B 100 -16.69 10.14 -1.87
C VAL B 100 -17.30 10.93 -0.72
N ALA B 101 -16.99 10.53 0.51
CA ALA B 101 -17.53 11.14 1.72
C ALA B 101 -17.13 12.59 1.88
N LEU B 102 -15.84 12.88 1.68
CA LEU B 102 -15.34 14.25 1.75
C LEU B 102 -15.94 15.12 0.64
N GLU B 103 -15.84 14.64 -0.60
CA GLU B 103 -16.33 15.39 -1.78
C GLU B 103 -17.82 15.71 -1.68
N ASN B 104 -18.64 14.69 -1.42
CA ASN B 104 -20.09 14.89 -1.26
C ASN B 104 -20.44 15.87 -0.14
N GLN B 105 -19.71 15.77 0.97
CA GLN B 105 -19.88 16.70 2.08
C GLN B 105 -19.56 18.12 1.63
N HIS B 106 -18.48 18.28 0.87
CA HIS B 106 -18.09 19.59 0.35
C HIS B 106 -19.10 20.10 -0.68
N THR B 107 -19.68 19.18 -1.45
CA THR B 107 -20.70 19.55 -2.45
C THR B 107 -21.92 20.18 -1.78
N ILE B 108 -22.45 19.51 -0.76
CA ILE B 108 -23.61 20.05 -0.02
C ILE B 108 -23.25 21.32 0.76
N ASP B 109 -21.97 21.52 1.08
CA ASP B 109 -21.52 22.76 1.72
C ASP B 109 -21.44 23.94 0.74
N LEU B 110 -20.77 23.75 -0.40
CA LEU B 110 -20.54 24.87 -1.35
C LEU B 110 -21.80 25.25 -2.11
N THR B 111 -22.71 24.29 -2.30
CA THR B 111 -24.03 24.60 -2.86
C THR B 111 -24.85 25.44 -1.88
N ASP B 112 -24.75 25.13 -0.59
CA ASP B 112 -25.45 25.85 0.47
C ASP B 112 -24.89 27.27 0.62
N ALA B 113 -23.58 27.39 0.71
CA ALA B 113 -22.94 28.70 0.85
C ALA B 113 -23.32 29.65 -0.28
N GLU B 114 -23.39 29.14 -1.51
CA GLU B 114 -23.79 29.96 -2.66
C GLU B 114 -25.22 30.47 -2.54
N MET B 115 -26.11 29.66 -1.97
CA MET B 115 -27.47 30.09 -1.66
C MET B 115 -27.44 31.28 -0.70
N ASN B 116 -26.60 31.20 0.32
CA ASN B 116 -26.47 32.28 1.32
C ASN B 116 -25.77 33.51 0.75
N LYS B 117 -24.73 33.30 -0.06
CA LYS B 117 -23.99 34.40 -0.70
C LYS B 117 -24.92 35.33 -1.49
N LEU B 118 -25.84 34.73 -2.25
CA LEU B 118 -26.83 35.46 -3.03
C LEU B 118 -27.76 36.30 -2.15
N PHE B 119 -28.15 35.74 -1.00
CA PHE B 119 -29.01 36.43 -0.04
C PHE B 119 -28.35 37.68 0.52
N GLU B 120 -27.10 37.57 0.93
CA GLU B 120 -26.35 38.70 1.47
C GLU B 120 -26.04 39.74 0.39
N LYS B 121 -25.83 39.27 -0.84
CA LYS B 121 -25.64 40.16 -2.00
C LYS B 121 -26.90 40.98 -2.29
N THR B 122 -28.06 40.32 -2.27
CA THR B 122 -29.34 41.00 -2.50
C THR B 122 -29.66 41.99 -1.38
N ARG B 123 -29.38 41.60 -0.14
CA ARG B 123 -29.55 42.48 1.02
C ARG B 123 -28.73 43.75 0.88
N ARG B 124 -27.45 43.57 0.59
CA ARG B 124 -26.48 44.67 0.49
C ARG B 124 -26.92 45.74 -0.52
N GLN B 125 -27.55 45.30 -1.62
CA GLN B 125 -28.10 46.22 -2.63
C GLN B 125 -29.25 47.08 -2.09
N LEU B 126 -30.17 46.43 -1.37
CA LEU B 126 -31.39 47.08 -0.89
C LEU B 126 -31.11 48.20 0.11
N ARG B 127 -30.00 48.10 0.86
CA ARG B 127 -29.62 49.08 1.87
C ARG B 127 -30.72 49.17 2.95
N GLU B 128 -31.33 50.34 3.15
CA GLU B 128 -32.34 50.53 4.20
C GLU B 128 -33.76 50.56 3.64
N ASN B 129 -33.93 50.09 2.40
CA ASN B 129 -35.23 50.08 1.74
C ASN B 129 -35.99 48.76 1.87
N ALA B 130 -35.47 47.84 2.68
CA ALA B 130 -36.13 46.55 2.92
C ALA B 130 -35.67 45.88 4.22
N GLU B 131 -36.59 45.13 4.84
CA GLU B 131 -36.33 44.42 6.07
C GLU B 131 -36.49 42.91 5.85
N ASP B 132 -35.68 42.11 6.55
CA ASP B 132 -35.70 40.66 6.39
C ASP B 132 -36.98 40.04 6.98
N MET B 133 -37.86 39.55 6.10
CA MET B 133 -39.11 38.89 6.53
C MET B 133 -38.90 37.51 7.12
N GLY B 134 -37.75 36.89 6.82
CA GLY B 134 -37.51 35.53 7.23
C GLY B 134 -38.21 34.55 6.31
N GLY B 135 -37.69 33.33 6.25
CA GLY B 135 -38.11 32.35 5.26
C GLY B 135 -37.31 32.51 3.98
N GLY B 136 -36.29 33.37 4.01
CA GLY B 136 -35.51 33.73 2.83
C GLY B 136 -36.20 34.79 1.98
N CYS B 137 -37.05 35.61 2.60
CA CYS B 137 -37.82 36.63 1.88
C CYS B 137 -37.56 38.03 2.43
N PHE B 138 -37.50 39.01 1.54
CA PHE B 138 -37.40 40.42 1.93
C PHE B 138 -38.77 41.07 1.90
N LYS B 139 -38.86 42.29 2.42
CA LYS B 139 -40.04 43.12 2.24
C LYS B 139 -39.54 44.51 1.90
N ILE B 140 -39.73 44.89 0.63
CA ILE B 140 -39.30 46.19 0.15
C ILE B 140 -40.46 47.13 0.39
N TYR B 141 -40.18 48.30 0.96
CA TYR B 141 -41.21 49.22 1.43
C TYR B 141 -41.54 50.33 0.42
N HIS B 142 -41.39 50.03 -0.87
CA HIS B 142 -41.81 50.93 -1.94
C HIS B 142 -42.33 50.15 -3.14
N LYS B 143 -43.03 50.85 -4.04
CA LYS B 143 -43.56 50.24 -5.27
C LYS B 143 -42.43 49.81 -6.19
N CYS B 144 -42.31 48.50 -6.42
CA CYS B 144 -41.17 47.95 -7.14
C CYS B 144 -41.66 47.03 -8.26
N ASP B 145 -42.02 47.66 -9.39
CA ASP B 145 -42.42 46.97 -10.61
C ASP B 145 -41.32 46.05 -11.16
N ASN B 146 -41.58 45.37 -12.28
CA ASN B 146 -40.60 44.46 -12.88
C ASN B 146 -39.33 45.16 -13.35
N ALA B 147 -39.45 46.44 -13.72
CA ALA B 147 -38.30 47.27 -14.05
C ALA B 147 -37.42 47.45 -12.82
N CYS B 148 -38.08 47.71 -11.69
CA CYS B 148 -37.40 47.86 -10.40
C CYS B 148 -36.75 46.56 -9.94
N ILE B 149 -37.49 45.46 -9.98
CA ILE B 149 -36.96 44.14 -9.62
C ILE B 149 -35.79 43.74 -10.53
N GLY B 150 -35.90 44.10 -11.81
CA GLY B 150 -34.86 43.78 -12.79
C GLY B 150 -33.51 44.39 -12.50
N SER B 151 -33.50 45.62 -11.96
CA SER B 151 -32.27 46.27 -11.56
C SER B 151 -31.56 45.52 -10.43
N ILE B 152 -32.35 44.93 -9.52
CA ILE B 152 -31.78 44.12 -8.42
C ILE B 152 -31.13 42.87 -9.01
N ARG B 153 -31.87 42.13 -9.83
CA ARG B 153 -31.36 40.91 -10.47
C ARG B 153 -30.02 41.14 -11.17
N ASN B 154 -29.95 42.22 -11.95
CA ASN B 154 -28.75 42.55 -12.72
C ASN B 154 -27.70 43.37 -11.96
N GLY B 155 -27.85 43.47 -10.63
CA GLY B 155 -26.87 44.11 -9.76
C GLY B 155 -26.69 45.59 -10.06
N THR B 156 -27.80 46.30 -10.18
CA THR B 156 -27.79 47.71 -10.58
C THR B 156 -28.95 48.49 -9.96
N TYR B 157 -29.29 48.14 -8.72
CA TYR B 157 -30.38 48.80 -7.98
C TYR B 157 -29.79 49.96 -7.17
N ASP B 158 -30.34 51.16 -7.38
CA ASP B 158 -29.89 52.36 -6.64
C ASP B 158 -30.89 52.65 -5.52
N HIS B 159 -30.46 52.42 -4.29
CA HIS B 159 -31.31 52.63 -3.12
C HIS B 159 -31.70 54.10 -2.94
N TYR B 160 -30.79 55.01 -3.29
CA TYR B 160 -31.03 56.46 -3.14
C TYR B 160 -32.32 56.90 -3.84
N ILE B 161 -32.62 56.27 -4.98
CA ILE B 161 -33.81 56.60 -5.77
C ILE B 161 -35.11 56.34 -5.01
N TYR B 162 -35.14 55.24 -4.25
CA TYR B 162 -36.33 54.84 -3.50
C TYR B 162 -36.19 55.00 -1.98
N ARG B 163 -35.13 55.68 -1.53
CA ARG B 163 -34.83 55.76 -0.10
C ARG B 163 -35.94 56.47 0.68
N ASP B 164 -36.28 57.69 0.25
CA ASP B 164 -37.22 58.53 0.97
C ASP B 164 -38.56 57.85 1.19
N GLU B 165 -39.14 57.34 0.11
CA GLU B 165 -40.45 56.69 0.18
C GLU B 165 -40.45 55.49 1.14
N ALA B 166 -39.47 54.62 0.98
CA ALA B 166 -39.37 53.40 1.80
C ALA B 166 -39.08 53.72 3.26
N LEU B 167 -38.10 54.59 3.48
CA LEU B 167 -37.71 55.01 4.82
C LEU B 167 -38.89 55.68 5.53
N ASN B 168 -39.79 56.30 4.78
CA ASN B 168 -41.00 56.90 5.34
C ASN B 168 -42.10 55.86 5.60
N ASN B 169 -42.19 54.85 4.72
CA ASN B 169 -43.14 53.75 4.90
C ASN B 169 -42.79 52.80 6.05
N ARG B 170 -41.49 52.68 6.34
CA ARG B 170 -41.01 51.81 7.42
C ARG B 170 -41.33 52.36 8.81
N PHE B 171 -41.30 53.70 8.95
CA PHE B 171 -41.42 54.34 10.25
C PHE B 171 -42.57 55.36 10.31
N GLN B 172 -43.81 54.88 10.15
CA GLN B 172 -44.98 55.75 10.31
C GLN B 172 -46.26 54.97 10.62
N ASN C 2 -40.39 50.22 33.01
CA ASN C 2 -39.53 49.17 32.39
C ASN C 2 -39.94 48.90 30.95
N ASN C 3 -38.97 48.92 30.04
CA ASN C 3 -39.22 48.72 28.62
C ASN C 3 -37.98 48.27 27.83
N THR C 4 -37.22 47.35 28.42
CA THR C 4 -36.05 46.76 27.77
C THR C 4 -35.80 45.33 28.25
N ALA C 5 -35.13 44.56 27.40
CA ALA C 5 -34.65 43.24 27.75
C ALA C 5 -33.22 43.12 27.24
N THR C 6 -32.61 41.97 27.48
CA THR C 6 -31.28 41.69 26.95
C THR C 6 -31.13 40.19 26.76
N LEU C 7 -31.25 39.76 25.51
CA LEU C 7 -31.15 38.34 25.15
C LEU C 7 -29.77 38.07 24.60
N CYS C 8 -29.04 37.16 25.26
CA CYS C 8 -27.72 36.73 24.80
C CYS C 8 -27.75 35.25 24.50
N LEU C 9 -26.86 34.82 23.61
CA LEU C 9 -26.80 33.42 23.20
C LEU C 9 -25.45 32.81 23.51
N GLY C 10 -25.44 31.49 23.60
CA GLY C 10 -24.19 30.77 23.82
C GLY C 10 -24.29 29.27 23.86
N HIS C 11 -23.17 28.66 24.22
CA HIS C 11 -22.98 27.22 24.22
C HIS C 11 -22.49 26.76 25.60
N HIS C 12 -22.54 25.45 25.84
CA HIS C 12 -22.11 24.91 27.13
C HIS C 12 -20.60 24.75 27.21
N ALA C 13 -20.12 24.48 28.42
CA ALA C 13 -18.71 24.23 28.68
C ALA C 13 -18.57 23.14 29.73
N VAL C 14 -17.37 22.55 29.79
CA VAL C 14 -17.07 21.50 30.77
C VAL C 14 -15.74 21.79 31.44
N ALA C 15 -15.58 21.30 32.67
CA ALA C 15 -14.35 21.49 33.44
C ALA C 15 -13.18 20.74 32.80
N ASN C 16 -13.36 19.45 32.59
CA ASN C 16 -12.32 18.61 31.98
C ASN C 16 -12.59 18.31 30.50
N GLY C 17 -12.14 19.22 29.63
CA GLY C 17 -12.14 18.99 28.20
C GLY C 17 -10.95 18.13 27.83
N THR C 18 -11.11 17.30 26.79
CA THR C 18 -10.04 16.42 26.34
C THR C 18 -9.36 17.00 25.10
N LEU C 19 -8.08 16.67 24.90
CA LEU C 19 -7.29 17.23 23.82
C LEU C 19 -7.35 16.37 22.56
N VAL C 20 -7.36 17.03 21.39
CA VAL C 20 -7.41 16.35 20.09
C VAL C 20 -6.50 17.04 19.06
N LYS C 21 -6.28 16.37 17.93
CA LYS C 21 -5.44 16.88 16.85
C LYS C 21 -6.28 17.28 15.65
N THR C 22 -5.94 18.42 15.04
CA THR C 22 -6.67 18.95 13.88
C THR C 22 -5.71 19.32 12.75
N ILE C 23 -6.31 19.74 11.63
CA ILE C 23 -5.55 20.15 10.44
C ILE C 23 -4.61 21.32 10.76
N THR C 24 -5.10 22.26 11.58
CA THR C 24 -4.34 23.44 11.94
C THR C 24 -3.62 23.26 13.27
N ASP C 25 -4.39 23.17 14.35
CA ASP C 25 -3.82 23.14 15.71
C ASP C 25 -3.39 21.74 16.12
N ASP C 26 -2.21 21.65 16.71
CA ASP C 26 -1.62 20.37 17.11
C ASP C 26 -2.34 19.77 18.31
N GLN C 27 -2.47 20.57 19.37
CA GLN C 27 -3.17 20.16 20.58
C GLN C 27 -4.26 21.18 20.88
N ILE C 28 -5.51 20.82 20.65
CA ILE C 28 -6.65 21.70 20.92
C ILE C 28 -7.66 20.98 21.80
N GLU C 29 -8.31 21.74 22.69
CA GLU C 29 -9.16 21.17 23.71
C GLU C 29 -10.64 21.26 23.32
N VAL C 30 -11.30 20.10 23.32
CA VAL C 30 -12.73 20.01 23.05
C VAL C 30 -13.47 19.50 24.28
N THR C 31 -14.80 19.64 24.29
CA THR C 31 -15.60 19.23 25.46
C THR C 31 -15.59 17.72 25.67
N ASN C 32 -15.38 16.96 24.60
CA ASN C 32 -15.49 15.51 24.66
C ASN C 32 -14.76 14.83 23.50
N ALA C 33 -14.46 13.55 23.65
CA ALA C 33 -13.80 12.77 22.59
C ALA C 33 -14.08 11.28 22.77
N THR C 34 -13.50 10.47 21.90
CA THR C 34 -13.59 9.01 22.00
C THR C 34 -12.39 8.36 21.32
N GLU C 35 -11.94 7.25 21.88
CA GLU C 35 -10.72 6.59 21.42
C GLU C 35 -11.02 5.69 20.23
N LEU C 36 -10.23 5.85 19.17
CA LEU C 36 -10.35 5.02 17.97
C LEU C 36 -9.29 3.93 17.88
N VAL C 37 -8.22 4.04 18.66
CA VAL C 37 -7.16 3.04 18.68
C VAL C 37 -7.34 2.12 19.88
N GLN C 38 -7.55 0.84 19.64
CA GLN C 38 -7.60 -0.16 20.70
C GLN C 38 -6.19 -0.45 21.21
N SER C 39 -5.89 0.04 22.40
CA SER C 39 -4.54 -0.06 22.99
C SER C 39 -4.40 -1.25 23.95
N ILE C 40 -5.41 -1.46 24.78
CA ILE C 40 -5.39 -2.55 25.76
C ILE C 40 -5.90 -3.86 25.15
N SER C 41 -5.84 -4.93 25.94
CA SER C 41 -6.34 -6.24 25.53
C SER C 41 -6.94 -6.95 26.73
N ILE C 42 -7.57 -8.10 26.48
CA ILE C 42 -8.16 -8.92 27.54
C ILE C 42 -7.09 -9.71 28.27
N GLY C 43 -6.08 -10.17 27.53
CA GLY C 43 -4.97 -10.95 28.10
C GLY C 43 -5.09 -12.45 27.89
N LYS C 44 -6.21 -12.88 27.31
CA LYS C 44 -6.46 -14.30 27.08
C LYS C 44 -7.29 -14.49 25.80
N ILE C 45 -7.02 -15.57 25.08
CA ILE C 45 -7.70 -15.85 23.81
C ILE C 45 -9.08 -16.43 24.08
N CYS C 46 -10.10 -15.87 23.42
CA CYS C 46 -11.48 -16.36 23.55
C CYS C 46 -11.75 -17.44 22.50
N ASN C 47 -12.56 -18.43 22.87
CA ASN C 47 -12.80 -19.60 22.01
C ASN C 47 -14.25 -20.07 21.99
N ASN C 48 -15.18 -19.11 21.93
CA ASN C 48 -16.58 -19.40 21.61
C ASN C 48 -16.94 -18.93 20.20
N SER C 49 -16.35 -17.81 19.77
CA SER C 49 -16.54 -17.31 18.41
C SER C 49 -15.92 -18.25 17.38
N TYR C 50 -14.62 -18.46 17.50
CA TYR C 50 -13.88 -19.36 16.61
C TYR C 50 -13.46 -20.62 17.35
N ARG C 51 -13.19 -21.69 16.59
CA ARG C 51 -12.68 -22.94 17.14
C ARG C 51 -11.16 -22.87 17.29
N VAL C 52 -10.70 -22.39 18.44
CA VAL C 52 -9.27 -22.30 18.72
C VAL C 52 -8.78 -23.64 19.26
N LEU C 53 -7.72 -24.16 18.64
CA LEU C 53 -7.14 -25.45 19.04
C LEU C 53 -5.78 -25.23 19.68
N ASP C 54 -5.66 -25.64 20.94
CA ASP C 54 -4.40 -25.55 21.68
C ASP C 54 -3.43 -26.60 21.16
N GLY C 55 -2.35 -26.14 20.53
CA GLY C 55 -1.33 -27.03 19.96
C GLY C 55 -0.44 -27.73 20.97
N ARG C 56 -0.39 -27.20 22.19
CA ARG C 56 0.40 -27.80 23.29
C ARG C 56 1.89 -27.78 22.94
N ASN C 57 2.64 -28.82 23.31
CA ASN C 57 4.05 -28.94 22.96
C ASN C 57 4.28 -29.39 21.51
N CYS C 58 3.20 -29.66 20.77
CA CYS C 58 3.31 -30.02 19.37
C CYS C 58 3.30 -28.79 18.47
N THR C 59 4.12 -28.84 17.42
CA THR C 59 4.04 -27.88 16.33
C THR C 59 3.03 -28.39 15.31
N LEU C 60 2.70 -27.57 14.34
CA LEU C 60 1.74 -27.95 13.30
C LEU C 60 2.28 -29.08 12.44
N ILE C 61 3.58 -29.04 12.13
CA ILE C 61 4.21 -30.06 11.28
C ILE C 61 4.50 -31.36 12.05
N ASP C 62 4.83 -31.27 13.33
CA ASP C 62 4.99 -32.47 14.16
C ASP C 62 3.68 -33.23 14.26
N ALA C 63 2.60 -32.50 14.53
CA ALA C 63 1.25 -33.08 14.59
C ALA C 63 0.82 -33.67 13.24
N MET C 64 1.25 -33.01 12.16
CA MET C 64 0.99 -33.49 10.81
C MET C 64 1.68 -34.83 10.57
N LEU C 65 2.99 -34.88 10.82
CA LEU C 65 3.77 -36.09 10.60
C LEU C 65 3.24 -37.27 11.42
N GLY C 66 2.99 -37.03 12.71
CA GLY C 66 2.43 -38.05 13.60
C GLY C 66 3.40 -38.44 14.70
N ASP C 67 3.81 -37.44 15.48
CA ASP C 67 4.78 -37.64 16.55
C ASP C 67 4.13 -38.38 17.72
N PRO C 68 4.85 -39.30 18.38
CA PRO C 68 4.37 -40.06 19.55
C PRO C 68 3.54 -39.27 20.58
N HIS C 69 3.97 -38.04 20.89
CA HIS C 69 3.28 -37.21 21.88
C HIS C 69 2.19 -36.32 21.26
N CYS C 70 2.02 -36.43 19.94
CA CYS C 70 0.96 -35.70 19.21
C CYS C 70 -0.07 -36.67 18.63
N ASP C 71 -0.37 -37.74 19.38
CA ASP C 71 -1.37 -38.72 18.95
C ASP C 71 -2.80 -38.19 19.13
N ASP C 72 -2.94 -37.14 19.94
CA ASP C 72 -4.25 -36.51 20.17
C ASP C 72 -4.73 -35.74 18.93
N PHE C 73 -3.81 -35.27 18.11
CA PHE C 73 -4.15 -34.47 16.93
C PHE C 73 -4.10 -35.29 15.64
N GLN C 74 -4.60 -36.52 15.69
CA GLN C 74 -4.60 -37.41 14.52
C GLN C 74 -5.77 -37.14 13.58
N TYR C 75 -6.95 -36.82 14.13
CA TYR C 75 -8.15 -36.54 13.33
C TYR C 75 -8.81 -35.20 13.65
N GLU C 76 -8.22 -34.42 14.55
CA GLU C 76 -8.84 -33.17 15.01
C GLU C 76 -8.61 -32.04 14.00
N ASN C 77 -9.51 -31.05 14.04
CA ASN C 77 -9.47 -29.92 13.12
C ASN C 77 -9.71 -28.60 13.86
N TRP C 78 -9.47 -27.48 13.17
CA TRP C 78 -9.48 -26.17 13.81
C TRP C 78 -9.87 -25.03 12.88
N ASP C 79 -10.21 -23.89 13.49
CA ASP C 79 -10.30 -22.62 12.79
C ASP C 79 -9.01 -21.83 12.99
N LEU C 80 -8.45 -21.89 14.20
CA LEU C 80 -7.15 -21.29 14.50
C LEU C 80 -6.30 -22.25 15.34
N PHE C 81 -5.05 -22.44 14.95
CA PHE C 81 -4.12 -23.32 15.66
C PHE C 81 -3.05 -22.50 16.38
N ILE C 82 -2.79 -22.84 17.63
CA ILE C 82 -1.87 -22.09 18.48
C ILE C 82 -0.59 -22.87 18.78
N GLU C 83 0.48 -22.55 18.06
CA GLU C 83 1.79 -23.14 18.31
C GLU C 83 2.44 -22.46 19.51
N ARG C 84 2.86 -23.26 20.49
CA ARG C 84 3.53 -22.76 21.68
C ARG C 84 5.04 -22.71 21.45
N SER C 85 5.69 -21.67 21.98
CA SER C 85 7.14 -21.56 21.91
C SER C 85 7.82 -22.68 22.68
N SER C 86 7.12 -23.22 23.69
CA SER C 86 7.57 -24.41 24.41
C SER C 86 7.10 -25.68 23.68
N ALA C 87 7.50 -25.84 22.43
CA ALA C 87 7.13 -27.00 21.63
C ALA C 87 8.39 -27.79 21.26
N PHE C 88 8.26 -29.11 21.21
CA PHE C 88 9.39 -29.98 20.88
C PHE C 88 9.03 -31.05 19.86
N SER C 89 10.06 -31.55 19.18
CA SER C 89 9.94 -32.67 18.25
C SER C 89 10.60 -33.89 18.88
N ASN C 90 9.79 -34.87 19.27
CA ASN C 90 10.25 -36.04 20.02
C ASN C 90 10.15 -37.29 19.16
N CYS C 91 10.85 -37.26 18.04
CA CYS C 91 10.94 -38.41 17.15
C CYS C 91 12.27 -38.36 16.38
N TYR C 92 12.29 -38.85 15.15
CA TYR C 92 13.51 -38.87 14.35
C TYR C 92 13.93 -37.45 13.96
N PRO C 93 15.24 -37.15 13.93
CA PRO C 93 15.69 -35.82 13.51
C PRO C 93 15.38 -35.54 12.03
N TYR C 94 14.63 -34.48 11.77
CA TYR C 94 14.17 -34.17 10.41
C TYR C 94 14.34 -32.68 10.07
N ASP C 95 14.51 -32.40 8.79
CA ASP C 95 14.52 -31.04 8.26
C ASP C 95 13.62 -30.96 7.03
N ILE C 96 13.15 -29.76 6.71
CA ILE C 96 12.26 -29.57 5.57
C ILE C 96 12.70 -28.34 4.76
N PRO C 97 13.12 -28.55 3.50
CA PRO C 97 13.41 -27.40 2.64
C PRO C 97 12.10 -26.73 2.24
N ASP C 98 12.03 -25.41 2.45
CA ASP C 98 10.78 -24.66 2.34
C ASP C 98 9.79 -25.17 3.38
N TYR C 99 10.23 -25.15 4.64
CA TYR C 99 9.45 -25.60 5.80
C TYR C 99 8.13 -24.85 5.91
N ALA C 100 8.19 -23.53 5.75
CA ALA C 100 7.04 -22.65 5.97
C ALA C 100 5.88 -22.91 5.01
N SER C 101 6.20 -23.27 3.76
CA SER C 101 5.17 -23.58 2.77
C SER C 101 4.27 -24.71 3.24
N LEU C 102 4.90 -25.82 3.64
CA LEU C 102 4.17 -26.97 4.16
C LEU C 102 3.35 -26.58 5.38
N ARG C 103 3.96 -25.82 6.28
CA ARG C 103 3.30 -25.30 7.48
C ARG C 103 2.05 -24.50 7.12
N SER C 104 2.21 -23.60 6.14
CA SER C 104 1.11 -22.72 5.73
C SER C 104 -0.04 -23.49 5.09
N ILE C 105 0.30 -24.47 4.26
CA ILE C 105 -0.69 -25.28 3.56
C ILE C 105 -1.60 -26.03 4.54
N VAL C 106 -0.99 -26.62 5.57
CA VAL C 106 -1.74 -27.35 6.59
C VAL C 106 -2.61 -26.38 7.40
N ALA C 107 -2.07 -25.19 7.68
CA ALA C 107 -2.81 -24.16 8.42
C ALA C 107 -4.02 -23.65 7.63
N SER C 108 -3.81 -23.33 6.36
CA SER C 108 -4.88 -22.86 5.49
C SER C 108 -5.95 -23.92 5.27
N SER C 109 -5.52 -25.19 5.21
CA SER C 109 -6.43 -26.32 5.10
C SER C 109 -7.36 -26.38 6.31
N GLY C 110 -6.79 -26.25 7.50
CA GLY C 110 -7.57 -26.18 8.73
C GLY C 110 -8.06 -27.51 9.26
N THR C 111 -7.39 -28.60 8.88
CA THR C 111 -7.77 -29.93 9.34
C THR C 111 -6.59 -30.90 9.23
N LEU C 112 -6.69 -32.01 9.97
CA LEU C 112 -5.68 -33.06 9.92
C LEU C 112 -6.33 -34.45 9.88
N GLU C 113 -7.43 -34.58 9.14
CA GLU C 113 -8.03 -35.90 8.95
C GLU C 113 -7.20 -36.66 7.91
N PHE C 114 -7.16 -37.98 8.05
CA PHE C 114 -6.25 -38.81 7.27
C PHE C 114 -6.93 -40.05 6.74
N THR C 115 -7.03 -40.15 5.41
CA THR C 115 -7.56 -41.33 4.75
C THR C 115 -6.40 -42.20 4.30
N ALA C 116 -6.24 -43.37 4.94
CA ALA C 116 -5.15 -44.28 4.62
C ALA C 116 -5.46 -45.07 3.35
N GLU C 117 -4.41 -45.46 2.62
CA GLU C 117 -4.54 -46.22 1.38
C GLU C 117 -3.56 -47.39 1.34
N GLY C 118 -4.07 -48.55 0.94
CA GLY C 118 -3.27 -49.78 0.90
C GLY C 118 -2.37 -49.85 -0.32
N PHE C 119 -1.13 -49.39 -0.17
CA PHE C 119 -0.14 -49.44 -1.25
C PHE C 119 0.37 -50.87 -1.43
N THR C 120 0.93 -51.14 -2.60
CA THR C 120 1.43 -52.48 -2.93
C THR C 120 2.95 -52.54 -2.76
N TRP C 121 3.38 -52.71 -1.51
CA TRP C 121 4.82 -52.74 -1.18
C TRP C 121 5.37 -54.16 -1.30
N THR C 122 5.75 -54.53 -2.53
CA THR C 122 6.27 -55.88 -2.80
C THR C 122 7.76 -55.95 -2.49
N GLY C 123 8.17 -57.01 -1.80
CA GLY C 123 9.58 -57.29 -1.55
C GLY C 123 10.28 -56.34 -0.59
N VAL C 124 9.53 -55.79 0.36
CA VAL C 124 10.08 -54.89 1.37
C VAL C 124 9.35 -55.07 2.71
N THR C 125 9.98 -54.59 3.78
CA THR C 125 9.42 -54.72 5.13
C THR C 125 8.93 -53.36 5.66
N GLN C 126 7.68 -53.34 6.12
CA GLN C 126 7.03 -52.12 6.58
C GLN C 126 7.27 -51.91 8.08
N ASN C 127 6.72 -50.81 8.61
CA ASN C 127 6.77 -50.50 10.04
C ASN C 127 8.20 -50.43 10.60
N GLY C 128 9.07 -49.68 9.93
CA GLY C 128 10.44 -49.47 10.39
C GLY C 128 10.46 -48.46 11.53
N GLY C 129 11.07 -48.85 12.65
CA GLY C 129 11.06 -48.03 13.88
C GLY C 129 12.42 -47.51 14.29
N SER C 130 12.44 -46.83 15.43
CA SER C 130 13.67 -46.23 15.96
C SER C 130 13.59 -46.02 17.47
N GLY C 131 14.75 -46.07 18.13
CA GLY C 131 14.83 -45.83 19.58
C GLY C 131 14.63 -44.38 19.96
N ALA C 132 14.89 -43.47 19.02
CA ALA C 132 14.74 -42.04 19.27
C ALA C 132 13.32 -41.53 18.96
N CYS C 133 12.33 -42.41 19.03
CA CYS C 133 10.94 -42.05 18.76
C CYS C 133 10.02 -43.09 19.41
N LYS C 134 9.97 -43.05 20.74
CA LYS C 134 9.24 -44.05 21.51
C LYS C 134 7.75 -43.71 21.60
N ARG C 135 6.90 -44.60 21.08
CA ARG C 135 5.45 -44.45 21.16
C ARG C 135 4.94 -45.14 22.42
N GLY C 136 5.16 -44.49 23.56
CA GLY C 136 4.85 -45.06 24.87
C GLY C 136 6.11 -45.57 25.54
N SER C 137 6.76 -46.53 24.89
CA SER C 137 8.00 -47.10 25.38
C SER C 137 8.80 -47.76 24.26
N ALA C 138 8.17 -48.71 23.58
CA ALA C 138 8.80 -49.43 22.46
C ALA C 138 9.09 -48.49 21.28
N ASP C 139 9.98 -48.94 20.40
CA ASP C 139 10.40 -48.14 19.24
C ASP C 139 9.23 -47.90 18.28
N SER C 140 9.26 -46.76 17.59
CA SER C 140 8.18 -46.38 16.68
C SER C 140 8.62 -45.31 15.69
N PHE C 141 7.68 -44.87 14.85
CA PHE C 141 7.95 -43.86 13.82
C PHE C 141 6.70 -42.99 13.63
N PHE C 142 6.83 -41.92 12.86
CA PHE C 142 5.71 -41.06 12.50
C PHE C 142 4.56 -41.90 11.96
N SER C 143 3.38 -41.75 12.54
CA SER C 143 2.25 -42.63 12.23
C SER C 143 1.78 -42.53 10.77
N ARG C 144 1.78 -41.31 10.21
CA ARG C 144 1.34 -41.10 8.83
C ARG C 144 2.40 -41.47 7.78
N LEU C 145 3.65 -41.62 8.21
CA LEU C 145 4.74 -42.08 7.33
C LEU C 145 5.02 -43.56 7.55
N ASN C 146 5.90 -44.11 6.72
CA ASN C 146 6.24 -45.52 6.78
C ASN C 146 7.69 -45.75 6.33
N TRP C 147 8.56 -46.12 7.27
CA TRP C 147 9.95 -46.39 6.98
C TRP C 147 10.11 -47.81 6.40
N LEU C 148 10.54 -47.88 5.14
CA LEU C 148 10.76 -49.16 4.47
C LEU C 148 12.25 -49.52 4.46
N THR C 149 12.54 -50.81 4.57
CA THR C 149 13.91 -51.33 4.45
C THR C 149 13.90 -52.64 3.68
N LYS C 150 15.10 -53.10 3.30
CA LYS C 150 15.25 -54.34 2.51
C LYS C 150 14.67 -55.56 3.21
N SER C 151 14.06 -56.44 2.44
CA SER C 151 13.44 -57.66 2.96
C SER C 151 14.30 -58.89 2.70
N GLY C 152 15.25 -59.13 3.61
CA GLY C 152 16.12 -60.30 3.53
C GLY C 152 17.46 -60.02 2.89
N ASN C 153 17.60 -60.37 1.62
CA ASN C 153 18.87 -60.28 0.91
C ASN C 153 18.99 -59.11 -0.06
N SER C 154 17.87 -58.64 -0.61
CA SER C 154 17.88 -57.59 -1.63
C SER C 154 16.79 -56.53 -1.41
N TYR C 155 16.93 -55.42 -2.15
CA TYR C 155 15.93 -54.36 -2.16
C TYR C 155 15.49 -54.14 -3.62
N PRO C 156 14.22 -54.44 -3.93
CA PRO C 156 13.73 -54.27 -5.30
C PRO C 156 13.42 -52.82 -5.62
N ILE C 157 13.52 -52.45 -6.89
CA ILE C 157 13.21 -51.09 -7.33
C ILE C 157 11.69 -50.90 -7.24
N LEU C 158 11.24 -50.28 -6.15
CA LEU C 158 9.82 -50.16 -5.85
C LEU C 158 9.06 -49.33 -6.89
N ASN C 159 7.80 -49.70 -7.08
CA ASN C 159 6.94 -49.07 -8.08
C ASN C 159 5.47 -49.23 -7.71
N VAL C 160 4.84 -48.11 -7.36
CA VAL C 160 3.42 -48.10 -6.97
C VAL C 160 2.73 -46.86 -7.54
N THR C 161 1.42 -46.99 -7.77
CA THR C 161 0.61 -45.89 -8.27
C THR C 161 -0.69 -45.78 -7.48
N MET C 162 -1.15 -44.56 -7.29
CA MET C 162 -2.37 -44.30 -6.52
C MET C 162 -3.19 -43.21 -7.21
N PRO C 163 -4.15 -43.63 -8.07
CA PRO C 163 -4.93 -42.65 -8.84
C PRO C 163 -5.90 -41.84 -7.99
N ASN C 164 -6.08 -40.57 -8.34
CA ASN C 164 -7.03 -39.70 -7.67
C ASN C 164 -8.38 -39.70 -8.41
N ASN C 165 -9.28 -40.56 -7.96
CA ASN C 165 -10.65 -40.60 -8.47
C ASN C 165 -11.58 -39.72 -7.63
N LYS C 166 -11.02 -38.98 -6.67
CA LYS C 166 -11.79 -38.10 -5.81
C LYS C 166 -11.96 -36.75 -6.50
N ASN C 167 -12.75 -35.86 -5.90
CA ASN C 167 -12.98 -34.53 -6.47
C ASN C 167 -12.41 -33.41 -5.61
N PHE C 168 -11.20 -33.63 -5.09
CA PHE C 168 -10.47 -32.61 -4.34
C PHE C 168 -8.97 -32.90 -4.36
N ASP C 169 -8.19 -31.94 -3.87
CA ASP C 169 -6.73 -32.03 -3.89
C ASP C 169 -6.22 -32.97 -2.81
N LYS C 170 -5.56 -34.06 -3.22
CA LYS C 170 -4.93 -34.98 -2.28
C LYS C 170 -3.54 -34.48 -1.89
N LEU C 171 -3.23 -34.50 -0.60
CA LEU C 171 -1.90 -34.10 -0.11
C LEU C 171 -1.14 -35.28 0.47
N TYR C 172 -0.21 -35.83 -0.32
CA TYR C 172 0.64 -36.92 0.12
C TYR C 172 1.89 -36.37 0.79
N ILE C 173 2.12 -36.77 2.03
CA ILE C 173 3.34 -36.41 2.76
C ILE C 173 4.29 -37.59 2.74
N TRP C 174 5.51 -37.35 2.28
CA TRP C 174 6.53 -38.39 2.12
C TRP C 174 7.91 -37.80 2.41
N GLY C 175 8.95 -38.61 2.25
CA GLY C 175 10.31 -38.13 2.46
C GLY C 175 11.38 -39.10 1.99
N ILE C 176 12.63 -38.73 2.26
CA ILE C 176 13.79 -39.55 1.91
C ILE C 176 14.75 -39.61 3.09
N HIS C 177 15.42 -40.75 3.25
CA HIS C 177 16.28 -41.00 4.40
C HIS C 177 17.76 -40.75 4.08
N HIS C 178 18.51 -40.30 5.09
CA HIS C 178 19.93 -40.02 4.97
C HIS C 178 20.71 -40.84 6.01
N PRO C 179 21.28 -41.99 5.60
CA PRO C 179 22.04 -42.84 6.53
C PRO C 179 23.29 -42.15 7.09
N SER C 180 23.74 -42.62 8.25
CA SER C 180 24.86 -42.00 8.96
C SER C 180 26.22 -42.38 8.35
N SER C 181 26.37 -43.64 7.97
CA SER C 181 27.65 -44.15 7.44
C SER C 181 27.45 -44.98 6.17
N ASN C 182 28.57 -45.34 5.52
CA ASN C 182 28.55 -46.09 4.26
C ASN C 182 28.07 -47.53 4.41
N LYS C 183 28.47 -48.16 5.52
CA LYS C 183 27.98 -49.51 5.86
C LYS C 183 26.45 -49.56 6.02
N GLU C 184 25.88 -48.46 6.51
CA GLU C 184 24.45 -48.40 6.85
C GLU C 184 23.54 -48.33 5.63
N GLN C 185 24.05 -47.78 4.52
CA GLN C 185 23.31 -47.72 3.26
C GLN C 185 23.10 -49.13 2.69
N THR C 186 24.17 -49.93 2.67
CA THR C 186 24.11 -51.31 2.22
C THR C 186 23.45 -52.25 3.23
N LYS C 187 23.53 -51.89 4.52
CA LYS C 187 22.93 -52.68 5.59
C LYS C 187 21.41 -52.67 5.50
N LEU C 188 20.82 -51.48 5.64
CA LEU C 188 19.37 -51.34 5.70
C LEU C 188 18.68 -51.41 4.34
N TYR C 189 19.38 -50.99 3.28
CA TYR C 189 18.75 -50.83 1.96
C TYR C 189 19.43 -51.60 0.81
N ILE C 190 20.47 -52.38 1.11
CA ILE C 190 21.21 -53.18 0.10
C ILE C 190 21.79 -52.33 -1.04
N GLN C 191 20.91 -51.77 -1.88
CA GLN C 191 21.30 -50.95 -3.01
C GLN C 191 22.29 -49.86 -2.60
N GLU C 192 23.35 -49.68 -3.39
CA GLU C 192 24.42 -48.76 -3.05
C GLU C 192 24.00 -47.29 -3.18
N SER C 193 23.41 -46.95 -4.32
CA SER C 193 22.94 -45.59 -4.59
C SER C 193 21.43 -45.50 -4.42
N GLY C 194 20.99 -44.85 -3.34
CA GLY C 194 19.56 -44.65 -3.08
C GLY C 194 18.97 -43.56 -3.97
N ARG C 195 17.65 -43.60 -4.13
CA ARG C 195 16.95 -42.62 -4.97
C ARG C 195 15.44 -42.72 -4.81
N VAL C 196 14.75 -41.58 -4.92
CA VAL C 196 13.29 -41.52 -4.88
C VAL C 196 12.79 -40.57 -5.97
N THR C 197 11.72 -40.97 -6.66
CA THR C 197 11.15 -40.15 -7.74
C THR C 197 9.61 -40.16 -7.69
N VAL C 198 9.06 -39.19 -6.96
CA VAL C 198 7.62 -38.97 -6.95
C VAL C 198 7.27 -38.02 -8.08
N SER C 199 6.24 -38.36 -8.86
CA SER C 199 5.87 -37.58 -10.02
C SER C 199 4.39 -37.70 -10.38
N THR C 200 3.78 -36.56 -10.70
CA THR C 200 2.42 -36.52 -11.23
C THR C 200 2.50 -36.56 -12.75
N GLU C 201 1.37 -36.35 -13.42
CA GLU C 201 1.36 -36.16 -14.87
C GLU C 201 1.87 -34.77 -15.25
N ARG C 202 1.79 -33.83 -14.31
CA ARG C 202 2.16 -32.43 -14.57
C ARG C 202 3.63 -32.15 -14.23
N SER C 203 4.08 -32.69 -13.10
CA SER C 203 5.40 -32.37 -12.55
C SER C 203 6.17 -33.60 -12.09
N GLN C 204 7.40 -33.39 -11.63
CA GLN C 204 8.24 -34.44 -11.07
C GLN C 204 9.00 -33.95 -9.85
N GLN C 205 9.44 -34.88 -9.01
CA GLN C 205 10.27 -34.58 -7.85
C GLN C 205 11.23 -35.74 -7.59
N THR C 206 12.46 -35.60 -8.07
CA THR C 206 13.49 -36.63 -7.85
C THR C 206 14.46 -36.17 -6.78
N VAL C 207 14.76 -37.06 -5.82
CA VAL C 207 15.62 -36.73 -4.69
C VAL C 207 16.71 -37.80 -4.51
N ILE C 208 17.86 -37.39 -3.99
CA ILE C 208 19.00 -38.26 -3.77
C ILE C 208 19.45 -38.14 -2.31
N PRO C 209 19.67 -39.28 -1.62
CA PRO C 209 20.12 -39.24 -0.22
C PRO C 209 21.60 -38.90 -0.10
N ASN C 210 22.06 -38.67 1.13
CA ASN C 210 23.44 -38.25 1.39
C ASN C 210 24.00 -38.93 2.63
N ILE C 211 25.00 -39.77 2.42
CA ILE C 211 25.60 -40.56 3.50
C ILE C 211 26.67 -39.73 4.22
N GLY C 212 26.40 -39.37 5.47
CA GLY C 212 27.33 -38.58 6.27
C GLY C 212 26.82 -38.38 7.68
N SER C 213 27.74 -38.10 8.60
CA SER C 213 27.39 -37.89 10.01
C SER C 213 26.82 -36.51 10.26
N ARG C 214 25.79 -36.45 11.12
CA ARG C 214 25.19 -35.21 11.58
C ARG C 214 25.33 -35.13 13.11
N PRO C 215 25.08 -33.94 13.70
CA PRO C 215 25.13 -33.80 15.15
C PRO C 215 24.25 -34.78 15.91
N TRP C 216 24.60 -35.05 17.17
CA TRP C 216 23.90 -36.05 17.99
C TRP C 216 22.51 -35.54 18.37
N VAL C 217 21.48 -36.26 17.91
CA VAL C 217 20.09 -35.93 18.23
C VAL C 217 19.38 -37.15 18.81
N ARG C 218 19.40 -37.26 20.13
CA ARG C 218 18.77 -38.37 20.87
C ARG C 218 19.18 -39.74 20.33
N GLY C 219 20.47 -39.91 20.06
CA GLY C 219 21.03 -41.18 19.65
C GLY C 219 20.94 -41.44 18.15
N GLN C 220 21.17 -40.41 17.35
CA GLN C 220 21.22 -40.56 15.90
C GLN C 220 22.02 -39.48 15.19
N SER C 221 22.76 -39.91 14.16
CA SER C 221 23.57 -39.02 13.34
C SER C 221 23.07 -39.03 11.89
N GLY C 222 21.77 -39.24 11.72
CA GLY C 222 21.15 -39.28 10.40
C GLY C 222 20.05 -38.23 10.25
N ARG C 223 19.44 -38.18 9.07
CA ARG C 223 18.40 -37.19 8.75
C ARG C 223 17.32 -37.78 7.86
N ILE C 224 16.17 -37.11 7.84
CA ILE C 224 15.08 -37.44 6.92
C ILE C 224 14.50 -36.15 6.35
N SER C 225 14.73 -35.92 5.06
CA SER C 225 14.23 -34.74 4.37
C SER C 225 12.78 -34.95 3.94
N ILE C 226 11.87 -34.19 4.55
CA ILE C 226 10.44 -34.34 4.29
C ILE C 226 10.03 -33.51 3.07
N TYR C 227 9.23 -34.13 2.19
CA TYR C 227 8.66 -33.46 1.03
C TYR C 227 7.15 -33.69 1.02
N TRP C 228 6.47 -33.04 0.09
CA TRP C 228 5.03 -33.24 -0.09
C TRP C 228 4.67 -33.08 -1.56
N THR C 229 3.58 -33.72 -1.97
CA THR C 229 3.10 -33.63 -3.33
C THR C 229 1.58 -33.62 -3.37
N ILE C 230 1.02 -32.64 -4.08
CA ILE C 230 -0.42 -32.52 -4.25
C ILE C 230 -0.82 -33.18 -5.57
N VAL C 231 -1.95 -33.88 -5.55
CA VAL C 231 -2.49 -34.54 -6.74
C VAL C 231 -3.92 -34.08 -6.98
N LYS C 232 -4.20 -33.62 -8.19
CA LYS C 232 -5.51 -33.09 -8.55
C LYS C 232 -6.46 -34.18 -9.03
N PRO C 233 -7.78 -33.91 -9.01
CA PRO C 233 -8.79 -34.87 -9.49
C PRO C 233 -8.47 -35.40 -10.88
N GLY C 234 -8.40 -36.73 -11.00
CA GLY C 234 -8.03 -37.38 -12.26
C GLY C 234 -6.54 -37.67 -12.38
N ASP C 235 -5.72 -36.77 -11.85
CA ASP C 235 -4.26 -36.93 -11.89
C ASP C 235 -3.83 -38.13 -11.05
N ILE C 236 -2.70 -38.74 -11.41
CA ILE C 236 -2.24 -39.97 -10.77
C ILE C 236 -0.91 -39.78 -10.05
N LEU C 237 -0.76 -40.44 -8.91
CA LEU C 237 0.48 -40.45 -8.15
C LEU C 237 1.31 -41.66 -8.58
N MET C 238 2.63 -41.47 -8.69
CA MET C 238 3.54 -42.57 -9.00
C MET C 238 4.88 -42.37 -8.29
N ILE C 239 5.27 -43.36 -7.49
CA ILE C 239 6.55 -43.36 -6.81
C ILE C 239 7.45 -44.40 -7.47
N ASN C 240 8.70 -44.04 -7.70
CA ASN C 240 9.68 -44.93 -8.32
C ASN C 240 11.03 -44.80 -7.62
N SER C 241 11.27 -45.68 -6.64
CA SER C 241 12.47 -45.64 -5.83
C SER C 241 13.26 -46.94 -5.92
N ASN C 242 14.51 -46.89 -5.47
CA ASN C 242 15.37 -48.07 -5.39
C ASN C 242 16.16 -48.10 -4.08
N GLY C 243 15.56 -47.55 -3.02
CA GLY C 243 16.19 -47.48 -1.71
C GLY C 243 15.91 -46.15 -1.01
N ASN C 244 16.00 -46.19 0.32
CA ASN C 244 15.86 -45.00 1.16
C ASN C 244 14.50 -44.28 1.03
N LEU C 245 13.45 -45.04 0.76
CA LEU C 245 12.10 -44.48 0.60
C LEU C 245 11.37 -44.43 1.94
N VAL C 246 10.98 -43.23 2.36
CA VAL C 246 10.08 -43.05 3.49
C VAL C 246 8.67 -42.91 2.92
N ALA C 247 7.95 -44.02 2.87
CA ALA C 247 6.69 -44.12 2.14
C ALA C 247 5.52 -43.49 2.90
N PRO C 248 4.48 -43.06 2.16
CA PRO C 248 3.26 -42.52 2.76
C PRO C 248 2.24 -43.62 3.07
N ARG C 249 1.49 -43.44 4.14
CA ARG C 249 0.41 -44.35 4.51
C ARG C 249 -0.89 -43.95 3.79
N GLY C 250 -0.97 -42.68 3.39
CA GLY C 250 -2.18 -42.16 2.74
C GLY C 250 -2.06 -40.68 2.40
N TYR C 251 -3.17 -39.95 2.53
CA TYR C 251 -3.21 -38.53 2.17
C TYR C 251 -4.09 -37.73 3.13
N PHE C 252 -3.81 -36.43 3.20
CA PHE C 252 -4.65 -35.49 3.93
C PHE C 252 -5.61 -34.82 2.96
N LYS C 253 -6.78 -34.42 3.47
CA LYS C 253 -7.82 -33.81 2.64
C LYS C 253 -7.71 -32.28 2.66
N LEU C 254 -7.27 -31.70 1.55
CA LEU C 254 -7.14 -30.25 1.42
C LEU C 254 -8.50 -29.61 1.14
N ARG C 255 -8.77 -28.47 1.79
CA ARG C 255 -9.99 -27.71 1.58
C ARG C 255 -9.68 -26.22 1.59
N THR C 256 -10.38 -25.47 0.74
CA THR C 256 -10.27 -24.01 0.73
C THR C 256 -11.07 -23.45 1.88
N GLY C 257 -10.43 -23.35 3.04
CA GLY C 257 -11.09 -22.89 4.27
C GLY C 257 -10.64 -21.52 4.72
N LYS C 258 -11.09 -21.15 5.92
CA LYS C 258 -10.75 -19.87 6.53
C LYS C 258 -9.92 -20.08 7.80
N SER C 259 -9.03 -21.07 7.75
CA SER C 259 -8.23 -21.46 8.91
C SER C 259 -6.82 -20.91 8.84
N SER C 260 -6.19 -20.80 10.00
CA SER C 260 -4.84 -20.23 10.10
C SER C 260 -4.06 -20.78 11.30
N VAL C 261 -2.82 -20.31 11.44
CA VAL C 261 -1.94 -20.70 12.53
C VAL C 261 -1.29 -19.43 13.11
N MET C 262 -1.00 -19.48 14.42
CA MET C 262 -0.45 -18.32 15.13
C MET C 262 0.49 -18.77 16.24
N ARG C 263 1.64 -18.12 16.34
CA ARG C 263 2.59 -18.38 17.42
C ARG C 263 2.24 -17.52 18.63
N SER C 264 1.73 -18.16 19.67
CA SER C 264 1.28 -17.44 20.88
C SER C 264 1.49 -18.25 22.15
N ASP C 265 1.73 -17.55 23.25
CA ASP C 265 1.86 -18.16 24.56
C ASP C 265 0.80 -17.57 25.51
N ALA C 266 -0.42 -17.47 25.00
CA ALA C 266 -1.53 -16.88 25.77
C ALA C 266 -2.49 -17.95 26.27
N LEU C 267 -3.25 -17.61 27.31
CA LEU C 267 -4.21 -18.54 27.91
C LEU C 267 -5.51 -18.50 27.10
N ILE C 268 -6.15 -19.65 26.94
CA ILE C 268 -7.33 -19.78 26.09
C ILE C 268 -8.55 -20.22 26.91
N ASP C 269 -9.29 -19.25 27.44
CA ASP C 269 -10.43 -19.51 28.33
C ASP C 269 -11.75 -19.09 27.69
N THR C 270 -12.86 -19.47 28.33
CA THR C 270 -14.21 -19.22 27.80
C THR C 270 -14.58 -17.74 27.81
N CYS C 271 -14.88 -17.21 26.63
CA CYS C 271 -15.40 -15.85 26.46
C CYS C 271 -15.77 -15.65 24.98
N VAL C 272 -16.33 -14.48 24.65
CA VAL C 272 -16.69 -14.19 23.27
C VAL C 272 -15.99 -12.91 22.79
N SER C 273 -15.27 -13.04 21.68
CA SER C 273 -14.56 -11.91 21.08
C SER C 273 -14.10 -12.32 19.68
N GLU C 274 -14.50 -11.54 18.67
CA GLU C 274 -14.33 -11.94 17.28
C GLU C 274 -12.97 -11.59 16.68
N CYS C 275 -12.05 -11.08 17.49
CA CYS C 275 -10.67 -10.83 17.06
C CYS C 275 -9.70 -11.55 17.99
N ILE C 276 -8.58 -12.00 17.43
CA ILE C 276 -7.56 -12.73 18.18
C ILE C 276 -6.17 -12.25 17.82
N THR C 277 -5.36 -11.98 18.84
CA THR C 277 -3.95 -11.63 18.66
C THR C 277 -3.10 -12.52 19.57
N PRO C 278 -1.77 -12.56 19.34
CA PRO C 278 -0.87 -13.32 20.22
C PRO C 278 -0.94 -12.96 21.72
N ASN C 279 -1.60 -11.85 22.07
CA ASN C 279 -1.82 -11.49 23.48
C ASN C 279 -3.24 -11.73 23.95
N GLY C 280 -4.00 -12.54 23.20
CA GLY C 280 -5.39 -12.80 23.53
C GLY C 280 -6.33 -12.01 22.63
N SER C 281 -7.61 -12.04 22.98
CA SER C 281 -8.64 -11.42 22.16
C SER C 281 -8.81 -9.94 22.52
N ILE C 282 -9.24 -9.14 21.54
CA ILE C 282 -9.49 -7.72 21.73
C ILE C 282 -10.88 -7.37 21.21
N PRO C 283 -11.49 -6.30 21.75
CA PRO C 283 -12.79 -5.89 21.22
C PRO C 283 -12.63 -5.19 19.86
N ASN C 284 -13.48 -5.56 18.91
CA ASN C 284 -13.38 -5.02 17.55
C ASN C 284 -14.34 -3.86 17.28
N ASP C 285 -14.73 -3.14 18.33
CA ASP C 285 -15.63 -1.98 18.17
C ASP C 285 -14.90 -0.79 17.55
N LYS C 286 -13.62 -0.61 17.89
CA LYS C 286 -12.82 0.45 17.30
C LYS C 286 -12.35 0.06 15.88
N PRO C 287 -12.01 1.07 15.05
CA PRO C 287 -11.49 0.81 13.70
C PRO C 287 -9.99 0.49 13.67
N PHE C 288 -9.23 0.96 14.66
CA PHE C 288 -7.78 0.77 14.68
C PHE C 288 -7.32 0.06 15.96
N GLN C 289 -6.03 -0.28 16.00
CA GLN C 289 -5.44 -0.96 17.17
C GLN C 289 -3.92 -0.83 17.20
N ASN C 290 -3.37 -0.86 18.41
CA ASN C 290 -1.92 -0.82 18.62
C ASN C 290 -1.46 -1.99 19.50
N VAL C 291 -2.20 -3.09 19.45
CA VAL C 291 -1.92 -4.26 20.26
C VAL C 291 -0.81 -5.08 19.61
N ASN C 292 -1.09 -5.61 18.42
CA ASN C 292 -0.12 -6.41 17.68
C ASN C 292 -0.48 -6.51 16.20
N LYS C 293 0.56 -6.50 15.36
CA LYS C 293 0.39 -6.59 13.91
C LYS C 293 -0.16 -7.94 13.44
N ILE C 294 0.17 -9.02 14.17
CA ILE C 294 -0.39 -10.33 13.86
C ILE C 294 -1.83 -10.40 14.37
N THR C 295 -2.77 -10.60 13.44
CA THR C 295 -4.20 -10.63 13.76
C THR C 295 -4.90 -11.82 13.11
N TYR C 296 -6.03 -12.21 13.69
CA TYR C 296 -6.90 -13.23 13.10
C TYR C 296 -8.36 -12.95 13.42
N GLY C 297 -9.21 -13.04 12.39
CA GLY C 297 -10.65 -12.83 12.54
C GLY C 297 -11.06 -11.40 12.24
N LYS C 298 -12.27 -11.06 12.65
CA LYS C 298 -12.83 -9.73 12.41
C LYS C 298 -12.13 -8.67 13.27
N CYS C 299 -10.95 -8.23 12.81
CA CYS C 299 -10.09 -7.33 13.58
C CYS C 299 -9.99 -5.93 12.98
N PRO C 300 -9.67 -4.93 13.82
CA PRO C 300 -9.30 -3.61 13.33
C PRO C 300 -7.87 -3.58 12.76
N LYS C 301 -7.54 -2.51 12.04
CA LYS C 301 -6.24 -2.40 11.38
C LYS C 301 -5.17 -1.86 12.33
N TYR C 302 -4.00 -2.48 12.30
CA TYR C 302 -2.88 -2.07 13.15
C TYR C 302 -2.24 -0.78 12.64
N ILE C 303 -1.87 0.11 13.56
CA ILE C 303 -1.15 1.33 13.22
C ILE C 303 -0.04 1.61 14.23
N ARG C 304 0.86 2.53 13.88
CA ARG C 304 2.01 2.86 14.74
C ARG C 304 1.64 3.62 16.00
N GLN C 305 0.55 4.40 15.93
CA GLN C 305 0.15 5.27 17.03
C GLN C 305 -0.54 4.48 18.13
N ASN C 306 -0.29 4.86 19.37
CA ASN C 306 -0.90 4.23 20.54
C ASN C 306 -2.20 4.91 20.99
N THR C 307 -2.54 6.03 20.37
CA THR C 307 -3.81 6.72 20.63
C THR C 307 -4.20 7.72 19.52
N LEU C 308 -5.50 7.78 19.23
CA LEU C 308 -6.07 8.77 18.32
C LEU C 308 -7.45 9.19 18.83
N LYS C 309 -7.58 10.46 19.22
CA LYS C 309 -8.79 10.97 19.85
C LYS C 309 -9.70 11.64 18.84
N LEU C 310 -10.91 11.10 18.68
CA LEU C 310 -11.91 11.66 17.76
C LEU C 310 -12.92 12.51 18.53
N ALA C 311 -12.78 13.84 18.40
CA ALA C 311 -13.66 14.79 19.07
C ALA C 311 -15.14 14.46 18.84
N THR C 312 -15.91 14.38 19.94
CA THR C 312 -17.36 14.15 19.86
C THR C 312 -18.11 15.26 20.58
N GLY C 313 -17.55 16.46 20.55
CA GLY C 313 -18.16 17.64 21.16
C GLY C 313 -17.43 18.89 20.72
N MET C 314 -18.06 20.04 20.90
CA MET C 314 -17.51 21.31 20.43
C MET C 314 -16.22 21.71 21.15
N ARG C 315 -15.64 22.84 20.75
CA ARG C 315 -14.47 23.39 21.43
C ARG C 315 -14.86 23.85 22.82
N ASN C 316 -14.09 23.44 23.82
CA ASN C 316 -14.31 23.86 25.18
C ASN C 316 -13.68 25.24 25.40
N VAL C 317 -14.44 26.12 26.03
CA VAL C 317 -13.93 27.43 26.45
C VAL C 317 -14.63 27.80 27.77
N PRO C 318 -13.99 27.46 28.90
CA PRO C 318 -14.62 27.63 30.21
C PRO C 318 -14.67 29.09 30.65
N GLU C 319 -15.40 29.35 31.73
CA GLU C 319 -15.42 30.69 32.33
C GLU C 319 -14.12 30.96 33.05
N LYS C 320 -13.90 32.20 33.45
CA LYS C 320 -12.69 32.63 34.15
C LYS C 320 -12.96 32.81 35.64
N GLY D 1 -13.65 28.18 16.06
CA GLY D 1 -13.73 27.65 14.66
C GLY D 1 -13.67 28.73 13.59
N ILE D 2 -13.97 28.32 12.36
CA ILE D 2 -13.88 29.20 11.19
C ILE D 2 -14.96 30.29 11.13
N PHE D 3 -16.15 30.00 11.65
CA PHE D 3 -17.28 30.96 11.62
C PHE D 3 -17.13 32.07 12.67
N GLY D 4 -16.27 31.86 13.66
CA GLY D 4 -15.92 32.90 14.61
C GLY D 4 -16.96 33.20 15.67
N ALA D 5 -17.85 32.23 15.94
CA ALA D 5 -18.82 32.37 17.03
C ALA D 5 -18.27 31.78 18.32
N ILE D 6 -18.03 30.47 18.33
CA ILE D 6 -17.40 29.81 19.47
C ILE D 6 -15.94 30.22 19.52
N ALA D 7 -15.50 30.70 20.68
CA ALA D 7 -14.14 31.25 20.87
C ALA D 7 -13.81 32.36 19.86
N GLY D 8 -14.82 33.14 19.48
CA GLY D 8 -14.66 34.20 18.49
C GLY D 8 -15.33 35.48 18.96
N PHE D 9 -16.54 35.75 18.47
CA PHE D 9 -17.28 36.95 18.91
C PHE D 9 -17.99 36.71 20.24
N ILE D 10 -18.41 35.47 20.50
CA ILE D 10 -18.86 35.07 21.83
C ILE D 10 -17.62 34.86 22.71
N GLU D 11 -17.63 35.48 23.90
CA GLU D 11 -16.46 35.47 24.79
C GLU D 11 -16.04 34.06 25.18
N ASN D 12 -16.97 33.30 25.76
CA ASN D 12 -16.70 31.94 26.19
C ASN D 12 -17.98 31.12 26.39
N GLY D 13 -17.81 29.87 26.83
CA GLY D 13 -18.93 28.99 27.13
C GLY D 13 -19.53 29.21 28.50
N TRP D 14 -20.52 28.38 28.83
CA TRP D 14 -21.25 28.44 30.09
C TRP D 14 -21.31 27.07 30.73
N GLU D 15 -20.57 26.89 31.82
CA GLU D 15 -20.57 25.64 32.57
C GLU D 15 -21.86 25.46 33.37
N GLY D 16 -22.54 26.56 33.65
CA GLY D 16 -23.84 26.50 34.31
C GLY D 16 -24.84 25.71 33.48
N MET D 17 -24.84 25.98 32.19
CA MET D 17 -25.73 25.34 31.21
C MET D 17 -25.38 23.88 30.99
N VAL D 18 -26.22 22.99 31.53
CA VAL D 18 -25.95 21.54 31.54
C VAL D 18 -26.95 20.72 30.73
N ASP D 19 -28.12 21.29 30.46
CA ASP D 19 -29.21 20.56 29.81
C ASP D 19 -29.21 20.69 28.28
N GLY D 20 -28.16 21.27 27.71
CA GLY D 20 -28.04 21.37 26.26
C GLY D 20 -26.68 21.88 25.81
N TRP D 21 -26.50 21.94 24.48
CA TRP D 21 -25.26 22.36 23.84
C TRP D 21 -25.27 23.84 23.46
N TYR D 22 -26.46 24.40 23.32
CA TYR D 22 -26.63 25.79 22.92
C TYR D 22 -27.82 26.37 23.66
N GLY D 23 -27.77 27.66 23.94
CA GLY D 23 -28.96 28.32 24.45
C GLY D 23 -28.84 29.81 24.68
N PHE D 24 -29.84 30.33 25.40
CA PHE D 24 -29.95 31.75 25.69
C PHE D 24 -29.74 32.04 27.17
N ARG D 25 -29.34 33.27 27.47
CA ARG D 25 -29.36 33.84 28.81
C ARG D 25 -29.95 35.23 28.73
N TYR D 26 -31.00 35.48 29.50
CA TYR D 26 -31.77 36.72 29.38
C TYR D 26 -31.92 37.47 30.70
N GLN D 27 -32.23 38.75 30.57
CA GLN D 27 -32.57 39.62 31.69
C GLN D 27 -33.79 40.43 31.29
N ASN D 28 -34.88 40.32 32.05
CA ASN D 28 -36.12 41.02 31.71
C ASN D 28 -36.85 41.56 32.96
N SER D 29 -38.19 41.59 32.93
CA SER D 29 -38.99 42.13 34.02
C SER D 29 -39.16 41.14 35.17
N GLU D 30 -39.30 39.85 34.84
CA GLU D 30 -39.44 38.79 35.83
C GLU D 30 -38.08 38.17 36.17
N GLY D 31 -37.05 39.02 36.33
CA GLY D 31 -35.71 38.58 36.67
C GLY D 31 -34.92 38.03 35.49
N THR D 32 -33.78 37.41 35.79
CA THR D 32 -32.91 36.81 34.78
C THR D 32 -33.23 35.34 34.58
N GLY D 33 -32.54 34.69 33.64
CA GLY D 33 -32.76 33.27 33.38
C GLY D 33 -31.78 32.61 32.42
N GLN D 34 -31.98 31.31 32.22
CA GLN D 34 -31.20 30.54 31.26
C GLN D 34 -32.05 29.42 30.67
N ALA D 35 -31.91 29.20 29.37
CA ALA D 35 -32.65 28.17 28.65
C ALA D 35 -31.81 27.58 27.52
N ALA D 36 -31.68 26.25 27.52
CA ALA D 36 -30.93 25.55 26.49
C ALA D 36 -31.85 25.25 25.30
N ASP D 37 -31.37 25.58 24.09
CA ASP D 37 -32.16 25.38 22.87
C ASP D 37 -32.02 23.95 22.36
N LEU D 38 -33.14 23.25 22.26
CA LEU D 38 -33.15 21.82 21.96
C LEU D 38 -32.93 21.48 20.48
N LYS D 39 -33.46 22.32 19.58
CA LYS D 39 -33.36 22.06 18.13
C LYS D 39 -31.91 22.11 17.66
N SER D 40 -31.26 23.24 17.90
CA SER D 40 -29.87 23.44 17.47
C SER D 40 -28.91 22.44 18.14
N THR D 41 -29.17 22.11 19.41
CA THR D 41 -28.40 21.09 20.12
C THR D 41 -28.53 19.74 19.42
N GLN D 42 -29.77 19.31 19.23
CA GLN D 42 -30.08 18.02 18.62
C GLN D 42 -29.41 17.87 17.25
N ALA D 43 -29.45 18.94 16.45
CA ALA D 43 -28.81 18.96 15.13
C ALA D 43 -27.34 18.59 15.22
N ALA D 44 -26.59 19.37 16.01
CA ALA D 44 -25.14 19.16 16.16
C ALA D 44 -24.79 17.78 16.73
N ILE D 45 -25.65 17.26 17.61
CA ILE D 45 -25.49 15.91 18.16
C ILE D 45 -25.69 14.83 17.09
N ASP D 46 -26.61 15.05 16.16
CA ASP D 46 -26.89 14.09 15.08
C ASP D 46 -25.74 13.96 14.10
N GLN D 47 -25.10 15.08 13.79
CA GLN D 47 -23.95 15.11 12.88
C GLN D 47 -22.76 14.37 13.47
N ILE D 48 -22.57 14.52 14.78
CA ILE D 48 -21.46 13.86 15.49
C ILE D 48 -21.78 12.38 15.74
N ASN D 49 -23.06 12.06 15.94
CA ASN D 49 -23.50 10.66 15.94
C ASN D 49 -23.30 10.01 14.58
N GLY D 50 -23.57 10.78 13.52
CA GLY D 50 -23.36 10.32 12.15
C GLY D 50 -21.92 9.97 11.85
N LYS D 51 -21.00 10.84 12.26
CA LYS D 51 -19.57 10.57 12.14
C LYS D 51 -19.17 9.27 12.83
N LEU D 52 -19.56 9.14 14.10
CA LEU D 52 -19.27 7.92 14.86
C LEU D 52 -19.70 6.67 14.12
N ASN D 53 -20.95 6.63 13.68
CA ASN D 53 -21.50 5.44 13.03
C ASN D 53 -20.80 5.10 11.71
N ARG D 54 -20.29 6.12 11.03
CA ARG D 54 -19.54 5.92 9.78
C ARG D 54 -18.16 5.31 10.04
N VAL D 55 -17.45 5.86 11.03
CA VAL D 55 -16.11 5.36 11.41
C VAL D 55 -16.18 4.02 12.14
N ILE D 56 -17.27 3.79 12.87
CA ILE D 56 -17.46 2.55 13.63
C ILE D 56 -18.55 1.67 12.98
N GLU D 57 -18.54 1.57 11.66
CA GLU D 57 -19.50 0.72 10.95
C GLU D 57 -18.95 -0.69 10.69
N ARG D 58 -17.70 -0.76 10.20
CA ARG D 58 -17.14 -2.02 9.75
C ARG D 58 -15.73 -2.26 10.28
N THR D 59 -15.42 -3.54 10.48
CA THR D 59 -14.05 -4.00 10.68
C THR D 59 -13.92 -5.28 9.86
N ASN D 60 -12.94 -5.32 8.97
CA ASN D 60 -12.88 -6.40 7.98
C ASN D 60 -12.47 -7.74 8.59
N GLU D 61 -13.12 -8.80 8.13
CA GLU D 61 -12.90 -10.15 8.64
C GLU D 61 -11.82 -10.88 7.84
N LYS D 62 -10.58 -10.83 8.35
CA LYS D 62 -9.44 -11.49 7.72
C LYS D 62 -9.16 -12.83 8.38
N PHE D 63 -8.47 -13.71 7.66
CA PHE D 63 -8.15 -15.05 8.16
C PHE D 63 -6.65 -15.32 8.02
N HIS D 64 -6.25 -16.25 7.15
CA HIS D 64 -4.85 -16.64 7.00
C HIS D 64 -4.06 -15.54 6.30
N GLN D 65 -3.12 -14.95 7.03
CA GLN D 65 -2.23 -13.91 6.50
C GLN D 65 -0.78 -14.38 6.52
N ILE D 66 0.10 -13.60 5.91
CA ILE D 66 1.52 -13.93 5.84
C ILE D 66 2.19 -13.89 7.21
N GLU D 67 3.36 -14.55 7.31
CA GLU D 67 4.16 -14.52 8.53
C GLU D 67 4.80 -13.14 8.68
N LYS D 68 4.60 -12.53 9.85
CA LYS D 68 5.11 -11.19 10.15
C LYS D 68 6.27 -11.19 11.17
N GLU D 69 6.50 -12.32 11.83
CA GLU D 69 7.60 -12.47 12.79
C GLU D 69 8.42 -13.72 12.44
N PHE D 70 9.73 -13.65 12.67
CA PHE D 70 10.65 -14.71 12.24
C PHE D 70 11.70 -15.02 13.30
N SER D 71 12.20 -16.26 13.28
CA SER D 71 13.25 -16.71 14.19
C SER D 71 14.59 -16.67 13.47
N GLU D 72 14.70 -17.43 12.38
CA GLU D 72 15.93 -17.51 11.60
C GLU D 72 16.02 -16.36 10.60
N VAL D 73 17.22 -16.16 10.05
CA VAL D 73 17.45 -15.16 9.00
C VAL D 73 17.54 -15.89 7.66
N GLU D 74 16.61 -15.59 6.76
CA GLU D 74 16.53 -16.29 5.48
C GLU D 74 17.23 -15.52 4.36
N GLY D 75 16.91 -14.22 4.23
CA GLY D 75 17.60 -13.35 3.29
C GLY D 75 16.69 -12.53 2.40
N ARG D 76 16.39 -13.05 1.21
CA ARG D 76 15.67 -12.30 0.18
C ARG D 76 14.19 -12.16 0.49
N ILE D 77 13.48 -13.29 0.53
CA ILE D 77 12.01 -13.27 0.62
C ILE D 77 11.48 -12.84 1.99
N GLN D 78 12.28 -13.03 3.04
CA GLN D 78 11.90 -12.58 4.39
C GLN D 78 11.89 -11.05 4.48
N ASP D 79 12.83 -10.40 3.80
CA ASP D 79 12.88 -8.94 3.76
C ASP D 79 11.66 -8.34 3.06
N LEU D 80 11.21 -9.00 1.99
CA LEU D 80 10.03 -8.58 1.25
C LEU D 80 8.78 -8.70 2.10
N GLU D 81 8.66 -9.81 2.83
CA GLU D 81 7.55 -10.03 3.75
C GLU D 81 7.50 -8.97 4.85
N LYS D 82 8.67 -8.58 5.36
CA LYS D 82 8.76 -7.48 6.33
C LYS D 82 8.37 -6.15 5.68
N TYR D 83 8.88 -5.92 4.47
CA TYR D 83 8.65 -4.65 3.76
C TYR D 83 7.20 -4.41 3.41
N VAL D 84 6.48 -5.46 3.04
CA VAL D 84 5.05 -5.38 2.75
C VAL D 84 4.30 -4.96 4.01
N GLU D 85 4.57 -5.66 5.11
CA GLU D 85 3.92 -5.37 6.39
C GLU D 85 4.35 -4.02 6.95
N ASP D 86 5.59 -3.63 6.68
CA ASP D 86 6.11 -2.32 7.08
C ASP D 86 5.43 -1.21 6.28
N THR D 87 5.30 -1.43 4.97
CA THR D 87 4.64 -0.47 4.08
C THR D 87 3.14 -0.39 4.36
N LYS D 88 2.52 -1.54 4.60
CA LYS D 88 1.08 -1.61 4.90
C LYS D 88 0.72 -0.79 6.13
N ILE D 89 1.50 -0.98 7.20
CA ILE D 89 1.24 -0.30 8.47
C ILE D 89 1.48 1.21 8.34
N ASP D 90 2.54 1.61 7.64
CA ASP D 90 2.83 3.02 7.43
C ASP D 90 1.69 3.75 6.72
N LEU D 91 1.09 3.10 5.73
CA LEU D 91 -0.01 3.70 4.97
C LEU D 91 -1.29 3.82 5.79
N TRP D 92 -1.64 2.76 6.52
CA TRP D 92 -2.80 2.80 7.41
C TRP D 92 -2.61 3.80 8.55
N SER D 93 -1.38 3.87 9.07
CA SER D 93 -1.05 4.83 10.13
C SER D 93 -1.35 6.26 9.67
N TYR D 94 -0.89 6.60 8.47
CA TYR D 94 -1.13 7.91 7.88
C TYR D 94 -2.62 8.11 7.57
N ASN D 95 -3.29 7.04 7.12
CA ASN D 95 -4.73 7.10 6.87
C ASN D 95 -5.52 7.37 8.14
N ALA D 96 -5.04 6.83 9.26
CA ALA D 96 -5.66 7.04 10.56
C ALA D 96 -5.42 8.46 11.07
N GLU D 97 -4.19 8.95 10.92
CA GLU D 97 -3.83 10.30 11.38
C GLU D 97 -4.60 11.38 10.61
N LEU D 98 -4.65 11.23 9.29
CA LEU D 98 -5.32 12.19 8.41
C LEU D 98 -6.82 12.23 8.67
N LEU D 99 -7.42 11.05 8.83
CA LEU D 99 -8.84 10.95 9.15
C LEU D 99 -9.19 11.75 10.40
N VAL D 100 -8.51 11.45 11.50
CA VAL D 100 -8.76 12.10 12.79
C VAL D 100 -8.42 13.60 12.77
N ALA D 101 -7.51 14.01 11.88
CA ALA D 101 -7.22 15.43 11.68
C ALA D 101 -8.38 16.13 10.96
N LEU D 102 -8.84 15.53 9.86
CA LEU D 102 -9.95 16.09 9.08
C LEU D 102 -11.23 16.14 9.90
N GLU D 103 -11.59 15.00 10.48
CA GLU D 103 -12.84 14.87 11.22
C GLU D 103 -12.97 15.97 12.28
N ASN D 104 -11.95 16.08 13.15
CA ASN D 104 -11.97 17.02 14.26
C ASN D 104 -11.97 18.48 13.82
N GLN D 105 -11.20 18.80 12.79
CA GLN D 105 -11.22 20.13 12.20
C GLN D 105 -12.59 20.45 11.63
N HIS D 106 -13.30 19.41 11.16
CA HIS D 106 -14.67 19.56 10.69
C HIS D 106 -15.64 19.63 11.86
N THR D 107 -15.34 18.90 12.93
CA THR D 107 -16.20 18.88 14.13
C THR D 107 -16.24 20.24 14.83
N ILE D 108 -15.09 20.88 14.98
CA ILE D 108 -15.05 22.22 15.56
C ILE D 108 -15.78 23.25 14.70
N ASP D 109 -15.76 23.04 13.38
CA ASP D 109 -16.40 23.96 12.44
C ASP D 109 -17.92 23.86 12.43
N LEU D 110 -18.46 22.65 12.36
CA LEU D 110 -19.92 22.49 12.29
C LEU D 110 -20.57 22.86 13.62
N THR D 111 -19.86 22.66 14.72
CA THR D 111 -20.32 23.07 16.04
C THR D 111 -20.25 24.59 16.21
N ASP D 112 -19.18 25.20 15.70
CA ASP D 112 -19.07 26.66 15.68
C ASP D 112 -20.20 27.26 14.85
N ALA D 113 -20.47 26.67 13.69
CA ALA D 113 -21.54 27.11 12.79
C ALA D 113 -22.92 27.11 13.47
N GLU D 114 -23.22 26.03 14.18
CA GLU D 114 -24.52 25.88 14.85
C GLU D 114 -24.75 26.94 15.93
N MET D 115 -23.66 27.56 16.38
CA MET D 115 -23.76 28.73 17.25
C MET D 115 -24.15 29.94 16.42
N ASN D 116 -23.41 30.17 15.34
CA ASN D 116 -23.63 31.31 14.45
C ASN D 116 -25.02 31.27 13.79
N LYS D 117 -25.54 30.07 13.57
CA LYS D 117 -26.87 29.91 12.99
C LYS D 117 -27.97 30.30 13.97
N LEU D 118 -27.88 29.79 15.20
CA LEU D 118 -28.83 30.11 16.26
C LEU D 118 -28.86 31.61 16.59
N PHE D 119 -27.69 32.24 16.56
CA PHE D 119 -27.57 33.68 16.78
C PHE D 119 -28.34 34.45 15.73
N GLU D 120 -28.17 34.05 14.47
CA GLU D 120 -28.82 34.69 13.32
C GLU D 120 -30.32 34.42 13.28
N LYS D 121 -30.70 33.16 13.44
CA LYS D 121 -32.11 32.78 13.55
C LYS D 121 -32.88 33.63 14.56
N THR D 122 -32.18 34.14 15.55
CA THR D 122 -32.75 34.98 16.59
C THR D 122 -32.81 36.45 16.16
N ARG D 123 -31.79 36.90 15.43
CA ARG D 123 -31.76 38.26 14.87
C ARG D 123 -32.92 38.46 13.89
N ARG D 124 -33.17 37.42 13.10
CA ARG D 124 -34.17 37.45 12.04
C ARG D 124 -35.60 37.48 12.60
N GLN D 125 -35.77 36.96 13.80
CA GLN D 125 -37.06 36.98 14.48
C GLN D 125 -37.39 38.37 15.01
N LEU D 126 -36.39 39.04 15.59
CA LEU D 126 -36.60 40.29 16.29
C LEU D 126 -36.90 41.45 15.35
N ARG D 127 -36.35 41.38 14.14
CA ARG D 127 -36.56 42.41 13.11
C ARG D 127 -35.93 43.73 13.57
N GLU D 128 -36.73 44.80 13.69
CA GLU D 128 -36.20 46.11 14.05
C GLU D 128 -36.55 46.47 15.51
N ASN D 129 -36.86 45.45 16.30
CA ASN D 129 -37.21 45.65 17.71
C ASN D 129 -36.01 45.55 18.64
N ALA D 130 -34.86 45.14 18.11
CA ALA D 130 -33.67 44.92 18.94
C ALA D 130 -32.38 45.21 18.17
N GLU D 131 -31.42 45.80 18.85
CA GLU D 131 -30.11 46.09 18.26
C GLU D 131 -29.08 45.08 18.76
N ASP D 132 -27.87 45.16 18.21
CA ASP D 132 -26.80 44.21 18.53
C ASP D 132 -25.73 44.91 19.37
N MET D 133 -25.75 44.63 20.67
CA MET D 133 -24.80 45.24 21.62
C MET D 133 -23.37 44.86 21.30
N GLY D 134 -23.15 43.56 21.14
CA GLY D 134 -21.82 43.00 20.97
C GLY D 134 -21.77 41.65 21.66
N GLY D 135 -20.64 40.97 21.56
CA GLY D 135 -20.42 39.69 22.26
C GLY D 135 -21.59 38.73 22.25
N GLY D 136 -22.31 38.67 21.14
CA GLY D 136 -23.47 37.78 21.00
C GLY D 136 -24.67 38.18 21.84
N CYS D 137 -24.80 39.47 22.14
CA CYS D 137 -25.88 39.96 22.98
C CYS D 137 -26.75 40.99 22.25
N PHE D 138 -28.06 40.75 22.24
CA PHE D 138 -29.03 41.68 21.69
C PHE D 138 -29.58 42.58 22.80
N LYS D 139 -29.80 43.85 22.47
CA LYS D 139 -30.52 44.76 23.36
C LYS D 139 -31.93 44.95 22.82
N ILE D 140 -32.91 44.30 23.45
CA ILE D 140 -34.31 44.46 23.06
C ILE D 140 -34.82 45.76 23.68
N TYR D 141 -35.55 46.56 22.90
CA TYR D 141 -36.02 47.89 23.33
C TYR D 141 -37.51 47.92 23.66
N HIS D 142 -38.02 46.87 24.31
CA HIS D 142 -39.41 46.84 24.77
C HIS D 142 -39.60 45.84 25.92
N LYS D 143 -40.75 45.92 26.59
CA LYS D 143 -41.04 45.05 27.73
C LYS D 143 -41.34 43.63 27.29
N CYS D 144 -40.37 42.73 27.49
CA CYS D 144 -40.47 41.34 27.10
C CYS D 144 -40.27 40.42 28.31
N ASP D 145 -41.38 39.99 28.93
CA ASP D 145 -41.32 39.09 30.08
C ASP D 145 -40.95 37.65 29.66
N ASN D 146 -41.08 36.69 30.56
CA ASN D 146 -40.68 35.30 30.28
C ASN D 146 -41.56 34.56 29.27
N ALA D 147 -42.79 35.05 29.06
CA ALA D 147 -43.67 34.50 28.03
C ALA D 147 -43.22 34.97 26.64
N CYS D 148 -42.89 36.25 26.54
CA CYS D 148 -42.33 36.83 25.33
C CYS D 148 -40.99 36.18 24.94
N ILE D 149 -40.07 36.09 25.90
CA ILE D 149 -38.80 35.37 25.69
C ILE D 149 -39.08 33.91 25.35
N GLY D 150 -40.19 33.39 25.86
CA GLY D 150 -40.64 32.03 25.54
C GLY D 150 -40.97 31.87 24.08
N SER D 151 -41.60 32.89 23.50
CA SER D 151 -41.90 32.90 22.06
C SER D 151 -40.65 33.09 21.20
N ILE D 152 -39.59 33.66 21.79
CA ILE D 152 -38.30 33.81 21.09
C ILE D 152 -37.52 32.48 21.03
N ARG D 153 -37.72 31.60 22.01
CA ARG D 153 -37.06 30.29 22.02
C ARG D 153 -37.71 29.33 21.03
N ASN D 154 -39.03 29.20 21.13
CA ASN D 154 -39.79 28.26 20.29
C ASN D 154 -39.84 28.65 18.81
N GLY D 155 -39.66 29.94 18.52
CA GLY D 155 -39.68 30.46 17.16
C GLY D 155 -41.04 31.01 16.76
N THR D 156 -41.69 31.77 17.65
CA THR D 156 -43.01 32.34 17.38
C THR D 156 -43.14 33.78 17.90
N TYR D 157 -42.05 34.54 17.82
CA TYR D 157 -42.03 35.94 18.26
C TYR D 157 -42.57 36.84 17.15
N ASP D 158 -43.72 37.47 17.40
CA ASP D 158 -44.34 38.36 16.42
C ASP D 158 -43.96 39.82 16.68
N HIS D 159 -42.87 40.25 16.04
CA HIS D 159 -42.31 41.61 16.21
C HIS D 159 -43.32 42.74 15.96
N TYR D 160 -44.35 42.49 15.15
CA TYR D 160 -45.38 43.50 14.87
C TYR D 160 -46.04 44.04 16.15
N ILE D 161 -46.29 43.13 17.09
CA ILE D 161 -46.92 43.47 18.37
C ILE D 161 -46.12 44.51 19.14
N TYR D 162 -44.80 44.32 19.19
CA TYR D 162 -43.92 45.18 19.97
C TYR D 162 -43.21 46.27 19.16
N ARG D 163 -43.48 46.33 17.85
CA ARG D 163 -42.75 47.21 16.93
C ARG D 163 -42.84 48.70 17.31
N ASP D 164 -44.06 49.20 17.43
CA ASP D 164 -44.29 50.62 17.78
C ASP D 164 -43.57 51.02 19.06
N GLU D 165 -43.65 50.17 20.09
CA GLU D 165 -42.98 50.44 21.36
C GLU D 165 -41.46 50.48 21.18
N ALA D 166 -40.91 49.47 20.51
CA ALA D 166 -39.47 49.33 20.31
C ALA D 166 -38.88 50.43 19.42
N LEU D 167 -39.59 50.80 18.37
CA LEU D 167 -39.15 51.86 17.47
C LEU D 167 -39.21 53.24 18.15
N ASN D 168 -40.05 53.37 19.16
CA ASN D 168 -40.12 54.59 19.96
C ASN D 168 -38.92 54.70 20.90
N ASN D 169 -38.60 53.60 21.59
CA ASN D 169 -37.49 53.58 22.57
C ASN D 169 -36.10 53.65 21.94
N ARG D 170 -35.98 53.27 20.67
CA ARG D 170 -34.70 53.29 19.96
C ARG D 170 -34.31 54.69 19.48
N PHE D 171 -35.30 55.45 19.01
CA PHE D 171 -35.05 56.71 18.32
C PHE D 171 -35.75 57.92 18.94
N GLN D 172 -35.67 58.07 20.27
CA GLN D 172 -36.22 59.27 20.93
C GLN D 172 -35.22 59.84 21.95
N ASN E 2 -16.85 68.34 6.99
CA ASN E 2 -17.40 66.96 6.83
C ASN E 2 -18.23 66.52 8.04
N ASN E 3 -19.41 65.99 7.77
CA ASN E 3 -20.24 65.37 8.81
C ASN E 3 -20.43 63.87 8.52
N THR E 4 -19.50 63.30 7.74
CA THR E 4 -19.52 61.89 7.40
C THR E 4 -18.10 61.36 7.25
N ALA E 5 -17.99 60.04 7.10
CA ALA E 5 -16.70 59.39 6.86
C ALA E 5 -16.92 58.02 6.23
N THR E 6 -16.03 57.63 5.33
CA THR E 6 -16.10 56.34 4.67
C THR E 6 -15.07 55.39 5.27
N LEU E 7 -15.45 54.13 5.45
CA LEU E 7 -14.56 53.12 6.00
C LEU E 7 -14.67 51.84 5.16
N CYS E 8 -13.62 51.56 4.38
CA CYS E 8 -13.58 50.39 3.51
C CYS E 8 -12.61 49.35 4.03
N LEU E 9 -13.11 48.14 4.27
CA LEU E 9 -12.27 47.02 4.67
C LEU E 9 -11.71 46.33 3.44
N GLY E 10 -10.66 45.54 3.62
CA GLY E 10 -10.08 44.80 2.52
C GLY E 10 -8.86 43.99 2.93
N HIS E 11 -8.21 43.41 1.92
CA HIS E 11 -7.06 42.54 2.14
C HIS E 11 -5.91 42.92 1.22
N HIS E 12 -4.73 42.40 1.52
CA HIS E 12 -3.52 42.70 0.74
C HIS E 12 -3.43 41.88 -0.54
N ALA E 13 -2.43 42.18 -1.35
CA ALA E 13 -2.22 41.48 -2.62
C ALA E 13 -0.77 41.62 -3.07
N VAL E 14 -0.40 40.87 -4.10
CA VAL E 14 0.95 40.92 -4.67
C VAL E 14 0.90 40.80 -6.18
N ALA E 15 1.94 41.29 -6.85
CA ALA E 15 2.04 41.25 -8.31
C ALA E 15 2.33 39.85 -8.80
N ASN E 16 3.44 39.27 -8.32
CA ASN E 16 3.88 37.94 -8.74
C ASN E 16 3.43 36.82 -7.80
N GLY E 17 2.20 36.36 -8.00
CA GLY E 17 1.64 35.27 -7.20
C GLY E 17 2.17 33.91 -7.62
N THR E 18 1.57 32.87 -7.08
CA THR E 18 1.95 31.49 -7.38
C THR E 18 0.70 30.60 -7.46
N LEU E 19 0.68 29.67 -8.43
CA LEU E 19 -0.49 28.82 -8.64
C LEU E 19 -0.45 27.54 -7.81
N VAL E 20 -1.63 27.07 -7.42
CA VAL E 20 -1.76 25.84 -6.62
C VAL E 20 -2.98 25.03 -7.06
N LYS E 21 -3.02 23.76 -6.65
CA LYS E 21 -4.13 22.87 -6.93
C LYS E 21 -5.00 22.71 -5.70
N THR E 22 -6.32 22.64 -5.89
CA THR E 22 -7.28 22.47 -4.79
C THR E 22 -8.24 21.32 -5.11
N ILE E 23 -9.34 21.24 -4.35
CA ILE E 23 -10.37 20.22 -4.59
C ILE E 23 -11.19 20.57 -5.83
N THR E 24 -11.41 21.86 -6.05
CA THR E 24 -12.23 22.35 -7.15
C THR E 24 -11.38 22.81 -8.34
N ASP E 25 -10.52 23.79 -8.10
CA ASP E 25 -9.72 24.39 -9.15
C ASP E 25 -8.45 23.59 -9.42
N ASP E 26 -8.15 23.36 -10.70
CA ASP E 26 -6.92 22.66 -11.10
C ASP E 26 -5.73 23.63 -11.06
N GLN E 27 -5.98 24.90 -11.35
CA GLN E 27 -4.98 25.95 -11.22
C GLN E 27 -5.64 27.22 -10.70
N ILE E 28 -5.34 27.59 -9.46
CA ILE E 28 -5.84 28.83 -8.85
C ILE E 28 -4.67 29.60 -8.24
N GLU E 29 -4.71 30.93 -8.38
CA GLU E 29 -3.61 31.79 -7.93
C GLU E 29 -3.79 32.21 -6.48
N VAL E 30 -2.71 32.11 -5.71
CA VAL E 30 -2.69 32.55 -4.31
C VAL E 30 -1.54 33.54 -4.09
N THR E 31 -1.61 34.26 -2.98
CA THR E 31 -0.60 35.27 -2.66
C THR E 31 0.78 34.66 -2.39
N ASN E 32 0.80 33.45 -1.84
CA ASN E 32 2.04 32.79 -1.46
C ASN E 32 1.94 31.28 -1.51
N ALA E 33 3.09 30.62 -1.66
CA ALA E 33 3.16 29.15 -1.65
C ALA E 33 4.56 28.66 -1.27
N THR E 34 4.64 27.40 -0.86
CA THR E 34 5.91 26.77 -0.50
C THR E 34 5.99 25.34 -1.06
N GLU E 35 7.19 24.93 -1.44
CA GLU E 35 7.39 23.65 -2.13
C GLU E 35 7.42 22.48 -1.15
N LEU E 36 6.63 21.45 -1.45
CA LEU E 36 6.59 20.22 -0.64
C LEU E 36 7.37 19.06 -1.27
N VAL E 37 7.73 19.19 -2.55
CA VAL E 37 8.49 18.16 -3.26
C VAL E 37 9.96 18.58 -3.37
N GLN E 38 10.84 17.77 -2.77
CA GLN E 38 12.28 17.98 -2.89
C GLN E 38 12.76 17.35 -4.21
N SER E 39 12.76 18.15 -5.27
CA SER E 39 13.12 17.68 -6.60
C SER E 39 14.62 17.77 -6.90
N ILE E 40 15.28 18.77 -6.34
CA ILE E 40 16.73 18.96 -6.55
C ILE E 40 17.56 18.16 -5.56
N SER E 41 18.86 18.05 -5.84
CA SER E 41 19.79 17.36 -4.96
C SER E 41 21.14 18.08 -4.92
N ILE E 42 21.97 17.69 -3.95
CA ILE E 42 23.29 18.30 -3.78
C ILE E 42 24.25 17.85 -4.87
N GLY E 43 24.20 16.57 -5.24
CA GLY E 43 25.10 15.99 -6.21
C GLY E 43 26.30 15.29 -5.57
N LYS E 44 26.23 15.11 -4.25
CA LYS E 44 27.26 14.39 -3.52
C LYS E 44 26.74 13.87 -2.18
N ILE E 45 27.18 12.68 -1.80
CA ILE E 45 26.71 12.03 -0.58
C ILE E 45 27.35 12.66 0.65
N CYS E 46 26.55 12.86 1.70
CA CYS E 46 27.06 13.41 2.96
C CYS E 46 27.50 12.28 3.89
N ASN E 47 28.39 12.64 4.81
CA ASN E 47 29.25 11.69 5.52
C ASN E 47 29.45 11.94 7.01
N ASN E 48 28.91 13.05 7.53
CA ASN E 48 29.05 13.39 8.94
C ASN E 48 27.90 12.84 9.78
N SER E 49 26.71 12.73 9.18
CA SER E 49 25.55 12.15 9.84
C SER E 49 25.72 10.65 10.03
N TYR E 50 26.06 9.96 8.95
CA TYR E 50 26.29 8.52 8.96
C TYR E 50 27.70 8.18 8.46
N ARG E 51 28.24 7.07 8.94
CA ARG E 51 29.53 6.56 8.45
C ARG E 51 29.34 5.92 7.08
N VAL E 52 29.57 6.70 6.04
CA VAL E 52 29.47 6.22 4.65
C VAL E 52 30.83 5.72 4.18
N LEU E 53 30.89 4.43 3.82
CA LEU E 53 32.13 3.78 3.41
C LEU E 53 32.14 3.49 1.91
N ASP E 54 33.11 4.07 1.19
CA ASP E 54 33.24 3.87 -0.25
C ASP E 54 33.95 2.54 -0.53
N GLY E 55 33.24 1.65 -1.23
CA GLY E 55 33.80 0.35 -1.61
C GLY E 55 34.84 0.46 -2.71
N ARG E 56 34.71 1.47 -3.56
CA ARG E 56 35.61 1.70 -4.70
C ARG E 56 35.44 0.57 -5.73
N ASN E 57 36.54 0.01 -6.25
CA ASN E 57 36.45 -1.10 -7.20
C ASN E 57 35.98 -2.42 -6.59
N CYS E 58 35.89 -2.48 -5.26
CA CYS E 58 35.37 -3.66 -4.58
C CYS E 58 33.85 -3.64 -4.45
N THR E 59 33.22 -4.78 -4.69
CA THR E 59 31.83 -4.99 -4.35
C THR E 59 31.76 -5.42 -2.88
N LEU E 60 30.55 -5.56 -2.36
CA LEU E 60 30.37 -5.96 -0.95
C LEU E 60 30.82 -7.39 -0.69
N ILE E 61 30.56 -8.28 -1.65
CA ILE E 61 30.89 -9.70 -1.50
C ILE E 61 32.35 -10.02 -1.85
N ASP E 62 32.94 -9.27 -2.78
CA ASP E 62 34.38 -9.40 -3.07
C ASP E 62 35.22 -9.04 -1.84
N ALA E 63 34.85 -7.95 -1.17
CA ALA E 63 35.51 -7.53 0.06
C ALA E 63 35.24 -8.51 1.20
N MET E 64 34.03 -9.06 1.23
CA MET E 64 33.65 -10.07 2.23
C MET E 64 34.51 -11.33 2.09
N LEU E 65 34.57 -11.87 0.87
CA LEU E 65 35.37 -13.06 0.60
C LEU E 65 36.87 -12.83 0.84
N GLY E 66 37.35 -11.65 0.47
CA GLY E 66 38.74 -11.26 0.68
C GLY E 66 39.55 -11.29 -0.60
N ASP E 67 39.08 -10.56 -1.59
CA ASP E 67 39.76 -10.46 -2.88
C ASP E 67 41.06 -9.66 -2.71
N PRO E 68 42.15 -10.09 -3.37
CA PRO E 68 43.46 -9.43 -3.29
C PRO E 68 43.44 -7.89 -3.32
N HIS E 69 42.60 -7.30 -4.17
CA HIS E 69 42.51 -5.84 -4.28
C HIS E 69 41.56 -5.22 -3.23
N CYS E 70 41.01 -6.05 -2.35
CA CYS E 70 40.14 -5.60 -1.27
C CYS E 70 40.71 -5.95 0.11
N ASP E 71 42.03 -5.81 0.24
CA ASP E 71 42.70 -6.04 1.53
C ASP E 71 42.48 -4.86 2.49
N ASP E 72 42.07 -3.71 1.93
CA ASP E 72 41.75 -2.54 2.73
C ASP E 72 40.53 -2.76 3.62
N PHE E 73 39.52 -3.45 3.07
CA PHE E 73 38.27 -3.69 3.77
C PHE E 73 38.27 -5.05 4.48
N GLN E 74 39.27 -5.28 5.33
CA GLN E 74 39.39 -6.56 6.05
C GLN E 74 38.62 -6.57 7.35
N TYR E 75 38.78 -5.51 8.15
CA TYR E 75 38.12 -5.41 9.46
C TYR E 75 37.19 -4.21 9.59
N GLU E 76 36.98 -3.47 8.49
CA GLU E 76 36.20 -2.23 8.54
C GLU E 76 34.70 -2.49 8.59
N ASN E 77 33.97 -1.57 9.21
CA ASN E 77 32.50 -1.62 9.27
C ASN E 77 31.90 -0.30 8.76
N TRP E 78 30.59 -0.30 8.52
CA TRP E 78 29.92 0.83 7.88
C TRP E 78 28.47 1.01 8.33
N ASP E 79 27.91 2.18 8.01
CA ASP E 79 26.47 2.42 8.10
C ASP E 79 25.83 2.27 6.72
N LEU E 80 26.50 2.80 5.70
CA LEU E 80 26.06 2.64 4.31
C LEU E 80 27.25 2.34 3.41
N PHE E 81 27.24 1.17 2.78
CA PHE E 81 28.30 0.75 1.87
C PHE E 81 27.95 1.13 0.43
N ILE E 82 28.90 1.74 -0.27
CA ILE E 82 28.68 2.19 -1.64
C ILE E 82 29.36 1.24 -2.64
N GLU E 83 28.56 0.51 -3.41
CA GLU E 83 29.05 -0.34 -4.48
C GLU E 83 29.11 0.47 -5.78
N ARG E 84 30.30 0.61 -6.33
CA ARG E 84 30.48 1.36 -7.57
C ARG E 84 30.09 0.50 -8.78
N SER E 85 29.68 1.16 -9.86
CA SER E 85 29.47 0.50 -11.14
C SER E 85 30.82 0.07 -11.71
N SER E 86 31.81 0.96 -11.58
CA SER E 86 33.20 0.64 -11.90
C SER E 86 33.80 -0.22 -10.79
N ALA E 87 33.48 -1.51 -10.82
CA ALA E 87 33.96 -2.46 -9.83
C ALA E 87 34.13 -3.84 -10.47
N PHE E 88 35.12 -4.60 -10.01
CA PHE E 88 35.44 -5.90 -10.60
C PHE E 88 35.78 -6.95 -9.55
N SER E 89 35.87 -8.20 -10.02
CA SER E 89 36.29 -9.34 -9.19
C SER E 89 37.59 -9.89 -9.76
N ASN E 90 38.69 -9.68 -9.05
CA ASN E 90 40.02 -10.06 -9.53
C ASN E 90 40.60 -11.21 -8.68
N CYS E 91 39.87 -12.32 -8.64
CA CYS E 91 40.33 -13.54 -7.98
C CYS E 91 39.82 -14.75 -8.78
N TYR E 92 39.57 -15.87 -8.10
CA TYR E 92 39.09 -17.08 -8.75
C TYR E 92 37.67 -16.86 -9.28
N PRO E 93 37.36 -17.35 -10.50
CA PRO E 93 36.01 -17.18 -11.04
C PRO E 93 34.96 -17.92 -10.20
N TYR E 94 33.94 -17.20 -9.75
CA TYR E 94 32.97 -17.74 -8.79
C TYR E 94 31.53 -17.37 -9.15
N ASP E 95 30.60 -18.01 -8.46
CA ASP E 95 29.18 -17.69 -8.54
C ASP E 95 28.52 -17.97 -7.20
N ILE E 96 27.31 -17.45 -7.00
CA ILE E 96 26.59 -17.65 -5.74
C ILE E 96 25.10 -17.91 -6.02
N PRO E 97 24.60 -19.11 -5.64
CA PRO E 97 23.15 -19.33 -5.66
C PRO E 97 22.49 -18.51 -4.57
N ASP E 98 21.47 -17.74 -4.95
CA ASP E 98 20.81 -16.79 -4.05
C ASP E 98 21.82 -15.72 -3.62
N TYR E 99 22.39 -15.04 -4.60
CA TYR E 99 23.44 -14.03 -4.40
C TYR E 99 22.94 -12.85 -3.59
N ALA E 100 21.72 -12.40 -3.85
CA ALA E 100 21.15 -11.24 -3.19
C ALA E 100 20.91 -11.44 -1.68
N SER E 101 20.60 -12.67 -1.28
CA SER E 101 20.38 -12.99 0.13
C SER E 101 21.64 -12.80 0.97
N LEU E 102 22.78 -13.26 0.46
CA LEU E 102 24.06 -13.09 1.15
C LEU E 102 24.49 -11.63 1.18
N ARG E 103 24.30 -10.95 0.05
CA ARG E 103 24.60 -9.51 -0.06
C ARG E 103 23.73 -8.68 0.88
N SER E 104 22.49 -9.11 1.09
CA SER E 104 21.56 -8.43 1.99
C SER E 104 21.90 -8.66 3.46
N ILE E 105 22.23 -9.90 3.81
CA ILE E 105 22.57 -10.26 5.19
C ILE E 105 23.88 -9.60 5.62
N VAL E 106 24.83 -9.48 4.70
CA VAL E 106 26.10 -8.80 4.97
C VAL E 106 25.88 -7.28 5.11
N ALA E 107 24.95 -6.74 4.32
CA ALA E 107 24.63 -5.31 4.37
C ALA E 107 23.87 -4.94 5.64
N SER E 108 22.92 -5.77 6.04
CA SER E 108 22.16 -5.57 7.28
C SER E 108 23.05 -5.78 8.51
N SER E 109 24.02 -6.69 8.39
CA SER E 109 25.02 -6.90 9.43
C SER E 109 25.83 -5.62 9.65
N GLY E 110 26.28 -5.01 8.56
CA GLY E 110 26.97 -3.73 8.61
C GLY E 110 28.36 -3.80 9.24
N THR E 111 29.03 -4.94 9.05
CA THR E 111 30.39 -5.12 9.57
C THR E 111 31.08 -6.29 8.87
N LEU E 112 32.40 -6.22 8.81
CA LEU E 112 33.20 -7.28 8.21
C LEU E 112 34.40 -7.66 9.10
N GLU E 113 34.23 -7.55 10.41
CA GLU E 113 35.26 -8.06 11.33
C GLU E 113 35.26 -9.58 11.26
N PHE E 114 36.45 -10.17 11.40
CA PHE E 114 36.63 -11.60 11.16
C PHE E 114 37.42 -12.27 12.28
N THR E 115 36.74 -13.11 13.07
CA THR E 115 37.39 -13.88 14.11
C THR E 115 37.73 -15.28 13.56
N ALA E 116 39.02 -15.52 13.35
CA ALA E 116 39.49 -16.79 12.81
C ALA E 116 39.43 -17.90 13.86
N GLU E 117 39.35 -19.14 13.40
CA GLU E 117 39.27 -20.30 14.27
C GLU E 117 40.14 -21.44 13.74
N GLY E 118 40.88 -22.09 14.65
CA GLY E 118 41.78 -23.18 14.28
C GLY E 118 41.08 -24.52 14.16
N PHE E 119 40.72 -24.88 12.93
CA PHE E 119 40.07 -26.15 12.64
C PHE E 119 41.13 -27.25 12.55
N THR E 120 40.77 -28.46 12.98
CA THR E 120 41.70 -29.59 12.97
C THR E 120 41.64 -30.32 11.62
N TRP E 121 42.43 -29.85 10.66
CA TRP E 121 42.50 -30.46 9.32
C TRP E 121 43.55 -31.56 9.32
N THR E 122 43.09 -32.81 9.27
CA THR E 122 43.98 -33.97 9.30
C THR E 122 44.06 -34.65 7.93
N GLY E 123 45.28 -34.70 7.37
CA GLY E 123 45.53 -35.42 6.12
C GLY E 123 45.26 -34.62 4.86
N VAL E 124 45.33 -33.29 4.96
CA VAL E 124 45.11 -32.42 3.81
C VAL E 124 46.01 -31.17 3.90
N THR E 125 46.42 -30.66 2.74
CA THR E 125 47.24 -29.46 2.67
C THR E 125 46.36 -28.21 2.51
N GLN E 126 46.72 -27.14 3.20
CA GLN E 126 45.94 -25.90 3.23
C GLN E 126 46.57 -24.83 2.36
N ASN E 127 45.95 -23.65 2.33
CA ASN E 127 46.49 -22.47 1.63
C ASN E 127 46.74 -22.71 0.14
N GLY E 128 45.75 -23.28 -0.54
CA GLY E 128 45.80 -23.44 -1.99
C GLY E 128 45.60 -22.09 -2.66
N GLY E 129 46.18 -21.93 -3.85
CA GLY E 129 46.13 -20.65 -4.57
C GLY E 129 45.83 -20.81 -6.05
N SER E 130 46.02 -19.71 -6.78
CA SER E 130 45.74 -19.69 -8.22
C SER E 130 46.43 -18.50 -8.90
N GLY E 131 46.70 -18.64 -10.19
CA GLY E 131 47.30 -17.57 -10.99
C GLY E 131 46.35 -16.44 -11.33
N ALA E 132 45.04 -16.72 -11.25
CA ALA E 132 44.00 -15.72 -11.50
C ALA E 132 43.61 -14.94 -10.24
N CYS E 133 44.35 -15.13 -9.14
CA CYS E 133 44.08 -14.43 -7.89
C CYS E 133 45.40 -14.03 -7.23
N LYS E 134 46.15 -13.17 -7.92
CA LYS E 134 47.48 -12.76 -7.47
C LYS E 134 47.39 -11.74 -6.33
N ARG E 135 47.97 -12.08 -5.19
CA ARG E 135 48.03 -11.18 -4.03
C ARG E 135 49.38 -10.48 -3.99
N GLY E 136 49.49 -9.37 -4.71
CA GLY E 136 50.74 -8.62 -4.82
C GLY E 136 51.53 -9.03 -6.06
N SER E 137 51.86 -10.32 -6.15
CA SER E 137 52.57 -10.87 -7.30
C SER E 137 52.40 -12.39 -7.39
N ALA E 138 52.77 -13.09 -6.32
CA ALA E 138 52.64 -14.55 -6.26
C ALA E 138 51.18 -14.99 -6.17
N ASP E 139 50.95 -16.28 -6.41
CA ASP E 139 49.60 -16.84 -6.40
C ASP E 139 49.00 -16.85 -5.00
N SER E 140 47.68 -16.70 -4.93
CA SER E 140 46.97 -16.63 -3.65
C SER E 140 45.49 -17.00 -3.84
N PHE E 141 44.69 -16.76 -2.80
CA PHE E 141 43.26 -17.07 -2.83
C PHE E 141 42.53 -16.13 -1.87
N PHE E 142 41.19 -16.19 -1.88
CA PHE E 142 40.36 -15.46 -0.92
C PHE E 142 40.90 -15.64 0.50
N SER E 143 41.03 -14.53 1.23
CA SER E 143 41.66 -14.55 2.55
C SER E 143 40.80 -15.22 3.64
N ARG E 144 39.47 -15.18 3.48
CA ARG E 144 38.55 -15.80 4.45
C ARG E 144 38.14 -17.23 4.06
N LEU E 145 38.51 -17.67 2.86
CA LEU E 145 38.31 -19.06 2.43
C LEU E 145 39.63 -19.83 2.41
N ASN E 146 39.53 -21.15 2.36
CA ASN E 146 40.71 -22.02 2.43
C ASN E 146 40.55 -23.22 1.50
N TRP E 147 41.33 -23.25 0.43
CA TRP E 147 41.28 -24.34 -0.54
C TRP E 147 42.02 -25.55 0.02
N LEU E 148 41.29 -26.66 0.17
CA LEU E 148 41.88 -27.92 0.65
C LEU E 148 42.03 -28.92 -0.50
N THR E 149 43.22 -29.50 -0.60
CA THR E 149 43.51 -30.54 -1.60
C THR E 149 44.22 -31.71 -0.95
N LYS E 150 44.40 -32.79 -1.71
CA LYS E 150 45.02 -34.02 -1.20
C LYS E 150 46.48 -33.80 -0.80
N SER E 151 46.88 -34.47 0.29
CA SER E 151 48.25 -34.36 0.81
C SER E 151 49.02 -35.64 0.53
N GLY E 152 49.54 -35.74 -0.69
CA GLY E 152 50.37 -36.89 -1.10
C GLY E 152 49.64 -37.88 -1.98
N ASN E 153 49.23 -39.00 -1.39
CA ASN E 153 48.67 -40.13 -2.15
C ASN E 153 47.15 -40.28 -2.04
N SER E 154 46.56 -39.88 -0.91
CA SER E 154 45.13 -40.07 -0.68
C SER E 154 44.45 -38.88 0.00
N TYR E 155 43.18 -38.67 -0.35
CA TYR E 155 42.34 -37.64 0.26
C TYR E 155 41.36 -38.32 1.22
N PRO E 156 41.52 -38.10 2.54
CA PRO E 156 40.61 -38.73 3.50
C PRO E 156 39.26 -38.03 3.60
N ILE E 157 38.27 -38.72 4.15
CA ILE E 157 36.94 -38.15 4.36
C ILE E 157 37.01 -37.25 5.60
N LEU E 158 36.96 -35.93 5.39
CA LEU E 158 37.14 -34.96 6.47
C LEU E 158 35.95 -34.97 7.43
N ASN E 159 36.17 -34.45 8.65
CA ASN E 159 35.19 -34.61 9.72
C ASN E 159 35.45 -33.70 10.94
N VAL E 160 35.33 -32.38 10.73
CA VAL E 160 35.61 -31.41 11.81
C VAL E 160 34.33 -30.97 12.52
N THR E 161 34.48 -30.46 13.74
CA THR E 161 33.37 -29.96 14.56
C THR E 161 33.77 -28.67 15.28
N MET E 162 32.94 -27.64 15.12
CA MET E 162 33.21 -26.32 15.70
C MET E 162 32.01 -25.86 16.53
N PRO E 163 32.03 -26.10 17.86
CA PRO E 163 30.89 -25.75 18.71
C PRO E 163 30.81 -24.26 19.03
N ASN E 164 29.59 -23.71 18.99
CA ASN E 164 29.35 -22.30 19.26
C ASN E 164 29.11 -22.08 20.76
N ASN E 165 30.14 -21.60 21.45
CA ASN E 165 30.04 -21.19 22.85
C ASN E 165 29.84 -19.68 23.01
N LYS E 166 29.73 -18.98 21.88
CA LYS E 166 29.46 -17.55 21.88
C LYS E 166 27.94 -17.35 21.90
N ASN E 167 27.51 -16.17 22.32
CA ASN E 167 26.07 -15.87 22.45
C ASN E 167 25.55 -14.97 21.32
N PHE E 168 25.89 -15.32 20.08
CA PHE E 168 25.38 -14.63 18.89
C PHE E 168 25.46 -15.53 17.65
N ASP E 169 24.85 -15.07 16.57
CA ASP E 169 24.79 -15.83 15.32
C ASP E 169 26.12 -15.76 14.55
N LYS E 170 26.81 -16.89 14.45
CA LYS E 170 28.04 -16.99 13.67
C LYS E 170 27.73 -17.27 12.21
N LEU E 171 28.45 -16.58 11.31
CA LEU E 171 28.26 -16.74 9.87
C LEU E 171 29.52 -17.32 9.22
N TYR E 172 29.49 -18.64 8.98
CA TYR E 172 30.58 -19.33 8.30
C TYR E 172 30.37 -19.32 6.79
N ILE E 173 31.26 -18.65 6.06
CA ILE E 173 31.22 -18.64 4.60
C ILE E 173 32.09 -19.77 4.06
N TRP E 174 31.49 -20.62 3.23
CA TRP E 174 32.19 -21.76 2.64
C TRP E 174 31.74 -21.95 1.19
N GLY E 175 32.30 -22.96 0.52
CA GLY E 175 31.93 -23.26 -0.86
C GLY E 175 32.36 -24.62 -1.33
N ILE E 176 32.25 -24.85 -2.63
CA ILE E 176 32.66 -26.10 -3.25
C ILE E 176 33.33 -25.80 -4.59
N HIS E 177 34.32 -26.62 -4.97
CA HIS E 177 35.07 -26.39 -6.20
C HIS E 177 34.50 -27.21 -7.36
N HIS E 178 34.54 -26.64 -8.55
CA HIS E 178 34.11 -27.31 -9.78
C HIS E 178 35.30 -27.45 -10.73
N PRO E 179 35.93 -28.64 -10.78
CA PRO E 179 37.07 -28.84 -11.70
C PRO E 179 36.69 -28.72 -13.17
N SER E 180 37.69 -28.47 -14.01
CA SER E 180 37.48 -28.30 -15.44
C SER E 180 37.44 -29.62 -16.21
N SER E 181 38.16 -30.62 -15.70
CA SER E 181 38.30 -31.91 -16.38
C SER E 181 38.30 -33.09 -15.41
N ASN E 182 38.07 -34.29 -15.97
CA ASN E 182 38.03 -35.52 -15.17
C ASN E 182 39.39 -35.88 -14.57
N LYS E 183 40.46 -35.59 -15.31
CA LYS E 183 41.82 -35.77 -14.80
C LYS E 183 42.08 -34.89 -13.57
N GLU E 184 41.52 -33.68 -13.58
CA GLU E 184 41.75 -32.70 -12.51
C GLU E 184 41.03 -33.08 -11.20
N GLN E 185 39.95 -33.85 -11.31
CA GLN E 185 39.24 -34.36 -10.15
C GLN E 185 40.11 -35.32 -9.36
N THR E 186 40.65 -36.33 -10.05
CA THR E 186 41.52 -37.33 -9.42
C THR E 186 42.93 -36.81 -9.17
N LYS E 187 43.32 -35.75 -9.88
CA LYS E 187 44.64 -35.12 -9.69
C LYS E 187 44.71 -34.38 -8.37
N LEU E 188 43.85 -33.38 -8.21
CA LEU E 188 43.90 -32.49 -7.05
C LEU E 188 43.27 -33.10 -5.79
N TYR E 189 42.23 -33.92 -5.98
CA TYR E 189 41.44 -34.41 -4.84
C TYR E 189 41.40 -35.93 -4.71
N ILE E 190 42.17 -36.65 -5.52
CA ILE E 190 42.25 -38.13 -5.48
C ILE E 190 40.89 -38.81 -5.70
N GLN E 191 39.99 -38.65 -4.75
CA GLN E 191 38.67 -39.29 -4.79
C GLN E 191 37.92 -38.97 -6.09
N GLU E 192 37.18 -39.96 -6.59
CA GLU E 192 36.49 -39.86 -7.88
C GLU E 192 35.28 -38.93 -7.82
N SER E 193 34.45 -39.11 -6.80
CA SER E 193 33.25 -38.30 -6.62
C SER E 193 33.42 -37.31 -5.48
N GLY E 194 33.36 -36.01 -5.81
CA GLY E 194 33.42 -34.96 -4.80
C GLY E 194 32.09 -34.75 -4.11
N ARG E 195 32.13 -34.23 -2.89
CA ARG E 195 30.91 -34.00 -2.10
C ARG E 195 31.21 -33.17 -0.86
N VAL E 196 30.24 -32.33 -0.46
CA VAL E 196 30.34 -31.50 0.74
C VAL E 196 29.01 -31.52 1.49
N THR E 197 29.06 -31.69 2.81
CA THR E 197 27.86 -31.78 3.63
C THR E 197 28.01 -30.99 4.94
N VAL E 198 27.59 -29.71 4.91
CA VAL E 198 27.49 -28.90 6.12
C VAL E 198 26.14 -29.16 6.76
N SER E 199 26.13 -29.42 8.07
CA SER E 199 24.92 -29.81 8.78
C SER E 199 24.91 -29.38 10.23
N THR E 200 24.03 -28.43 10.55
CA THR E 200 23.76 -28.03 11.93
C THR E 200 22.74 -29.01 12.53
N GLU E 201 22.26 -28.72 13.73
CA GLU E 201 21.22 -29.54 14.36
C GLU E 201 19.84 -29.35 13.71
N ARG E 202 19.56 -28.14 13.25
CA ARG E 202 18.24 -27.78 12.73
C ARG E 202 18.08 -28.05 11.24
N SER E 203 19.18 -28.07 10.50
CA SER E 203 19.14 -28.22 9.04
C SER E 203 20.34 -28.99 8.50
N GLN E 204 20.36 -29.19 7.19
CA GLN E 204 21.48 -29.83 6.50
C GLN E 204 21.58 -29.34 5.06
N GLN E 205 22.80 -29.02 4.63
CA GLN E 205 23.07 -28.60 3.26
C GLN E 205 24.13 -29.49 2.64
N THR E 206 23.74 -30.28 1.64
CA THR E 206 24.66 -31.14 0.91
C THR E 206 24.82 -30.65 -0.52
N VAL E 207 26.07 -30.56 -0.97
CA VAL E 207 26.38 -30.02 -2.30
C VAL E 207 27.27 -31.00 -3.08
N ILE E 208 27.05 -31.05 -4.40
CA ILE E 208 27.80 -31.93 -5.31
C ILE E 208 28.46 -31.07 -6.41
N PRO E 209 29.78 -31.28 -6.64
CA PRO E 209 30.48 -30.52 -7.67
C PRO E 209 30.20 -31.05 -9.07
N ASN E 210 30.68 -30.34 -10.09
CA ASN E 210 30.41 -30.68 -11.48
C ASN E 210 31.64 -30.48 -12.36
N ILE E 211 32.14 -31.57 -12.94
CA ILE E 211 33.34 -31.52 -13.79
C ILE E 211 32.95 -31.13 -15.21
N GLY E 212 33.39 -29.95 -15.64
CA GLY E 212 33.08 -29.46 -16.98
C GLY E 212 33.76 -28.14 -17.32
N SER E 213 33.87 -27.87 -18.63
CA SER E 213 34.53 -26.65 -19.12
C SER E 213 33.59 -25.44 -19.09
N ARG E 214 34.04 -24.38 -18.41
CA ARG E 214 33.35 -23.08 -18.40
C ARG E 214 34.14 -22.08 -19.24
N PRO E 215 33.54 -20.90 -19.53
CA PRO E 215 34.25 -19.85 -20.26
C PRO E 215 35.60 -19.45 -19.63
N TRP E 216 36.50 -18.94 -20.47
CA TRP E 216 37.85 -18.58 -20.05
C TRP E 216 37.84 -17.29 -19.23
N VAL E 217 38.08 -17.42 -17.92
CA VAL E 217 38.12 -16.28 -17.02
C VAL E 217 39.52 -16.16 -16.40
N ARG E 218 40.38 -15.41 -17.07
CA ARG E 218 41.76 -15.17 -16.62
C ARG E 218 42.55 -16.45 -16.35
N GLY E 219 42.38 -17.45 -17.22
CA GLY E 219 43.15 -18.69 -17.15
C GLY E 219 42.32 -19.91 -16.77
N GLN E 220 41.40 -19.74 -15.83
CA GLN E 220 40.64 -20.86 -15.27
C GLN E 220 39.32 -21.11 -16.00
N SER E 221 39.08 -22.38 -16.34
CA SER E 221 37.85 -22.81 -16.98
C SER E 221 36.94 -23.53 -15.97
N GLY E 222 37.07 -23.17 -14.69
CA GLY E 222 36.30 -23.79 -13.61
C GLY E 222 35.53 -22.76 -12.80
N ARG E 223 34.90 -23.23 -11.72
CA ARG E 223 34.04 -22.39 -10.89
C ARG E 223 34.11 -22.78 -9.41
N ILE E 224 33.68 -21.86 -8.55
CA ILE E 224 33.51 -22.13 -7.11
C ILE E 224 32.18 -21.52 -6.64
N SER E 225 31.22 -22.39 -6.31
CA SER E 225 29.92 -21.96 -5.79
C SER E 225 30.04 -21.57 -4.32
N ILE E 226 29.65 -20.35 -3.99
CA ILE E 226 29.75 -19.83 -2.63
C ILE E 226 28.46 -20.10 -1.84
N TYR E 227 28.61 -20.76 -0.70
CA TYR E 227 27.50 -21.03 0.21
C TYR E 227 27.75 -20.36 1.56
N TRP E 228 26.78 -20.47 2.47
CA TRP E 228 26.94 -19.96 3.83
C TRP E 228 26.02 -20.71 4.81
N THR E 229 26.41 -20.73 6.08
CA THR E 229 25.64 -21.40 7.13
C THR E 229 25.70 -20.60 8.42
N ILE E 230 24.54 -20.14 8.90
CA ILE E 230 24.44 -19.42 10.15
C ILE E 230 24.32 -20.42 11.31
N VAL E 231 25.00 -20.14 12.41
CA VAL E 231 25.01 -21.03 13.57
C VAL E 231 24.61 -20.25 14.82
N LYS E 232 23.49 -20.66 15.43
CA LYS E 232 22.94 -19.98 16.60
C LYS E 232 23.68 -20.37 17.89
N PRO E 233 23.48 -19.62 18.99
CA PRO E 233 24.08 -19.96 20.29
C PRO E 233 23.63 -21.32 20.83
N GLY E 234 24.59 -22.19 21.12
CA GLY E 234 24.31 -23.54 21.61
C GLY E 234 24.41 -24.62 20.54
N ASP E 235 24.16 -24.24 19.29
CA ASP E 235 24.22 -25.17 18.16
C ASP E 235 25.68 -25.48 17.81
N ILE E 236 25.90 -26.56 17.08
CA ILE E 236 27.24 -27.00 16.70
C ILE E 236 27.36 -27.16 15.18
N LEU E 237 28.51 -26.76 14.64
CA LEU E 237 28.81 -26.89 13.21
C LEU E 237 29.46 -28.24 12.95
N MET E 238 29.24 -28.78 11.75
CA MET E 238 29.79 -30.08 11.36
C MET E 238 29.85 -30.23 9.85
N ILE E 239 31.06 -30.42 9.31
CA ILE E 239 31.24 -30.68 7.89
C ILE E 239 31.49 -32.17 7.67
N ASN E 240 31.00 -32.67 6.54
CA ASN E 240 31.26 -34.04 6.11
C ASN E 240 31.57 -34.06 4.61
N SER E 241 32.86 -33.98 4.29
CA SER E 241 33.30 -33.94 2.89
C SER E 241 34.27 -35.07 2.59
N ASN E 242 34.47 -35.30 1.30
CA ASN E 242 35.45 -36.28 0.81
C ASN E 242 36.06 -35.82 -0.52
N GLY E 243 36.36 -34.53 -0.60
CA GLY E 243 36.93 -33.93 -1.81
C GLY E 243 36.25 -32.62 -2.17
N ASN E 244 37.00 -31.75 -2.86
CA ASN E 244 36.48 -30.48 -3.39
C ASN E 244 35.98 -29.49 -2.33
N LEU E 245 36.47 -29.63 -1.09
CA LEU E 245 36.02 -28.79 0.01
C LEU E 245 36.77 -27.45 0.01
N VAL E 246 36.02 -26.36 -0.16
CA VAL E 246 36.55 -25.02 0.04
C VAL E 246 36.20 -24.62 1.48
N ALA E 247 37.14 -24.87 2.39
CA ALA E 247 36.88 -24.76 3.83
C ALA E 247 36.75 -23.30 4.29
N PRO E 248 36.08 -23.10 5.44
CA PRO E 248 36.01 -21.78 6.06
C PRO E 248 37.19 -21.53 7.00
N ARG E 249 37.81 -20.35 6.87
CA ARG E 249 38.91 -19.95 7.76
C ARG E 249 38.39 -19.63 9.16
N GLY E 250 37.21 -19.03 9.24
CA GLY E 250 36.62 -18.64 10.51
C GLY E 250 35.16 -18.21 10.35
N TYR E 251 34.77 -17.16 11.07
CA TYR E 251 33.39 -16.68 11.04
C TYR E 251 33.31 -15.15 11.15
N PHE E 252 32.32 -14.58 10.49
CA PHE E 252 32.02 -13.15 10.62
C PHE E 252 31.05 -12.96 11.78
N LYS E 253 31.06 -11.75 12.35
CA LYS E 253 30.22 -11.44 13.50
C LYS E 253 28.96 -10.67 13.08
N LEU E 254 27.83 -11.37 13.05
CA LEU E 254 26.55 -10.79 12.64
C LEU E 254 25.95 -9.90 13.74
N ARG E 255 25.11 -8.96 13.33
CA ARG E 255 24.42 -8.07 14.25
C ARG E 255 23.21 -7.40 13.59
N THR E 256 22.13 -7.24 14.33
CA THR E 256 20.94 -6.53 13.84
C THR E 256 21.13 -5.02 14.01
N GLY E 257 21.67 -4.39 12.98
CA GLY E 257 21.95 -2.95 13.00
C GLY E 257 21.03 -2.15 12.10
N LYS E 258 21.46 -0.93 11.78
CA LYS E 258 20.71 -0.03 10.90
C LYS E 258 21.47 0.20 9.59
N SER E 259 22.25 -0.80 9.18
CA SER E 259 23.15 -0.68 8.04
C SER E 259 22.54 -1.25 6.76
N SER E 260 23.09 -0.86 5.62
CA SER E 260 22.61 -1.30 4.32
C SER E 260 23.68 -1.11 3.23
N VAL E 261 23.29 -1.36 1.99
CA VAL E 261 24.19 -1.21 0.84
C VAL E 261 23.46 -0.48 -0.30
N MET E 262 24.19 0.33 -1.05
CA MET E 262 23.61 1.17 -2.10
C MET E 262 24.53 1.29 -3.31
N ARG E 263 23.97 1.11 -4.51
CA ARG E 263 24.70 1.31 -5.75
C ARG E 263 24.70 2.79 -6.11
N SER E 264 25.89 3.37 -6.30
CA SER E 264 26.03 4.78 -6.59
C SER E 264 27.38 5.10 -7.22
N ASP E 265 27.39 6.08 -8.13
CA ASP E 265 28.62 6.59 -8.73
C ASP E 265 28.76 8.09 -8.43
N ALA E 266 28.42 8.47 -7.20
CA ALA E 266 28.47 9.86 -6.77
C ALA E 266 29.74 10.15 -5.97
N LEU E 267 29.99 11.44 -5.73
CA LEU E 267 31.15 11.88 -4.97
C LEU E 267 30.75 11.97 -3.48
N ILE E 268 31.61 11.49 -2.60
CA ILE E 268 31.36 11.55 -1.15
C ILE E 268 32.26 12.62 -0.53
N ASP E 269 31.77 13.87 -0.50
CA ASP E 269 32.54 14.99 0.03
C ASP E 269 31.94 15.47 1.37
N THR E 270 32.75 16.18 2.15
CA THR E 270 32.37 16.59 3.52
C THR E 270 31.16 17.52 3.59
N CYS E 271 30.06 16.98 4.09
CA CYS E 271 28.84 17.76 4.37
C CYS E 271 28.00 17.03 5.42
N VAL E 272 26.87 17.63 5.81
CA VAL E 272 25.98 17.01 6.79
C VAL E 272 24.54 16.94 6.27
N SER E 273 24.00 15.73 6.24
CA SER E 273 22.63 15.50 5.80
C SER E 273 22.15 14.12 6.26
N GLU E 274 20.88 14.02 6.62
CA GLU E 274 20.32 12.80 7.22
C GLU E 274 19.48 12.00 6.22
N CYS E 275 19.88 12.01 4.95
CA CYS E 275 19.16 11.29 3.89
C CYS E 275 20.05 11.12 2.66
N ILE E 276 20.27 9.88 2.26
CA ILE E 276 21.20 9.56 1.17
C ILE E 276 20.50 8.81 0.04
N THR E 277 20.82 9.18 -1.20
CA THR E 277 20.28 8.53 -2.39
C THR E 277 21.44 8.13 -3.32
N PRO E 278 21.14 7.38 -4.39
CA PRO E 278 22.17 7.12 -5.42
C PRO E 278 22.71 8.39 -6.10
N ASN E 279 21.90 9.43 -6.16
CA ASN E 279 22.32 10.72 -6.73
C ASN E 279 23.18 11.54 -5.78
N GLY E 280 22.96 11.35 -4.47
CA GLY E 280 23.69 12.09 -3.44
C GLY E 280 22.83 12.28 -2.21
N SER E 281 23.10 13.33 -1.45
CA SER E 281 22.32 13.65 -0.26
C SER E 281 21.31 14.77 -0.55
N ILE E 282 20.19 14.73 0.17
CA ILE E 282 19.14 15.74 0.03
C ILE E 282 18.64 16.17 1.42
N PRO E 283 18.13 17.42 1.54
CA PRO E 283 17.60 17.88 2.81
C PRO E 283 16.21 17.27 3.08
N ASN E 284 15.99 16.84 4.31
CA ASN E 284 14.75 16.14 4.68
C ASN E 284 13.71 17.04 5.37
N ASP E 285 13.75 18.34 5.07
CA ASP E 285 12.76 19.28 5.60
C ASP E 285 11.40 19.10 4.92
N LYS E 286 11.41 18.92 3.60
CA LYS E 286 10.19 18.65 2.85
C LYS E 286 9.76 17.19 3.10
N PRO E 287 8.44 16.91 3.08
CA PRO E 287 7.92 15.57 3.33
C PRO E 287 7.87 14.65 2.09
N PHE E 288 8.14 15.17 0.91
CA PHE E 288 8.16 14.38 -0.33
C PHE E 288 9.42 14.63 -1.15
N GLN E 289 9.67 13.77 -2.14
CA GLN E 289 10.84 13.92 -3.02
C GLN E 289 10.66 13.15 -4.34
N ASN E 290 11.27 13.67 -5.40
CA ASN E 290 11.20 13.06 -6.73
C ASN E 290 12.59 12.76 -7.30
N VAL E 291 13.60 12.74 -6.42
CA VAL E 291 14.99 12.55 -6.85
C VAL E 291 15.25 11.09 -7.22
N ASN E 292 14.94 10.19 -6.29
CA ASN E 292 15.17 8.77 -6.50
C ASN E 292 14.37 7.92 -5.50
N LYS E 293 13.77 6.85 -5.99
CA LYS E 293 12.97 5.94 -5.14
C LYS E 293 13.82 5.18 -4.12
N ILE E 294 15.08 4.90 -4.46
CA ILE E 294 16.02 4.30 -3.51
C ILE E 294 16.43 5.37 -2.50
N THR E 295 16.16 5.10 -1.22
CA THR E 295 16.49 6.04 -0.13
C THR E 295 17.07 5.30 1.08
N TYR E 296 17.77 6.05 1.93
CA TYR E 296 18.31 5.51 3.18
C TYR E 296 18.41 6.61 4.24
N GLY E 297 17.89 6.31 5.44
CA GLY E 297 17.94 7.24 6.56
C GLY E 297 16.61 7.94 6.77
N LYS E 298 16.67 9.10 7.42
CA LYS E 298 15.47 9.88 7.74
C LYS E 298 15.05 10.69 6.51
N CYS E 299 14.36 10.02 5.59
CA CYS E 299 14.05 10.58 4.27
C CYS E 299 12.57 10.87 4.06
N PRO E 300 12.26 11.77 3.11
CA PRO E 300 10.89 11.97 2.64
C PRO E 300 10.49 10.90 1.62
N LYS E 301 9.20 10.56 1.61
CA LYS E 301 8.67 9.49 0.75
C LYS E 301 8.76 9.87 -0.73
N TYR E 302 8.94 8.87 -1.58
CA TYR E 302 9.02 9.09 -3.02
C TYR E 302 7.64 9.13 -3.64
N ILE E 303 7.45 10.01 -4.63
CA ILE E 303 6.19 10.14 -5.35
C ILE E 303 6.42 10.47 -6.82
N ARG E 304 5.41 10.21 -7.66
CA ARG E 304 5.50 10.44 -9.10
C ARG E 304 5.54 11.92 -9.47
N GLN E 305 5.03 12.78 -8.58
CA GLN E 305 5.00 14.23 -8.84
C GLN E 305 6.37 14.84 -8.57
N ASN E 306 6.74 15.82 -9.39
CA ASN E 306 8.00 16.56 -9.22
C ASN E 306 7.81 17.94 -8.57
N THR E 307 6.56 18.32 -8.33
CA THR E 307 6.26 19.58 -7.62
C THR E 307 4.84 19.59 -7.05
N LEU E 308 4.71 20.11 -5.83
CA LEU E 308 3.41 20.26 -5.17
C LEU E 308 3.38 21.54 -4.34
N LYS E 309 2.74 22.58 -4.89
CA LYS E 309 2.71 23.89 -4.25
C LYS E 309 1.63 23.97 -3.18
N LEU E 310 2.05 23.98 -1.91
CA LEU E 310 1.14 24.14 -0.77
C LEU E 310 0.90 25.64 -0.52
N ALA E 311 -0.35 26.01 -0.33
CA ALA E 311 -0.73 27.41 -0.17
C ALA E 311 -0.35 27.93 1.21
N THR E 312 0.42 29.02 1.24
CA THR E 312 0.83 29.68 2.48
C THR E 312 0.20 31.08 2.58
N GLY E 313 -0.92 31.29 1.88
CA GLY E 313 -1.59 32.60 1.89
C GLY E 313 -2.95 32.59 1.22
N MET E 314 -3.60 33.75 1.24
CA MET E 314 -4.95 33.92 0.68
C MET E 314 -4.93 33.94 -0.85
N ARG E 315 -6.12 33.97 -1.45
CA ARG E 315 -6.25 34.09 -2.90
C ARG E 315 -5.83 35.49 -3.35
N ASN E 316 -5.04 35.56 -4.41
CA ASN E 316 -4.54 36.83 -4.92
C ASN E 316 -5.45 37.40 -6.01
N VAL E 317 -5.82 38.67 -5.85
CA VAL E 317 -6.65 39.38 -6.83
C VAL E 317 -6.23 40.86 -6.84
N PRO E 318 -5.32 41.24 -7.75
CA PRO E 318 -4.74 42.59 -7.74
C PRO E 318 -5.67 43.68 -8.26
N GLU E 319 -5.16 44.91 -8.30
CA GLU E 319 -5.91 46.05 -8.86
C GLU E 319 -5.93 46.01 -10.39
N LYS E 320 -6.71 46.90 -10.97
CA LYS E 320 -6.80 47.03 -12.43
C LYS E 320 -5.78 48.05 -12.94
N GLY F 1 -13.54 31.75 -2.76
CA GLY F 1 -13.85 31.59 -1.31
C GLY F 1 -15.29 31.20 -1.05
N ILE F 2 -15.49 30.31 -0.07
CA ILE F 2 -16.83 29.78 0.24
C ILE F 2 -17.71 30.73 1.06
N PHE F 3 -17.09 31.76 1.66
CA PHE F 3 -17.85 32.78 2.40
C PHE F 3 -18.19 33.99 1.53
N GLY F 4 -17.53 34.11 0.38
CA GLY F 4 -17.84 35.15 -0.59
C GLY F 4 -17.33 36.54 -0.25
N ALA F 5 -16.24 36.61 0.52
CA ALA F 5 -15.61 37.89 0.86
C ALA F 5 -14.44 38.19 -0.09
N ILE F 6 -13.38 37.39 -0.02
CA ILE F 6 -12.23 37.55 -0.92
C ILE F 6 -12.63 37.05 -2.30
N ALA F 7 -12.34 37.86 -3.31
CA ALA F 7 -12.83 37.63 -4.68
C ALA F 7 -14.35 37.50 -4.70
N GLY F 8 -15.01 38.25 -3.82
CA GLY F 8 -16.46 38.19 -3.64
C GLY F 8 -17.03 39.59 -3.60
N PHE F 9 -17.67 39.97 -2.50
CA PHE F 9 -18.22 41.33 -2.37
C PHE F 9 -17.11 42.37 -2.16
N ILE F 10 -15.90 41.92 -1.86
CA ILE F 10 -14.71 42.78 -1.94
C ILE F 10 -14.10 42.56 -3.32
N GLU F 11 -14.05 43.63 -4.11
CA GLU F 11 -13.68 43.55 -5.53
C GLU F 11 -12.28 42.98 -5.74
N ASN F 12 -11.32 43.45 -4.93
CA ASN F 12 -9.93 43.04 -5.07
C ASN F 12 -9.09 43.47 -3.86
N GLY F 13 -7.89 42.88 -3.75
CA GLY F 13 -6.96 43.23 -2.69
C GLY F 13 -6.17 44.48 -3.00
N TRP F 14 -5.35 44.93 -2.04
CA TRP F 14 -4.52 46.11 -2.21
C TRP F 14 -3.04 45.73 -2.20
N GLU F 15 -2.34 46.00 -3.31
CA GLU F 15 -0.90 45.78 -3.40
C GLU F 15 -0.14 46.78 -2.54
N GLY F 16 -0.73 47.96 -2.34
CA GLY F 16 -0.14 48.99 -1.49
C GLY F 16 -0.06 48.61 -0.02
N MET F 17 -0.98 47.76 0.43
CA MET F 17 -0.98 47.29 1.83
C MET F 17 0.17 46.31 2.05
N VAL F 18 1.23 46.79 2.70
CA VAL F 18 2.44 45.99 2.94
C VAL F 18 2.75 45.82 4.44
N ASP F 19 1.85 46.28 5.30
CA ASP F 19 2.04 46.18 6.75
C ASP F 19 1.11 45.13 7.39
N GLY F 20 0.48 44.30 6.55
CA GLY F 20 -0.40 43.25 7.04
C GLY F 20 -1.19 42.58 5.93
N TRP F 21 -2.08 41.66 6.32
CA TRP F 21 -2.85 40.87 5.37
C TRP F 21 -4.25 41.46 5.15
N TYR F 22 -4.93 41.81 6.23
CA TYR F 22 -6.22 42.49 6.15
C TYR F 22 -6.06 43.92 6.66
N GLY F 23 -7.01 44.79 6.35
CA GLY F 23 -6.93 46.17 6.83
C GLY F 23 -8.07 47.09 6.46
N PHE F 24 -7.95 48.34 6.90
CA PHE F 24 -8.95 49.36 6.65
C PHE F 24 -8.38 50.47 5.76
N ARG F 25 -9.19 50.93 4.82
CA ARG F 25 -8.94 52.18 4.11
C ARG F 25 -10.10 53.11 4.42
N TYR F 26 -9.81 54.38 4.69
CA TYR F 26 -10.83 55.31 5.13
C TYR F 26 -10.68 56.71 4.57
N GLN F 27 -11.81 57.41 4.45
CA GLN F 27 -11.85 58.81 4.11
C GLN F 27 -12.57 59.56 5.23
N ASN F 28 -12.06 60.73 5.58
CA ASN F 28 -12.64 61.54 6.66
C ASN F 28 -12.24 63.01 6.57
N SER F 29 -12.62 63.79 7.58
CA SER F 29 -12.32 65.23 7.63
C SER F 29 -10.82 65.54 7.54
N GLU F 30 -9.98 64.68 8.11
CA GLU F 30 -8.53 64.90 8.12
C GLU F 30 -7.82 64.36 6.87
N GLY F 31 -8.57 63.74 5.95
CA GLY F 31 -8.02 63.28 4.67
C GLY F 31 -8.39 61.85 4.36
N THR F 32 -7.45 61.09 3.81
CA THR F 32 -7.63 59.68 3.53
C THR F 32 -6.39 58.90 3.99
N GLY F 33 -6.59 57.66 4.43
CA GLY F 33 -5.50 56.85 4.96
C GLY F 33 -5.68 55.35 4.78
N GLN F 34 -4.63 54.61 5.14
CA GLN F 34 -4.65 53.15 5.08
C GLN F 34 -3.94 52.59 6.31
N ALA F 35 -4.41 51.44 6.79
CA ALA F 35 -3.79 50.76 7.92
C ALA F 35 -4.18 49.29 7.92
N ALA F 36 -3.21 48.43 8.23
CA ALA F 36 -3.44 46.99 8.27
C ALA F 36 -3.80 46.53 9.70
N ASP F 37 -4.78 45.64 9.81
CA ASP F 37 -5.18 45.10 11.10
C ASP F 37 -4.19 44.01 11.49
N LEU F 38 -3.85 43.96 12.79
CA LEU F 38 -2.87 43.00 13.29
C LEU F 38 -3.51 41.72 13.84
N LYS F 39 -4.69 41.84 14.44
CA LYS F 39 -5.35 40.68 15.05
C LYS F 39 -5.82 39.66 14.01
N SER F 40 -6.67 40.09 13.09
CA SER F 40 -7.18 39.20 12.03
C SER F 40 -6.06 38.70 11.10
N THR F 41 -5.03 39.53 10.91
CA THR F 41 -3.80 39.11 10.21
C THR F 41 -3.10 37.97 10.94
N GLN F 42 -2.99 38.11 12.27
CA GLN F 42 -2.29 37.12 13.09
C GLN F 42 -3.01 35.75 13.09
N ALA F 43 -4.33 35.78 13.20
CA ALA F 43 -5.14 34.55 13.22
C ALA F 43 -4.90 33.68 12.00
N ALA F 44 -4.96 34.30 10.82
CA ALA F 44 -4.75 33.59 9.56
C ALA F 44 -3.35 33.01 9.45
N ILE F 45 -2.35 33.76 9.92
CA ILE F 45 -0.95 33.32 9.88
C ILE F 45 -0.69 32.21 10.90
N ASP F 46 -1.47 32.19 11.99
CA ASP F 46 -1.36 31.12 12.98
C ASP F 46 -1.93 29.79 12.48
N GLN F 47 -3.07 29.85 11.79
CA GLN F 47 -3.67 28.65 11.21
C GLN F 47 -2.84 28.06 10.07
N ILE F 48 -2.19 28.92 9.30
CA ILE F 48 -1.31 28.47 8.22
C ILE F 48 -0.03 27.86 8.78
N ASN F 49 0.57 28.53 9.76
CA ASN F 49 1.74 27.98 10.46
C ASN F 49 1.41 26.70 11.22
N GLY F 50 0.16 26.58 11.67
CA GLY F 50 -0.33 25.36 12.29
C GLY F 50 -0.31 24.17 11.34
N LYS F 51 -0.82 24.38 10.12
CA LYS F 51 -0.76 23.35 9.07
C LYS F 51 0.67 23.00 8.71
N LEU F 52 1.49 24.04 8.55
CA LEU F 52 2.85 23.89 8.04
C LEU F 52 3.76 23.13 9.01
N ASN F 53 3.43 23.15 10.30
CA ASN F 53 4.15 22.37 11.30
C ASN F 53 3.72 20.89 11.34
N ARG F 54 2.45 20.64 11.02
CA ARG F 54 1.90 19.28 10.99
C ARG F 54 2.49 18.44 9.85
N VAL F 55 2.55 19.04 8.67
CA VAL F 55 3.03 18.35 7.46
C VAL F 55 4.56 18.23 7.46
N ILE F 56 5.24 19.27 7.94
CA ILE F 56 6.70 19.33 7.91
C ILE F 56 7.32 18.68 9.15
N GLU F 57 8.52 18.11 8.96
CA GLU F 57 9.35 17.56 10.04
C GLU F 57 8.76 16.33 10.76
N ARG F 58 7.99 15.52 10.03
CA ARG F 58 7.70 14.15 10.47
C ARG F 58 8.10 13.17 9.36
N THR F 59 9.36 13.27 8.95
CA THR F 59 9.92 12.34 7.97
C THR F 59 10.42 11.11 8.72
N ASN F 60 9.95 9.94 8.30
CA ASN F 60 10.26 8.69 8.99
C ASN F 60 11.67 8.20 8.68
N GLU F 61 12.23 7.41 9.60
CA GLU F 61 13.57 6.86 9.45
C GLU F 61 13.50 5.42 8.95
N LYS F 62 14.06 5.18 7.76
CA LYS F 62 14.07 3.85 7.15
C LYS F 62 15.51 3.44 6.84
N PHE F 63 15.83 2.17 7.07
CA PHE F 63 17.20 1.66 6.91
C PHE F 63 17.31 0.67 5.74
N HIS F 64 17.34 -0.63 6.03
CA HIS F 64 17.53 -1.64 5.00
C HIS F 64 16.19 -2.11 4.45
N GLN F 65 16.07 -2.11 3.13
CA GLN F 65 14.82 -2.45 2.46
C GLN F 65 15.10 -3.45 1.32
N ILE F 66 14.07 -3.78 0.55
CA ILE F 66 14.23 -4.64 -0.62
C ILE F 66 14.92 -3.90 -1.77
N GLU F 67 15.48 -4.66 -2.70
CA GLU F 67 16.07 -4.09 -3.91
C GLU F 67 14.97 -3.61 -4.84
N LYS F 68 15.17 -2.44 -5.45
CA LYS F 68 14.17 -1.83 -6.34
C LYS F 68 14.68 -1.64 -7.78
N GLU F 69 15.89 -2.13 -8.06
CA GLU F 69 16.48 -2.08 -9.39
C GLU F 69 17.28 -3.35 -9.65
N PHE F 70 17.10 -3.95 -10.81
CA PHE F 70 17.65 -5.27 -11.11
C PHE F 70 18.39 -5.31 -12.44
N SER F 71 19.49 -6.06 -12.49
CA SER F 71 20.28 -6.21 -13.71
C SER F 71 19.77 -7.37 -14.56
N GLU F 72 19.63 -8.54 -13.94
CA GLU F 72 19.13 -9.73 -14.63
C GLU F 72 17.63 -9.87 -14.44
N VAL F 73 16.99 -10.64 -15.30
CA VAL F 73 15.55 -10.89 -15.23
C VAL F 73 15.33 -12.22 -14.52
N GLU F 74 14.57 -12.19 -13.43
CA GLU F 74 14.39 -13.36 -12.56
C GLU F 74 12.96 -13.93 -12.58
N GLY F 75 12.02 -13.19 -13.16
CA GLY F 75 10.67 -13.70 -13.37
C GLY F 75 9.70 -13.50 -12.22
N ARG F 76 9.41 -14.58 -11.49
CA ARG F 76 8.32 -14.60 -10.52
C ARG F 76 8.46 -13.57 -9.41
N ILE F 77 9.45 -13.74 -8.55
CA ILE F 77 9.57 -12.93 -7.32
C ILE F 77 10.08 -11.51 -7.57
N GLN F 78 10.82 -11.32 -8.67
CA GLN F 78 11.28 -9.97 -9.05
C GLN F 78 10.11 -9.07 -9.41
N ASP F 79 9.15 -9.63 -10.15
CA ASP F 79 7.93 -8.90 -10.52
C ASP F 79 7.15 -8.44 -9.29
N LEU F 80 7.15 -9.27 -8.25
CA LEU F 80 6.50 -8.94 -6.98
C LEU F 80 7.21 -7.79 -6.26
N GLU F 81 8.54 -7.82 -6.26
CA GLU F 81 9.34 -6.75 -5.64
C GLU F 81 9.11 -5.41 -6.33
N LYS F 82 9.01 -5.42 -7.66
CA LYS F 82 8.64 -4.23 -8.42
C LYS F 82 7.20 -3.82 -8.15
N TYR F 83 6.30 -4.81 -8.08
CA TYR F 83 4.87 -4.56 -7.87
C TYR F 83 4.58 -3.92 -6.51
N VAL F 84 5.22 -4.43 -5.46
CA VAL F 84 5.06 -3.86 -4.11
C VAL F 84 5.55 -2.41 -4.09
N GLU F 85 6.72 -2.17 -4.67
CA GLU F 85 7.28 -0.82 -4.77
C GLU F 85 6.39 0.08 -5.64
N ASP F 86 5.82 -0.49 -6.70
CA ASP F 86 4.89 0.22 -7.56
C ASP F 86 3.62 0.60 -6.79
N THR F 87 3.10 -0.34 -6.00
CA THR F 87 1.91 -0.10 -5.19
C THR F 87 2.15 0.99 -4.13
N LYS F 88 3.34 0.98 -3.53
CA LYS F 88 3.72 1.97 -2.53
C LYS F 88 3.78 3.39 -3.11
N ILE F 89 4.42 3.51 -4.28
CA ILE F 89 4.60 4.82 -4.92
C ILE F 89 3.27 5.44 -5.36
N ASP F 90 2.35 4.61 -5.86
CA ASP F 90 1.04 5.09 -6.29
C ASP F 90 0.19 5.59 -5.12
N LEU F 91 0.13 4.81 -4.05
CA LEU F 91 -0.71 5.15 -2.89
C LEU F 91 -0.21 6.39 -2.16
N TRP F 92 1.10 6.51 -1.97
CA TRP F 92 1.67 7.71 -1.36
C TRP F 92 1.50 8.94 -2.25
N SER F 93 1.65 8.74 -3.56
CA SER F 93 1.46 9.82 -4.54
C SER F 93 0.02 10.33 -4.50
N TYR F 94 -0.94 9.41 -4.44
CA TYR F 94 -2.34 9.79 -4.28
C TYR F 94 -2.53 10.60 -3.00
N ASN F 95 -2.07 10.05 -1.88
CA ASN F 95 -2.16 10.71 -0.57
C ASN F 95 -1.59 12.12 -0.60
N ALA F 96 -0.42 12.27 -1.21
CA ALA F 96 0.23 13.58 -1.35
C ALA F 96 -0.66 14.54 -2.12
N GLU F 97 -1.25 14.07 -3.22
CA GLU F 97 -2.12 14.91 -4.04
C GLU F 97 -3.40 15.28 -3.29
N LEU F 98 -3.97 14.32 -2.57
CA LEU F 98 -5.21 14.56 -1.80
C LEU F 98 -4.96 15.52 -0.64
N LEU F 99 -3.85 15.32 0.07
CA LEU F 99 -3.46 16.22 1.14
C LEU F 99 -3.37 17.65 0.62
N VAL F 100 -2.48 17.86 -0.34
CA VAL F 100 -2.25 19.18 -0.94
C VAL F 100 -3.58 19.84 -1.37
N ALA F 101 -4.49 19.03 -1.91
CA ALA F 101 -5.79 19.52 -2.35
C ALA F 101 -6.64 20.01 -1.18
N LEU F 102 -6.79 19.17 -0.17
CA LEU F 102 -7.62 19.51 1.00
C LEU F 102 -7.05 20.69 1.78
N GLU F 103 -5.72 20.74 1.92
CA GLU F 103 -5.07 21.84 2.63
C GLU F 103 -5.28 23.16 1.91
N ASN F 104 -5.05 23.17 0.60
CA ASN F 104 -5.21 24.38 -0.21
C ASN F 104 -6.65 24.88 -0.26
N GLN F 105 -7.60 23.96 -0.39
CA GLN F 105 -9.02 24.30 -0.41
C GLN F 105 -9.47 24.85 0.95
N HIS F 106 -8.85 24.34 2.02
CA HIS F 106 -9.11 24.86 3.37
C HIS F 106 -8.35 26.16 3.63
N THR F 107 -7.18 26.32 3.01
CA THR F 107 -6.38 27.53 3.14
C THR F 107 -7.10 28.75 2.56
N ILE F 108 -7.73 28.59 1.40
CA ILE F 108 -8.51 29.69 0.81
C ILE F 108 -9.75 29.99 1.64
N ASP F 109 -10.37 28.98 2.23
CA ASP F 109 -11.58 29.16 3.04
C ASP F 109 -11.34 29.90 4.37
N LEU F 110 -10.25 29.59 5.07
CA LEU F 110 -9.98 30.23 6.36
C LEU F 110 -9.47 31.65 6.18
N THR F 111 -8.72 31.91 5.11
CA THR F 111 -8.31 33.27 4.78
C THR F 111 -9.51 34.12 4.32
N ASP F 112 -10.47 33.46 3.67
CA ASP F 112 -11.70 34.10 3.24
C ASP F 112 -12.59 34.42 4.44
N ALA F 113 -12.76 33.43 5.32
CA ALA F 113 -13.56 33.60 6.54
C ALA F 113 -13.06 34.74 7.42
N GLU F 114 -11.74 34.86 7.55
CA GLU F 114 -11.13 35.88 8.40
C GLU F 114 -11.50 37.27 7.94
N MET F 115 -11.40 37.50 6.63
CA MET F 115 -11.83 38.76 6.02
C MET F 115 -13.28 39.03 6.43
N ASN F 116 -14.15 38.02 6.25
CA ASN F 116 -15.56 38.15 6.58
C ASN F 116 -15.81 38.42 8.07
N LYS F 117 -15.01 37.79 8.93
CA LYS F 117 -15.11 38.00 10.38
C LYS F 117 -14.72 39.42 10.79
N LEU F 118 -13.67 39.94 10.16
CA LEU F 118 -13.23 41.32 10.40
C LEU F 118 -14.30 42.33 9.97
N PHE F 119 -15.07 41.97 8.95
CA PHE F 119 -16.16 42.83 8.48
C PHE F 119 -17.30 42.89 9.49
N GLU F 120 -17.83 41.72 9.87
CA GLU F 120 -18.90 41.65 10.87
C GLU F 120 -18.47 42.21 12.23
N LYS F 121 -17.18 42.09 12.54
CA LYS F 121 -16.59 42.71 13.73
C LYS F 121 -16.76 44.24 13.71
N THR F 122 -16.55 44.83 12.53
CA THR F 122 -16.69 46.29 12.36
C THR F 122 -18.15 46.74 12.41
N ARG F 123 -19.03 46.00 11.74
CA ARG F 123 -20.47 46.29 11.77
C ARG F 123 -20.99 46.34 13.20
N ARG F 124 -20.60 45.34 13.99
CA ARG F 124 -21.00 45.21 15.38
C ARG F 124 -20.60 46.43 16.21
N GLN F 125 -19.40 46.94 15.98
CA GLN F 125 -18.94 48.18 16.63
C GLN F 125 -19.82 49.37 16.27
N LEU F 126 -20.17 49.50 14.99
CA LEU F 126 -20.82 50.68 14.47
C LEU F 126 -22.31 50.79 14.81
N ARG F 127 -22.93 49.68 15.23
CA ARG F 127 -24.32 49.68 15.69
C ARG F 127 -25.23 50.37 14.65
N GLU F 128 -25.89 51.47 15.02
CA GLU F 128 -26.77 52.22 14.10
C GLU F 128 -26.14 53.56 13.72
N ASN F 129 -24.81 53.59 13.63
CA ASN F 129 -24.10 54.81 13.23
C ASN F 129 -23.54 54.72 11.79
N ALA F 130 -23.79 53.61 11.11
CA ALA F 130 -23.25 53.41 9.76
C ALA F 130 -24.02 52.37 8.96
N GLU F 131 -24.20 52.66 7.67
CA GLU F 131 -24.91 51.79 6.73
C GLU F 131 -23.92 51.07 5.80
N ASP F 132 -24.36 49.97 5.20
CA ASP F 132 -23.51 49.14 4.35
C ASP F 132 -23.57 49.63 2.91
N MET F 133 -22.60 50.48 2.53
CA MET F 133 -22.53 51.04 1.17
C MET F 133 -22.51 49.95 0.10
N GLY F 134 -21.65 48.96 0.32
CA GLY F 134 -21.38 47.91 -0.67
C GLY F 134 -19.90 47.87 -0.95
N GLY F 135 -19.43 46.73 -1.44
CA GLY F 135 -18.01 46.53 -1.70
C GLY F 135 -17.22 46.45 -0.41
N GLY F 136 -17.87 45.96 0.65
CA GLY F 136 -17.28 45.90 1.99
C GLY F 136 -16.93 47.25 2.58
N CYS F 137 -17.70 48.27 2.23
CA CYS F 137 -17.45 49.64 2.68
C CYS F 137 -18.60 50.14 3.55
N PHE F 138 -18.27 51.02 4.49
CA PHE F 138 -19.23 51.54 5.45
C PHE F 138 -19.33 53.06 5.31
N LYS F 139 -20.56 53.57 5.27
CA LYS F 139 -20.80 55.00 5.33
C LYS F 139 -21.08 55.39 6.77
N ILE F 140 -20.12 56.05 7.40
CA ILE F 140 -20.27 56.54 8.77
C ILE F 140 -20.93 57.91 8.66
N TYR F 141 -22.02 58.11 9.40
CA TYR F 141 -22.85 59.32 9.25
C TYR F 141 -22.53 60.44 10.26
N HIS F 142 -21.28 60.49 10.74
CA HIS F 142 -20.82 61.55 11.62
C HIS F 142 -19.36 61.86 11.36
N LYS F 143 -18.90 63.03 11.79
CA LYS F 143 -17.50 63.42 11.62
C LYS F 143 -16.59 62.46 12.40
N CYS F 144 -15.59 61.92 11.71
CA CYS F 144 -14.76 60.85 12.26
C CYS F 144 -13.28 61.06 11.92
N ASP F 145 -12.64 61.97 12.66
CA ASP F 145 -11.21 62.24 12.52
C ASP F 145 -10.37 61.00 12.84
N ASN F 146 -9.05 61.11 12.66
CA ASN F 146 -8.15 59.96 12.88
C ASN F 146 -8.24 59.32 14.28
N ALA F 147 -8.64 60.10 15.28
CA ALA F 147 -8.88 59.56 16.62
C ALA F 147 -10.10 58.63 16.63
N CYS F 148 -11.18 59.06 15.99
CA CYS F 148 -12.38 58.24 15.84
C CYS F 148 -12.09 56.93 15.09
N ILE F 149 -11.19 56.99 14.11
CA ILE F 149 -10.77 55.80 13.36
C ILE F 149 -9.86 54.91 14.20
N GLY F 150 -8.89 55.54 14.87
CA GLY F 150 -7.98 54.83 15.76
C GLY F 150 -8.69 54.01 16.82
N SER F 151 -9.81 54.53 17.32
CA SER F 151 -10.64 53.81 18.29
C SER F 151 -11.31 52.59 17.66
N ILE F 152 -11.82 52.76 16.44
CA ILE F 152 -12.46 51.67 15.70
C ILE F 152 -11.44 50.56 15.41
N ARG F 153 -10.24 50.95 15.02
CA ARG F 153 -9.15 50.01 14.74
C ARG F 153 -8.78 49.15 15.95
N ASN F 154 -8.74 49.78 17.11
CA ASN F 154 -8.35 49.09 18.35
C ASN F 154 -9.53 48.45 19.07
N GLY F 155 -10.74 48.59 18.52
CA GLY F 155 -11.93 47.96 19.08
C GLY F 155 -12.44 48.65 20.33
N THR F 156 -12.43 49.98 20.31
CA THR F 156 -12.91 50.79 21.43
C THR F 156 -13.73 51.99 20.93
N TYR F 157 -14.54 51.76 19.90
CA TYR F 157 -15.43 52.79 19.35
C TYR F 157 -16.76 52.73 20.12
N ASP F 158 -17.16 53.87 20.68
CA ASP F 158 -18.40 53.94 21.48
C ASP F 158 -19.49 54.64 20.66
N HIS F 159 -20.43 53.85 20.17
CA HIS F 159 -21.50 54.34 19.28
C HIS F 159 -22.42 55.37 19.95
N TYR F 160 -22.59 55.31 21.27
CA TYR F 160 -23.43 56.26 21.99
C TYR F 160 -22.94 57.70 21.86
N ILE F 161 -21.62 57.88 21.77
CA ILE F 161 -21.04 59.22 21.67
C ILE F 161 -21.48 59.93 20.40
N TYR F 162 -21.51 59.19 19.29
CA TYR F 162 -21.84 59.76 17.98
C TYR F 162 -23.24 59.39 17.48
N ARG F 163 -24.08 58.79 18.32
CA ARG F 163 -25.40 58.32 17.90
C ARG F 163 -26.30 59.47 17.45
N ASP F 164 -26.50 60.44 18.35
CA ASP F 164 -27.43 61.55 18.08
C ASP F 164 -27.10 62.35 16.82
N GLU F 165 -25.80 62.45 16.49
CA GLU F 165 -25.36 63.11 15.26
C GLU F 165 -25.65 62.22 14.04
N ALA F 166 -25.21 60.97 14.13
CA ALA F 166 -25.35 60.01 13.04
C ALA F 166 -26.82 59.68 12.76
N LEU F 167 -27.55 59.35 13.82
CA LEU F 167 -28.96 58.94 13.71
C LEU F 167 -29.81 60.04 13.08
N ASN F 168 -29.42 61.30 13.26
CA ASN F 168 -30.11 62.43 12.65
C ASN F 168 -29.73 62.60 11.16
N ASN F 169 -28.46 62.39 10.84
CA ASN F 169 -27.98 62.45 9.46
C ASN F 169 -28.54 61.34 8.57
N ARG F 170 -28.82 60.18 9.18
CA ARG F 170 -29.40 59.05 8.46
C ARG F 170 -30.88 59.23 8.15
N PHE F 171 -31.60 59.97 9.01
CA PHE F 171 -33.05 60.12 8.89
C PHE F 171 -33.47 61.59 8.89
N GLN F 172 -33.31 62.28 7.76
CA GLN F 172 -33.82 63.64 7.62
C GLN F 172 -33.93 64.06 6.14
#